data_1VCS
#
_entry.id   1VCS
#
_entity_poly.entity_id   1
_entity_poly.type   'polypeptide(L)'
_entity_poly.pdbx_seq_one_letter_code
;GSSGSSGEGYEQDFAVLTAEITSKIARVPRLPPDEKKQMVANVEKQLEEARELLEQMDLEVREIPPQSRGMYSNRMRSYK
QEMGKLETDFKRSRIASGPSSG
;
_entity_poly.pdbx_strand_id   A
#
# COMPACT_ATOMS: atom_id res chain seq x y z
N GLY A 1 28.20 8.76 23.68
CA GLY A 1 27.19 7.95 23.02
C GLY A 1 25.86 8.69 22.93
N SER A 2 25.08 8.34 21.92
CA SER A 2 23.79 8.98 21.72
C SER A 2 23.10 8.36 20.49
N SER A 3 22.34 7.30 20.75
CA SER A 3 21.63 6.63 19.68
C SER A 3 20.47 5.81 20.26
N GLY A 4 19.43 5.65 19.45
CA GLY A 4 18.26 4.90 19.87
C GLY A 4 17.11 5.07 18.87
N SER A 5 16.13 4.19 18.99
CA SER A 5 14.97 4.23 18.11
C SER A 5 13.83 3.43 18.72
N SER A 6 12.67 4.08 18.81
CA SER A 6 11.49 3.43 19.37
C SER A 6 10.24 4.16 18.91
N GLY A 7 9.65 3.66 17.83
CA GLY A 7 8.45 4.26 17.28
C GLY A 7 7.45 3.18 16.84
N GLU A 8 6.30 3.20 17.50
CA GLU A 8 5.25 2.23 17.20
C GLU A 8 4.23 2.83 16.24
N GLY A 9 3.46 1.96 15.61
CA GLY A 9 2.44 2.39 14.67
C GLY A 9 2.51 1.58 13.37
N TYR A 10 1.34 1.33 12.80
CA TYR A 10 1.26 0.57 11.57
C TYR A 10 0.47 1.34 10.51
N GLU A 11 -0.81 1.58 10.81
CA GLU A 11 -1.67 2.30 9.90
C GLU A 11 -0.93 3.47 9.27
N GLN A 12 -0.41 4.33 10.13
CA GLN A 12 0.33 5.50 9.67
C GLN A 12 1.25 5.13 8.51
N ASP A 13 2.23 4.29 8.82
CA ASP A 13 3.18 3.85 7.82
C ASP A 13 2.43 3.39 6.58
N PHE A 14 1.70 2.29 6.73
CA PHE A 14 0.93 1.73 5.63
C PHE A 14 0.24 2.85 4.83
N ALA A 15 -0.57 3.63 5.54
CA ALA A 15 -1.29 4.73 4.92
C ALA A 15 -0.35 5.49 4.00
N VAL A 16 0.79 5.89 4.56
CA VAL A 16 1.79 6.63 3.80
C VAL A 16 2.19 5.81 2.58
N LEU A 17 2.45 4.53 2.81
CA LEU A 17 2.84 3.64 1.74
C LEU A 17 1.77 3.64 0.65
N THR A 18 0.62 3.07 1.00
CA THR A 18 -0.49 2.99 0.08
C THR A 18 -0.59 4.28 -0.75
N ALA A 19 -0.53 5.40 -0.04
CA ALA A 19 -0.61 6.70 -0.69
C ALA A 19 0.55 6.84 -1.67
N GLU A 20 1.75 6.91 -1.12
CA GLU A 20 2.94 7.04 -1.93
C GLU A 20 2.90 6.07 -3.11
N ILE A 21 2.33 4.91 -2.85
CA ILE A 21 2.21 3.88 -3.88
C ILE A 21 1.18 4.32 -4.93
N THR A 22 -0.06 4.46 -4.47
CA THR A 22 -1.14 4.87 -5.34
C THR A 22 -0.65 5.95 -6.31
N SER A 23 -0.02 6.97 -5.74
CA SER A 23 0.50 8.07 -6.53
C SER A 23 1.44 7.54 -7.62
N LYS A 24 2.45 6.80 -7.17
CA LYS A 24 3.42 6.23 -8.08
C LYS A 24 2.70 5.39 -9.13
N ILE A 25 1.64 4.74 -8.69
CA ILE A 25 0.86 3.89 -9.58
C ILE A 25 0.22 4.77 -10.68
N ALA A 26 -0.14 5.98 -10.29
CA ALA A 26 -0.74 6.91 -11.22
C ALA A 26 0.35 7.57 -12.07
N ARG A 27 1.59 7.37 -11.63
CA ARG A 27 2.72 7.93 -12.34
C ARG A 27 3.33 6.89 -13.29
N VAL A 28 3.02 5.64 -13.00
CA VAL A 28 3.53 4.54 -13.82
C VAL A 28 3.20 4.82 -15.29
N PRO A 29 1.91 5.14 -15.55
CA PRO A 29 1.46 5.43 -16.90
C PRO A 29 1.92 6.81 -17.34
N ARG A 30 2.66 7.47 -16.45
CA ARG A 30 3.17 8.80 -16.74
C ARG A 30 4.68 8.84 -16.55
N LEU A 31 5.27 7.66 -16.52
CA LEU A 31 6.71 7.54 -16.35
C LEU A 31 7.33 6.89 -17.59
N PRO A 32 8.65 7.15 -17.79
CA PRO A 32 9.35 6.60 -18.93
C PRO A 32 9.64 5.11 -18.73
N PRO A 33 10.10 4.46 -19.84
CA PRO A 33 10.41 3.05 -19.80
C PRO A 33 11.73 2.80 -19.06
N ASP A 34 12.33 3.89 -18.60
CA ASP A 34 13.59 3.81 -17.87
C ASP A 34 13.32 3.90 -16.38
N GLU A 35 12.28 4.65 -16.04
CA GLU A 35 11.91 4.83 -14.64
C GLU A 35 10.68 3.99 -14.31
N LYS A 36 9.93 3.65 -15.35
CA LYS A 36 8.73 2.86 -15.18
C LYS A 36 9.12 1.44 -14.74
N LYS A 37 9.92 0.79 -15.58
CA LYS A 37 10.37 -0.55 -15.29
C LYS A 37 10.68 -0.67 -13.79
N GLN A 38 11.53 0.22 -13.32
CA GLN A 38 11.91 0.23 -11.92
C GLN A 38 10.70 0.58 -11.04
N MET A 39 9.99 1.61 -11.44
CA MET A 39 8.82 2.05 -10.71
C MET A 39 7.83 0.90 -10.52
N VAL A 40 7.52 0.25 -11.62
CA VAL A 40 6.59 -0.87 -11.60
C VAL A 40 7.08 -1.92 -10.60
N ALA A 41 8.37 -1.84 -10.30
CA ALA A 41 8.99 -2.77 -9.36
C ALA A 41 9.03 -2.13 -7.98
N ASN A 42 9.32 -0.84 -7.96
CA ASN A 42 9.38 -0.11 -6.70
C ASN A 42 8.05 -0.23 -5.97
N VAL A 43 6.98 -0.29 -6.75
CA VAL A 43 5.65 -0.41 -6.20
C VAL A 43 5.43 -1.84 -5.70
N GLU A 44 6.07 -2.77 -6.39
CA GLU A 44 5.95 -4.17 -6.04
C GLU A 44 6.50 -4.42 -4.63
N LYS A 45 7.50 -3.63 -4.28
CA LYS A 45 8.12 -3.75 -2.97
C LYS A 45 7.24 -3.06 -1.93
N GLN A 46 7.03 -1.76 -2.14
CA GLN A 46 6.20 -0.98 -1.23
C GLN A 46 4.86 -1.66 -1.01
N LEU A 47 4.44 -2.41 -2.02
CA LEU A 47 3.17 -3.12 -1.95
C LEU A 47 3.30 -4.28 -0.97
N GLU A 48 4.16 -5.22 -1.31
CA GLU A 48 4.39 -6.39 -0.47
C GLU A 48 4.75 -5.94 0.96
N GLU A 49 5.45 -4.83 1.04
CA GLU A 49 5.86 -4.30 2.33
C GLU A 49 4.63 -3.88 3.14
N ALA A 50 3.58 -3.53 2.42
CA ALA A 50 2.34 -3.11 3.07
C ALA A 50 1.42 -4.32 3.25
N ARG A 51 1.63 -5.31 2.39
CA ARG A 51 0.84 -6.53 2.43
C ARG A 51 0.97 -7.18 3.82
N GLU A 52 2.19 -7.23 4.30
CA GLU A 52 2.45 -7.82 5.60
C GLU A 52 1.75 -7.04 6.70
N LEU A 53 1.70 -5.72 6.50
CA LEU A 53 1.07 -4.85 7.47
C LEU A 53 -0.37 -5.32 7.73
N LEU A 54 -1.15 -5.31 6.66
CA LEU A 54 -2.54 -5.74 6.75
C LEU A 54 -2.61 -7.07 7.51
N GLU A 55 -1.57 -7.86 7.35
CA GLU A 55 -1.50 -9.14 8.01
C GLU A 55 -1.23 -8.97 9.50
N GLN A 56 -0.25 -8.11 9.79
CA GLN A 56 0.12 -7.84 11.17
C GLN A 56 -1.00 -7.07 11.88
N MET A 57 -1.52 -6.06 11.17
CA MET A 57 -2.59 -5.25 11.72
C MET A 57 -3.82 -6.09 12.04
N ASP A 58 -4.11 -7.03 11.15
CA ASP A 58 -5.25 -7.90 11.32
C ASP A 58 -4.91 -8.98 12.36
N LEU A 59 -3.66 -9.40 12.34
CA LEU A 59 -3.19 -10.41 13.27
C LEU A 59 -3.03 -9.78 14.66
N GLU A 60 -3.26 -8.48 14.72
CA GLU A 60 -3.15 -7.75 15.97
C GLU A 60 -4.53 -7.30 16.45
N VAL A 61 -5.24 -6.64 15.56
CA VAL A 61 -6.57 -6.14 15.87
C VAL A 61 -7.39 -7.27 16.52
N ARG A 62 -6.98 -8.50 16.22
CA ARG A 62 -7.66 -9.66 16.77
C ARG A 62 -7.57 -9.67 18.29
N GLU A 63 -6.34 -9.54 18.78
CA GLU A 63 -6.09 -9.52 20.21
C GLU A 63 -6.69 -8.27 20.84
N ILE A 64 -6.68 -7.20 20.06
CA ILE A 64 -7.22 -5.93 20.52
C ILE A 64 -8.61 -6.15 21.11
N PRO A 65 -8.89 -5.40 22.21
CA PRO A 65 -10.18 -5.51 22.88
C PRO A 65 -11.27 -4.81 22.08
N PRO A 66 -12.55 -5.11 22.44
CA PRO A 66 -13.68 -4.52 21.75
C PRO A 66 -13.88 -3.07 22.20
N GLN A 67 -12.99 -2.62 23.07
CA GLN A 67 -13.06 -1.26 23.57
C GLN A 67 -12.05 -0.37 22.84
N SER A 68 -11.11 -1.03 22.18
CA SER A 68 -10.08 -0.31 21.44
C SER A 68 -10.23 -0.58 19.94
N ARG A 69 -10.58 -1.82 19.64
CA ARG A 69 -10.75 -2.22 18.25
C ARG A 69 -11.43 -1.11 17.45
N GLY A 70 -12.25 -0.33 18.16
CA GLY A 70 -12.97 0.75 17.54
C GLY A 70 -12.11 1.44 16.48
N MET A 71 -12.77 1.91 15.43
CA MET A 71 -12.08 2.59 14.34
C MET A 71 -11.22 1.61 13.55
N TYR A 72 -10.29 0.98 14.26
CA TYR A 72 -9.39 0.02 13.63
C TYR A 72 -10.16 -0.90 12.67
N SER A 73 -11.31 -1.34 13.13
CA SER A 73 -12.15 -2.22 12.33
C SER A 73 -12.62 -1.49 11.07
N ASN A 74 -13.41 -0.46 11.27
CA ASN A 74 -13.93 0.33 10.17
C ASN A 74 -12.81 0.60 9.17
N ARG A 75 -11.61 0.79 9.71
CA ARG A 75 -10.45 1.05 8.88
C ARG A 75 -9.99 -0.22 8.18
N MET A 76 -9.80 -1.26 8.98
CA MET A 76 -9.36 -2.54 8.46
C MET A 76 -10.07 -2.86 7.13
N ARG A 77 -11.36 -2.61 7.12
CA ARG A 77 -12.16 -2.86 5.92
C ARG A 77 -11.71 -1.94 4.78
N SER A 78 -11.54 -0.67 5.13
CA SER A 78 -11.11 0.31 4.15
C SER A 78 -9.78 -0.11 3.53
N TYR A 79 -8.77 -0.20 4.39
CA TYR A 79 -7.45 -0.59 3.95
C TYR A 79 -7.51 -1.72 2.93
N LYS A 80 -8.00 -2.86 3.41
CA LYS A 80 -8.12 -4.04 2.55
C LYS A 80 -8.64 -3.61 1.18
N GLN A 81 -9.79 -2.95 1.19
CA GLN A 81 -10.41 -2.48 -0.04
C GLN A 81 -9.36 -1.79 -0.92
N GLU A 82 -8.73 -0.79 -0.36
CA GLU A 82 -7.71 -0.04 -1.08
C GLU A 82 -6.56 -0.97 -1.48
N MET A 83 -5.94 -1.58 -0.48
CA MET A 83 -4.84 -2.49 -0.71
C MET A 83 -5.09 -3.35 -1.96
N GLY A 84 -6.09 -4.22 -1.84
CA GLY A 84 -6.44 -5.10 -2.94
C GLY A 84 -6.55 -4.32 -4.25
N LYS A 85 -7.16 -3.15 -4.16
CA LYS A 85 -7.33 -2.30 -5.33
C LYS A 85 -5.96 -1.87 -5.85
N LEU A 86 -5.10 -1.49 -4.91
CA LEU A 86 -3.77 -1.06 -5.26
C LEU A 86 -3.09 -2.12 -6.13
N GLU A 87 -3.42 -3.37 -5.84
CA GLU A 87 -2.86 -4.49 -6.58
C GLU A 87 -3.43 -4.52 -7.99
N THR A 88 -4.53 -3.80 -8.17
CA THR A 88 -5.20 -3.75 -9.46
C THR A 88 -4.79 -2.48 -10.21
N ASP A 89 -5.13 -1.34 -9.63
CA ASP A 89 -4.81 -0.06 -10.22
C ASP A 89 -3.33 -0.03 -10.60
N PHE A 90 -2.55 -0.83 -9.87
CA PHE A 90 -1.12 -0.90 -10.13
C PHE A 90 -0.84 -1.57 -11.47
N LYS A 91 -1.53 -2.67 -11.72
CA LYS A 91 -1.37 -3.41 -12.95
C LYS A 91 -2.13 -2.69 -14.08
N ARG A 92 -3.15 -1.95 -13.68
CA ARG A 92 -3.96 -1.22 -14.64
C ARG A 92 -3.26 0.10 -15.02
N SER A 93 -2.07 0.27 -14.48
CA SER A 93 -1.30 1.48 -14.75
C SER A 93 -0.06 1.13 -15.58
N ARG A 94 0.52 -0.02 -15.26
CA ARG A 94 1.71 -0.48 -15.97
C ARG A 94 1.34 -1.04 -17.34
N ILE A 95 0.03 -1.23 -17.53
CA ILE A 95 -0.47 -1.76 -18.78
C ILE A 95 -0.71 -0.60 -19.75
N ALA A 96 -0.30 0.58 -19.33
CA ALA A 96 -0.47 1.77 -20.14
C ALA A 96 0.73 1.92 -21.08
N SER A 97 0.43 1.98 -22.37
CA SER A 97 1.47 2.11 -23.38
C SER A 97 1.43 3.51 -23.99
N GLY A 98 1.58 4.50 -23.12
CA GLY A 98 1.57 5.88 -23.55
C GLY A 98 0.48 6.68 -22.82
N PRO A 99 -0.30 7.46 -23.61
CA PRO A 99 -1.38 8.27 -23.05
C PRO A 99 -2.57 7.40 -22.66
N SER A 100 -2.93 6.50 -23.57
CA SER A 100 -4.05 5.61 -23.34
C SER A 100 -5.26 6.40 -22.82
N SER A 101 -6.04 6.91 -23.77
CA SER A 101 -7.21 7.68 -23.42
C SER A 101 -8.40 6.75 -23.16
N GLY A 102 -9.32 7.22 -22.32
CA GLY A 102 -10.49 6.44 -21.98
C GLY A 102 -10.53 6.13 -20.49
N GLY A 1 25.74 12.79 19.86
CA GLY A 1 24.32 13.05 20.02
C GLY A 1 23.61 11.83 20.60
N SER A 2 22.30 11.97 20.74
CA SER A 2 21.48 10.90 21.28
C SER A 2 20.14 10.83 20.54
N SER A 3 19.42 9.74 20.78
CA SER A 3 18.13 9.54 20.15
C SER A 3 17.18 8.85 21.12
N GLY A 4 15.89 8.98 20.83
CA GLY A 4 14.86 8.37 21.66
C GLY A 4 14.11 7.28 20.90
N SER A 5 12.79 7.44 20.83
CA SER A 5 11.95 6.48 20.14
C SER A 5 11.32 7.14 18.91
N SER A 6 10.77 6.29 18.05
CA SER A 6 10.13 6.77 16.83
C SER A 6 8.65 7.06 17.10
N GLY A 7 7.90 5.98 17.26
CA GLY A 7 6.47 6.09 17.52
C GLY A 7 5.75 4.76 17.29
N GLU A 8 4.61 4.62 17.94
CA GLU A 8 3.83 3.41 17.80
C GLU A 8 2.67 3.62 16.84
N GLY A 9 2.48 2.66 15.95
CA GLY A 9 1.40 2.73 14.98
C GLY A 9 1.80 2.04 13.67
N TYR A 10 0.81 1.46 13.01
CA TYR A 10 1.05 0.76 11.76
C TYR A 10 0.29 1.44 10.61
N GLU A 11 -1.01 1.62 10.83
CA GLU A 11 -1.85 2.24 9.83
C GLU A 11 -1.11 3.41 9.17
N GLN A 12 -0.64 4.32 10.00
CA GLN A 12 0.08 5.49 9.51
C GLN A 12 1.05 5.08 8.40
N ASP A 13 2.00 4.23 8.78
CA ASP A 13 3.01 3.76 7.84
C ASP A 13 2.31 3.30 6.55
N PHE A 14 1.49 2.26 6.70
CA PHE A 14 0.76 1.72 5.56
C PHE A 14 0.09 2.84 4.76
N ALA A 15 -0.71 3.61 5.46
CA ALA A 15 -1.42 4.71 4.84
C ALA A 15 -0.45 5.52 3.97
N VAL A 16 0.69 5.86 4.57
CA VAL A 16 1.70 6.62 3.86
C VAL A 16 2.16 5.83 2.63
N LEU A 17 2.28 4.53 2.81
CA LEU A 17 2.70 3.65 1.73
C LEU A 17 1.67 3.73 0.59
N THR A 18 0.50 3.18 0.87
CA THR A 18 -0.57 3.16 -0.12
C THR A 18 -0.60 4.48 -0.89
N ALA A 19 -0.58 5.57 -0.14
CA ALA A 19 -0.61 6.89 -0.74
C ALA A 19 0.58 7.05 -1.67
N GLU A 20 1.76 6.99 -1.08
CA GLU A 20 3.00 7.12 -1.84
C GLU A 20 2.99 6.16 -3.04
N ILE A 21 2.38 5.01 -2.82
CA ILE A 21 2.28 4.00 -3.87
C ILE A 21 1.29 4.46 -4.93
N THR A 22 0.03 4.53 -4.53
CA THR A 22 -1.02 4.96 -5.42
C THR A 22 -0.52 6.09 -6.34
N SER A 23 0.20 7.01 -5.73
CA SER A 23 0.74 8.14 -6.47
C SER A 23 1.71 7.64 -7.55
N LYS A 24 2.65 6.83 -7.11
CA LYS A 24 3.64 6.28 -8.03
C LYS A 24 2.93 5.45 -9.10
N ILE A 25 1.87 4.77 -8.67
CA ILE A 25 1.11 3.94 -9.59
C ILE A 25 0.47 4.82 -10.65
N ALA A 26 0.13 6.04 -10.25
CA ALA A 26 -0.49 6.98 -11.17
C ALA A 26 0.59 7.62 -12.05
N ARG A 27 1.83 7.46 -11.62
CA ARG A 27 2.96 8.00 -12.35
C ARG A 27 3.53 6.96 -13.31
N VAL A 28 3.17 5.70 -13.04
CA VAL A 28 3.63 4.61 -13.87
C VAL A 28 3.34 4.91 -15.34
N PRO A 29 2.05 5.26 -15.60
CA PRO A 29 1.62 5.59 -16.95
C PRO A 29 2.12 6.97 -17.38
N ARG A 30 2.85 7.60 -16.46
CA ARG A 30 3.39 8.92 -16.73
C ARG A 30 4.91 8.92 -16.53
N LEU A 31 5.48 7.73 -16.56
CA LEU A 31 6.91 7.57 -16.38
C LEU A 31 7.51 6.91 -17.62
N PRO A 32 8.83 7.15 -17.83
CA PRO A 32 9.53 6.58 -18.97
C PRO A 32 9.80 5.09 -18.77
N PRO A 33 10.26 4.44 -19.87
CA PRO A 33 10.56 3.01 -19.81
C PRO A 33 11.87 2.76 -19.07
N ASP A 34 12.46 3.84 -18.58
CA ASP A 34 13.71 3.74 -17.85
C ASP A 34 13.42 3.75 -16.36
N GLU A 35 12.45 4.57 -15.97
CA GLU A 35 12.06 4.68 -14.58
C GLU A 35 10.83 3.81 -14.30
N LYS A 36 10.00 3.67 -15.32
CA LYS A 36 8.79 2.88 -15.19
C LYS A 36 9.15 1.45 -14.78
N LYS A 37 9.95 0.81 -15.62
CA LYS A 37 10.38 -0.55 -15.34
C LYS A 37 10.67 -0.70 -13.85
N GLN A 38 11.56 0.16 -13.37
CA GLN A 38 11.93 0.14 -11.96
C GLN A 38 10.74 0.50 -11.09
N MET A 39 10.04 1.54 -11.50
CA MET A 39 8.88 2.01 -10.76
C MET A 39 7.85 0.89 -10.58
N VAL A 40 7.55 0.22 -11.69
CA VAL A 40 6.59 -0.87 -11.67
C VAL A 40 7.11 -1.97 -10.73
N ALA A 41 8.39 -1.88 -10.43
CA ALA A 41 9.02 -2.86 -9.55
C ALA A 41 9.09 -2.29 -8.12
N ASN A 42 9.31 -0.99 -8.05
CA ASN A 42 9.40 -0.32 -6.77
C ASN A 42 8.05 -0.46 -6.04
N VAL A 43 6.99 -0.34 -6.80
CA VAL A 43 5.65 -0.45 -6.24
C VAL A 43 5.41 -1.88 -5.77
N GLU A 44 6.00 -2.81 -6.51
CA GLU A 44 5.86 -4.22 -6.18
C GLU A 44 6.40 -4.50 -4.77
N LYS A 45 7.42 -3.74 -4.40
CA LYS A 45 8.03 -3.88 -3.10
C LYS A 45 7.17 -3.16 -2.04
N GLN A 46 6.98 -1.88 -2.27
CA GLN A 46 6.19 -1.07 -1.37
C GLN A 46 4.82 -1.71 -1.13
N LEU A 47 4.38 -2.45 -2.14
CA LEU A 47 3.09 -3.11 -2.06
C LEU A 47 3.18 -4.29 -1.08
N GLU A 48 4.05 -5.24 -1.42
CA GLU A 48 4.24 -6.41 -0.58
C GLU A 48 4.62 -5.98 0.84
N GLU A 49 5.36 -4.88 0.92
CA GLU A 49 5.79 -4.35 2.20
C GLU A 49 4.59 -3.90 3.02
N ALA A 50 3.52 -3.57 2.32
CA ALA A 50 2.29 -3.12 2.97
C ALA A 50 1.39 -4.32 3.24
N ARG A 51 1.53 -5.33 2.39
CA ARG A 51 0.74 -6.53 2.52
C ARG A 51 0.92 -7.13 3.92
N GLU A 52 2.18 -7.24 4.33
CA GLU A 52 2.50 -7.79 5.63
C GLU A 52 1.82 -6.98 6.73
N LEU A 53 1.81 -5.67 6.53
CA LEU A 53 1.21 -4.77 7.50
C LEU A 53 -0.21 -5.24 7.81
N LEU A 54 -1.04 -5.26 6.78
CA LEU A 54 -2.42 -5.70 6.92
C LEU A 54 -2.46 -6.96 7.79
N GLU A 55 -1.45 -7.80 7.60
CA GLU A 55 -1.36 -9.05 8.35
C GLU A 55 -1.17 -8.75 9.84
N GLN A 56 -0.07 -8.10 10.14
CA GLN A 56 0.25 -7.76 11.52
C GLN A 56 -0.90 -6.95 12.14
N MET A 57 -1.36 -5.96 11.41
CA MET A 57 -2.46 -5.13 11.86
C MET A 57 -3.68 -5.97 12.20
N ASP A 58 -4.03 -6.86 11.28
CA ASP A 58 -5.18 -7.73 11.46
C ASP A 58 -4.87 -8.74 12.58
N LEU A 59 -3.69 -9.33 12.49
CA LEU A 59 -3.26 -10.31 13.48
C LEU A 59 -3.08 -9.61 14.83
N GLU A 60 -3.13 -8.29 14.80
CA GLU A 60 -2.97 -7.50 16.00
C GLU A 60 -4.34 -7.00 16.50
N VAL A 61 -5.12 -6.51 15.56
CA VAL A 61 -6.44 -6.00 15.88
C VAL A 61 -7.21 -7.05 16.68
N ARG A 62 -6.78 -8.30 16.52
CA ARG A 62 -7.42 -9.40 17.23
C ARG A 62 -7.18 -9.28 18.73
N GLU A 63 -5.98 -8.85 19.07
CA GLU A 63 -5.61 -8.69 20.47
C GLU A 63 -6.40 -7.55 21.10
N ILE A 64 -6.90 -6.67 20.24
CA ILE A 64 -7.67 -5.52 20.69
C ILE A 64 -9.02 -6.01 21.23
N PRO A 65 -9.45 -5.36 22.34
CA PRO A 65 -10.72 -5.71 22.97
C PRO A 65 -11.90 -5.19 22.16
N PRO A 66 -13.09 -5.78 22.44
CA PRO A 66 -14.30 -5.38 21.74
C PRO A 66 -14.81 -4.03 22.26
N GLN A 67 -13.98 -3.01 22.07
CA GLN A 67 -14.33 -1.67 22.50
C GLN A 67 -13.30 -0.66 22.01
N SER A 68 -12.04 -1.08 22.07
CA SER A 68 -10.95 -0.22 21.64
C SER A 68 -10.80 -0.29 20.12
N ARG A 69 -11.36 -1.35 19.55
CA ARG A 69 -11.30 -1.54 18.11
C ARG A 69 -12.00 -0.39 17.39
N GLY A 70 -13.32 -0.53 17.28
CA GLY A 70 -14.11 0.50 16.61
C GLY A 70 -13.53 0.84 15.24
N MET A 71 -12.86 1.98 15.20
CA MET A 71 -12.25 2.44 13.96
C MET A 71 -11.41 1.34 13.32
N TYR A 72 -10.41 0.89 14.06
CA TYR A 72 -9.52 -0.16 13.59
C TYR A 72 -10.31 -1.22 12.79
N SER A 73 -11.51 -1.49 13.27
CA SER A 73 -12.37 -2.47 12.62
C SER A 73 -12.80 -1.95 11.24
N ASN A 74 -13.49 -0.82 11.27
CA ASN A 74 -13.97 -0.22 10.03
C ASN A 74 -12.78 0.08 9.12
N ARG A 75 -11.78 0.71 9.70
CA ARG A 75 -10.57 1.06 8.96
C ARG A 75 -10.04 -0.16 8.21
N MET A 76 -9.96 -1.27 8.93
CA MET A 76 -9.47 -2.51 8.35
C MET A 76 -10.24 -2.85 7.07
N ARG A 77 -11.55 -2.72 7.17
CA ARG A 77 -12.42 -3.01 6.03
C ARG A 77 -12.09 -2.10 4.85
N SER A 78 -11.47 -0.97 5.18
CA SER A 78 -11.10 0.00 4.17
C SER A 78 -9.72 -0.33 3.61
N TYR A 79 -8.73 -0.31 4.49
CA TYR A 79 -7.37 -0.61 4.10
C TYR A 79 -7.33 -1.75 3.08
N LYS A 80 -7.87 -2.89 3.49
CA LYS A 80 -7.89 -4.05 2.63
C LYS A 80 -8.49 -3.67 1.28
N GLN A 81 -9.70 -3.14 1.32
CA GLN A 81 -10.38 -2.73 0.11
C GLN A 81 -9.41 -1.98 -0.82
N GLU A 82 -8.84 -0.91 -0.28
CA GLU A 82 -7.91 -0.11 -1.04
C GLU A 82 -6.71 -0.96 -1.48
N MET A 83 -6.06 -1.56 -0.49
CA MET A 83 -4.91 -2.41 -0.76
C MET A 83 -5.15 -3.28 -1.99
N GLY A 84 -6.02 -4.26 -1.81
CA GLY A 84 -6.34 -5.18 -2.90
C GLY A 84 -6.51 -4.43 -4.22
N LYS A 85 -7.08 -3.24 -4.12
CA LYS A 85 -7.31 -2.41 -5.29
C LYS A 85 -5.96 -1.96 -5.85
N LEU A 86 -5.10 -1.50 -4.96
CA LEU A 86 -3.78 -1.04 -5.35
C LEU A 86 -3.12 -2.09 -6.23
N GLU A 87 -3.40 -3.34 -5.92
CA GLU A 87 -2.84 -4.45 -6.68
C GLU A 87 -3.40 -4.46 -8.10
N THR A 88 -4.59 -3.91 -8.24
CA THR A 88 -5.25 -3.85 -9.53
C THR A 88 -4.83 -2.57 -10.29
N ASP A 89 -5.16 -1.44 -9.69
CA ASP A 89 -4.82 -0.15 -10.28
C ASP A 89 -3.37 -0.17 -10.73
N PHE A 90 -2.54 -0.83 -9.92
CA PHE A 90 -1.12 -0.93 -10.22
C PHE A 90 -0.89 -1.62 -11.56
N LYS A 91 -1.59 -2.73 -11.74
CA LYS A 91 -1.47 -3.50 -12.98
C LYS A 91 -2.05 -2.69 -14.13
N ARG A 92 -3.17 -2.04 -13.85
CA ARG A 92 -3.83 -1.23 -14.86
C ARG A 92 -2.97 -0.02 -15.22
N SER A 93 -2.32 0.53 -14.20
CA SER A 93 -1.47 1.69 -14.40
C SER A 93 -0.37 1.35 -15.41
N ARG A 94 0.22 0.18 -15.24
CA ARG A 94 1.28 -0.27 -16.13
C ARG A 94 0.70 -0.74 -17.46
N ILE A 95 -0.62 -0.92 -17.46
CA ILE A 95 -1.30 -1.37 -18.66
C ILE A 95 -1.48 -0.20 -19.62
N ALA A 96 -1.93 0.92 -19.07
CA ALA A 96 -2.15 2.12 -19.86
C ALA A 96 -0.98 2.29 -20.84
N SER A 97 0.20 2.45 -20.29
CA SER A 97 1.39 2.62 -21.10
C SER A 97 2.14 1.30 -21.21
N GLY A 98 1.80 0.56 -22.26
CA GLY A 98 2.43 -0.73 -22.51
C GLY A 98 1.92 -1.36 -23.80
N PRO A 99 2.41 -2.60 -24.07
CA PRO A 99 2.00 -3.32 -25.27
C PRO A 99 0.58 -3.86 -25.12
N SER A 100 0.32 -4.47 -23.97
CA SER A 100 -0.99 -5.03 -23.70
C SER A 100 -1.99 -3.92 -23.39
N SER A 101 -3.27 -4.26 -23.54
CA SER A 101 -4.32 -3.30 -23.28
C SER A 101 -5.67 -4.02 -23.19
N GLY A 102 -6.62 -3.35 -22.56
CA GLY A 102 -7.96 -3.91 -22.40
C GLY A 102 -7.96 -5.00 -21.33
N GLY A 1 12.55 -18.51 14.04
CA GLY A 1 13.56 -17.47 14.01
C GLY A 1 13.50 -16.59 15.26
N SER A 2 13.71 -15.31 15.05
CA SER A 2 13.69 -14.35 16.14
C SER A 2 12.92 -13.10 15.72
N SER A 3 12.22 -12.52 16.69
CA SER A 3 11.44 -11.32 16.43
C SER A 3 11.17 -10.59 17.75
N GLY A 4 10.85 -9.31 17.62
CA GLY A 4 10.57 -8.48 18.78
C GLY A 4 9.30 -7.64 18.58
N SER A 5 9.02 -6.80 19.55
CA SER A 5 7.84 -5.95 19.48
C SER A 5 7.95 -4.84 20.53
N SER A 6 7.27 -3.74 20.25
CA SER A 6 7.28 -2.59 21.14
C SER A 6 6.04 -1.73 20.90
N GLY A 7 5.93 -1.24 19.67
CA GLY A 7 4.81 -0.39 19.30
C GLY A 7 5.28 0.97 18.78
N GLU A 8 5.64 0.98 17.51
CA GLU A 8 6.12 2.21 16.88
C GLU A 8 5.05 2.77 15.95
N GLY A 9 4.10 1.92 15.60
CA GLY A 9 3.01 2.32 14.72
C GLY A 9 3.02 1.51 13.43
N TYR A 10 1.87 1.44 12.78
CA TYR A 10 1.73 0.70 11.54
C TYR A 10 0.94 1.51 10.51
N GLU A 11 -0.34 1.70 10.81
CA GLU A 11 -1.21 2.44 9.93
C GLU A 11 -0.46 3.62 9.30
N GLN A 12 0.19 4.38 10.17
CA GLN A 12 0.95 5.54 9.72
C GLN A 12 1.78 5.19 8.49
N ASP A 13 2.74 4.31 8.69
CA ASP A 13 3.60 3.89 7.61
C ASP A 13 2.74 3.40 6.44
N PHE A 14 1.92 2.41 6.72
CA PHE A 14 1.03 1.85 5.71
C PHE A 14 0.35 2.96 4.90
N ALA A 15 -0.45 3.74 5.60
CA ALA A 15 -1.18 4.83 4.97
C ALA A 15 -0.22 5.60 4.04
N VAL A 16 0.94 5.95 4.58
CA VAL A 16 1.93 6.67 3.82
C VAL A 16 2.32 5.86 2.59
N LEU A 17 2.52 4.57 2.82
CA LEU A 17 2.89 3.67 1.73
C LEU A 17 1.83 3.74 0.63
N THR A 18 0.69 3.14 0.92
CA THR A 18 -0.41 3.14 -0.03
C THR A 18 -0.49 4.48 -0.77
N ALA A 19 -0.31 5.54 -0.02
CA ALA A 19 -0.35 6.88 -0.59
C ALA A 19 0.77 7.03 -1.62
N GLU A 20 1.99 6.90 -1.14
CA GLU A 20 3.16 7.02 -2.00
C GLU A 20 3.03 6.08 -3.19
N ILE A 21 2.33 4.97 -2.96
CA ILE A 21 2.13 3.98 -4.00
C ILE A 21 1.10 4.50 -5.00
N THR A 22 -0.11 4.71 -4.50
CA THR A 22 -1.19 5.22 -5.33
C THR A 22 -0.68 6.26 -6.31
N SER A 23 0.17 7.14 -5.80
CA SER A 23 0.75 8.19 -6.61
C SER A 23 1.64 7.59 -7.69
N LYS A 24 2.67 6.88 -7.24
CA LYS A 24 3.60 6.24 -8.15
C LYS A 24 2.83 5.42 -9.18
N ILE A 25 1.70 4.88 -8.73
CA ILE A 25 0.86 4.07 -9.60
C ILE A 25 0.27 4.96 -10.70
N ALA A 26 0.04 6.21 -10.34
CA ALA A 26 -0.52 7.17 -11.29
C ALA A 26 0.61 7.80 -12.09
N ARG A 27 1.83 7.50 -11.69
CA ARG A 27 3.01 8.03 -12.36
C ARG A 27 3.59 6.98 -13.31
N VAL A 28 3.21 5.74 -13.08
CA VAL A 28 3.69 4.64 -13.89
C VAL A 28 3.39 4.94 -15.36
N PRO A 29 2.09 5.28 -15.63
CA PRO A 29 1.67 5.59 -16.99
C PRO A 29 2.17 6.97 -17.40
N ARG A 30 2.88 7.62 -16.50
CA ARG A 30 3.42 8.94 -16.77
C ARG A 30 4.94 8.93 -16.67
N LEU A 31 5.48 7.74 -16.42
CA LEU A 31 6.91 7.59 -16.30
C LEU A 31 7.47 6.94 -17.58
N PRO A 32 8.79 7.14 -17.80
CA PRO A 32 9.44 6.58 -18.97
C PRO A 32 9.65 5.07 -18.82
N PRO A 33 10.08 4.44 -19.96
CA PRO A 33 10.31 3.00 -19.96
C PRO A 33 11.61 2.65 -19.23
N ASP A 34 12.24 3.69 -18.69
CA ASP A 34 13.49 3.51 -17.97
C ASP A 34 13.20 3.45 -16.47
N GLU A 35 12.43 4.42 -16.01
CA GLU A 35 12.07 4.49 -14.60
C GLU A 35 10.84 3.62 -14.33
N LYS A 36 9.99 3.53 -15.32
CA LYS A 36 8.78 2.75 -15.20
C LYS A 36 9.14 1.31 -14.80
N LYS A 37 9.94 0.69 -15.65
CA LYS A 37 10.37 -0.68 -15.40
C LYS A 37 10.66 -0.86 -13.91
N GLN A 38 11.50 0.04 -13.39
CA GLN A 38 11.87 -0.01 -11.99
C GLN A 38 10.67 0.36 -11.12
N MET A 39 10.01 1.44 -11.50
CA MET A 39 8.85 1.91 -10.77
C MET A 39 7.82 0.79 -10.59
N VAL A 40 7.39 0.24 -11.72
CA VAL A 40 6.42 -0.84 -11.70
C VAL A 40 6.87 -1.92 -10.72
N ALA A 41 8.17 -1.94 -10.46
CA ALA A 41 8.74 -2.91 -9.55
C ALA A 41 8.82 -2.30 -8.15
N ASN A 42 9.07 -1.00 -8.12
CA ASN A 42 9.17 -0.29 -6.85
C ASN A 42 7.85 -0.43 -6.09
N VAL A 43 6.76 -0.29 -6.81
CA VAL A 43 5.44 -0.39 -6.22
C VAL A 43 5.22 -1.83 -5.73
N GLU A 44 5.79 -2.76 -6.48
CA GLU A 44 5.66 -4.17 -6.14
C GLU A 44 6.30 -4.44 -4.77
N LYS A 45 7.17 -3.53 -4.37
CA LYS A 45 7.86 -3.66 -3.09
C LYS A 45 7.01 -3.01 -2.00
N GLN A 46 6.81 -1.71 -2.15
CA GLN A 46 6.01 -0.96 -1.18
C GLN A 46 4.67 -1.65 -0.95
N LEU A 47 4.20 -2.33 -1.98
CA LEU A 47 2.94 -3.04 -1.91
C LEU A 47 3.09 -4.25 -0.97
N GLU A 48 3.93 -5.17 -1.40
CA GLU A 48 4.17 -6.37 -0.61
C GLU A 48 4.57 -6.00 0.82
N GLU A 49 5.29 -4.88 0.93
CA GLU A 49 5.74 -4.41 2.22
C GLU A 49 4.54 -4.01 3.09
N ALA A 50 3.49 -3.57 2.43
CA ALA A 50 2.29 -3.17 3.13
C ALA A 50 1.42 -4.40 3.40
N ARG A 51 1.57 -5.39 2.54
CA ARG A 51 0.80 -6.62 2.68
C ARG A 51 1.04 -7.24 4.06
N GLU A 52 2.29 -7.14 4.51
CA GLU A 52 2.66 -7.68 5.80
C GLU A 52 2.02 -6.87 6.92
N LEU A 53 1.86 -5.58 6.65
CA LEU A 53 1.27 -4.68 7.63
C LEU A 53 -0.14 -5.17 7.98
N LEU A 54 -0.98 -5.23 6.97
CA LEU A 54 -2.35 -5.67 7.16
C LEU A 54 -2.35 -6.92 8.05
N GLU A 55 -1.34 -7.75 7.85
CA GLU A 55 -1.22 -8.97 8.63
C GLU A 55 -1.20 -8.65 10.13
N GLN A 56 -0.06 -8.16 10.58
CA GLN A 56 0.10 -7.81 11.98
C GLN A 56 -1.08 -6.96 12.46
N MET A 57 -1.43 -5.98 11.63
CA MET A 57 -2.53 -5.09 11.95
C MET A 57 -3.80 -5.88 12.25
N ASP A 58 -4.07 -6.87 11.43
CA ASP A 58 -5.24 -7.71 11.60
C ASP A 58 -4.97 -8.73 12.70
N LEU A 59 -3.76 -9.29 12.67
CA LEU A 59 -3.37 -10.28 13.66
C LEU A 59 -3.23 -9.61 15.02
N GLU A 60 -3.31 -8.28 15.00
CA GLU A 60 -3.19 -7.51 16.23
C GLU A 60 -4.58 -7.06 16.70
N VAL A 61 -5.29 -6.40 15.80
CA VAL A 61 -6.62 -5.90 16.11
C VAL A 61 -7.39 -6.98 16.87
N ARG A 62 -7.02 -8.23 16.61
CA ARG A 62 -7.67 -9.36 17.27
C ARG A 62 -7.59 -9.20 18.79
N GLU A 63 -6.43 -8.77 19.25
CA GLU A 63 -6.22 -8.57 20.67
C GLU A 63 -7.10 -7.44 21.19
N ILE A 64 -7.15 -6.36 20.43
CA ILE A 64 -7.94 -5.22 20.80
C ILE A 64 -9.29 -5.69 21.35
N PRO A 65 -9.77 -4.97 22.40
CA PRO A 65 -11.04 -5.30 23.02
C PRO A 65 -12.21 -4.88 22.14
N PRO A 66 -13.39 -5.53 22.40
CA PRO A 66 -14.59 -5.23 21.63
C PRO A 66 -15.19 -3.88 22.07
N GLN A 67 -14.39 -2.84 21.93
CA GLN A 67 -14.83 -1.51 22.29
C GLN A 67 -13.87 -0.46 21.73
N SER A 68 -12.58 -0.77 21.83
CA SER A 68 -11.55 0.14 21.34
C SER A 68 -11.43 0.01 19.82
N ARG A 69 -11.76 -1.18 19.33
CA ARG A 69 -11.69 -1.45 17.91
C ARG A 69 -12.40 -0.34 17.11
N GLY A 70 -13.71 -0.45 17.04
CA GLY A 70 -14.51 0.53 16.33
C GLY A 70 -13.92 0.80 14.94
N MET A 71 -13.15 1.88 14.87
CA MET A 71 -12.53 2.26 13.61
C MET A 71 -11.71 1.10 13.02
N TYR A 72 -10.68 0.72 13.75
CA TYR A 72 -9.81 -0.37 13.33
C TYR A 72 -10.61 -1.46 12.63
N SER A 73 -11.85 -1.63 13.09
CA SER A 73 -12.72 -2.64 12.51
C SER A 73 -13.18 -2.21 11.12
N ASN A 74 -13.84 -1.06 11.07
CA ASN A 74 -14.34 -0.53 9.82
C ASN A 74 -13.15 -0.22 8.90
N ARG A 75 -12.17 0.48 9.46
CA ARG A 75 -10.99 0.83 8.71
C ARG A 75 -10.38 -0.41 8.06
N MET A 76 -10.13 -1.41 8.88
CA MET A 76 -9.55 -2.66 8.41
C MET A 76 -10.17 -3.07 7.07
N ARG A 77 -11.49 -3.13 7.07
CA ARG A 77 -12.23 -3.51 5.87
C ARG A 77 -11.85 -2.60 4.70
N SER A 78 -11.68 -1.32 5.02
CA SER A 78 -11.32 -0.33 4.02
C SER A 78 -9.91 -0.62 3.48
N TYR A 79 -8.94 -0.54 4.38
CA TYR A 79 -7.56 -0.79 4.01
C TYR A 79 -7.47 -1.93 3.00
N LYS A 80 -7.89 -3.11 3.43
CA LYS A 80 -7.85 -4.28 2.58
C LYS A 80 -8.40 -3.91 1.19
N GLN A 81 -9.63 -3.43 1.19
CA GLN A 81 -10.27 -3.03 -0.05
C GLN A 81 -9.36 -2.12 -0.87
N GLU A 82 -8.78 -1.14 -0.19
CA GLU A 82 -7.89 -0.20 -0.84
C GLU A 82 -6.66 -0.94 -1.37
N MET A 83 -5.89 -1.49 -0.45
CA MET A 83 -4.68 -2.22 -0.80
C MET A 83 -4.94 -3.16 -1.99
N GLY A 84 -5.86 -4.09 -1.77
CA GLY A 84 -6.20 -5.06 -2.81
C GLY A 84 -6.45 -4.35 -4.14
N LYS A 85 -7.00 -3.15 -4.05
CA LYS A 85 -7.29 -2.37 -5.23
C LYS A 85 -5.99 -1.82 -5.82
N LEU A 86 -5.08 -1.45 -4.91
CA LEU A 86 -3.79 -0.91 -5.32
C LEU A 86 -3.07 -1.94 -6.20
N GLU A 87 -3.47 -3.20 -6.03
CA GLU A 87 -2.87 -4.28 -6.79
C GLU A 87 -3.33 -4.22 -8.25
N THR A 88 -4.60 -3.88 -8.42
CA THR A 88 -5.18 -3.78 -9.75
C THR A 88 -4.77 -2.46 -10.42
N ASP A 89 -5.27 -1.37 -9.86
CA ASP A 89 -4.97 -0.05 -10.40
C ASP A 89 -3.49 0.01 -10.77
N PHE A 90 -2.68 -0.68 -9.98
CA PHE A 90 -1.25 -0.71 -10.22
C PHE A 90 -0.94 -1.35 -11.58
N LYS A 91 -1.55 -2.50 -11.81
CA LYS A 91 -1.35 -3.23 -13.05
C LYS A 91 -2.14 -2.55 -14.17
N ARG A 92 -3.12 -1.75 -13.76
CA ARG A 92 -3.96 -1.04 -14.71
C ARG A 92 -3.31 0.29 -15.09
N SER A 93 -2.14 0.52 -14.53
CA SER A 93 -1.40 1.75 -14.81
C SER A 93 -0.17 1.45 -15.66
N ARG A 94 0.36 0.25 -15.47
CA ARG A 94 1.54 -0.18 -16.21
C ARG A 94 1.15 -0.61 -17.62
N ILE A 95 -0.14 -0.92 -17.78
CA ILE A 95 -0.67 -1.35 -19.06
C ILE A 95 -0.86 -0.13 -19.96
N ALA A 96 -0.86 1.04 -19.34
CA ALA A 96 -1.04 2.28 -20.07
C ALA A 96 0.24 2.61 -20.84
N SER A 97 0.06 2.92 -22.11
CA SER A 97 1.18 3.25 -22.97
C SER A 97 0.68 3.71 -24.34
N GLY A 98 -0.19 2.90 -24.92
CA GLY A 98 -0.75 3.22 -26.22
C GLY A 98 -2.10 2.51 -26.41
N PRO A 99 -2.37 2.14 -27.69
CA PRO A 99 -3.61 1.47 -28.03
C PRO A 99 -3.59 0.01 -27.57
N SER A 100 -4.26 -0.24 -26.46
CA SER A 100 -4.32 -1.58 -25.91
C SER A 100 -5.68 -2.21 -26.20
N SER A 101 -5.71 -3.53 -26.23
CA SER A 101 -6.94 -4.26 -26.50
C SER A 101 -7.91 -4.07 -25.33
N GLY A 102 -9.15 -3.76 -25.68
CA GLY A 102 -10.19 -3.55 -24.68
C GLY A 102 -10.37 -2.06 -24.38
N GLY A 1 21.73 13.78 12.21
CA GLY A 1 21.53 12.33 12.27
C GLY A 1 20.05 11.99 12.47
N SER A 2 19.52 12.47 13.59
CA SER A 2 18.12 12.22 13.91
C SER A 2 17.76 10.77 13.60
N SER A 3 17.94 9.92 14.61
CA SER A 3 17.63 8.51 14.45
C SER A 3 16.13 8.27 14.63
N GLY A 4 15.41 8.46 13.55
CA GLY A 4 13.96 8.27 13.57
C GLY A 4 13.61 6.77 13.61
N SER A 5 13.97 6.14 14.71
CA SER A 5 13.70 4.72 14.89
C SER A 5 12.21 4.45 14.66
N SER A 6 11.95 3.50 13.77
CA SER A 6 10.58 3.12 13.45
C SER A 6 10.21 1.81 14.15
N GLY A 7 9.33 1.94 15.12
CA GLY A 7 8.88 0.78 15.88
C GLY A 7 7.35 0.66 15.86
N GLU A 8 6.73 1.24 16.87
CA GLU A 8 5.27 1.21 16.96
C GLU A 8 4.64 2.03 15.84
N GLY A 9 3.39 1.73 15.57
CA GLY A 9 2.65 2.43 14.53
C GLY A 9 2.70 1.65 13.21
N TYR A 10 1.53 1.25 12.76
CA TYR A 10 1.42 0.49 11.51
C TYR A 10 0.60 1.26 10.48
N GLU A 11 -0.66 1.51 10.83
CA GLU A 11 -1.56 2.23 9.95
C GLU A 11 -0.81 3.37 9.25
N GLN A 12 -0.18 4.20 10.06
CA GLN A 12 0.56 5.33 9.53
C GLN A 12 1.41 4.89 8.34
N ASP A 13 2.34 3.99 8.61
CA ASP A 13 3.22 3.47 7.59
C ASP A 13 2.39 3.07 6.36
N PHE A 14 1.54 2.07 6.56
CA PHE A 14 0.69 1.58 5.49
C PHE A 14 0.01 2.75 4.76
N ALA A 15 -0.61 3.62 5.54
CA ALA A 15 -1.29 4.78 4.98
C ALA A 15 -0.34 5.53 4.05
N VAL A 16 0.81 5.89 4.59
CA VAL A 16 1.82 6.59 3.81
C VAL A 16 2.19 5.78 2.58
N LEU A 17 2.54 4.52 2.83
CA LEU A 17 2.93 3.61 1.76
C LEU A 17 1.85 3.65 0.67
N THR A 18 0.69 3.12 1.01
CA THR A 18 -0.41 3.08 0.07
C THR A 18 -0.49 4.39 -0.71
N ALA A 19 -0.73 5.47 0.02
CA ALA A 19 -0.83 6.79 -0.60
C ALA A 19 0.35 6.99 -1.55
N GLU A 20 1.54 6.79 -1.00
CA GLU A 20 2.75 6.95 -1.78
C GLU A 20 2.69 6.10 -3.06
N ILE A 21 2.33 4.83 -2.86
CA ILE A 21 2.22 3.90 -3.96
C ILE A 21 1.15 4.39 -4.93
N THR A 22 -0.06 4.53 -4.40
CA THR A 22 -1.18 4.99 -5.21
C THR A 22 -0.73 6.05 -6.21
N SER A 23 0.06 7.00 -5.69
CA SER A 23 0.57 8.07 -6.52
C SER A 23 1.52 7.51 -7.59
N LYS A 24 2.54 6.82 -7.11
CA LYS A 24 3.52 6.23 -8.00
C LYS A 24 2.80 5.39 -9.06
N ILE A 25 1.69 4.80 -8.66
CA ILE A 25 0.89 3.98 -9.57
C ILE A 25 0.32 4.86 -10.67
N ALA A 26 0.01 6.10 -10.30
CA ALA A 26 -0.54 7.04 -11.25
C ALA A 26 0.57 7.61 -12.12
N ARG A 27 1.79 7.40 -11.66
CA ARG A 27 2.96 7.88 -12.39
C ARG A 27 3.49 6.78 -13.32
N VAL A 28 3.26 5.55 -12.91
CA VAL A 28 3.71 4.41 -13.69
C VAL A 28 3.43 4.66 -15.18
N PRO A 29 2.15 5.05 -15.46
CA PRO A 29 1.75 5.33 -16.83
C PRO A 29 2.29 6.68 -17.30
N ARG A 30 2.59 7.53 -16.33
CA ARG A 30 3.12 8.85 -16.63
C ARG A 30 4.63 8.88 -16.40
N LEU A 31 5.24 7.72 -16.53
CA LEU A 31 6.67 7.59 -16.34
C LEU A 31 7.30 6.99 -17.59
N PRO A 32 8.63 7.21 -17.74
CA PRO A 32 9.36 6.69 -18.88
C PRO A 32 9.60 5.18 -18.74
N PRO A 33 10.03 4.56 -19.87
CA PRO A 33 10.30 3.14 -19.89
C PRO A 33 11.62 2.82 -19.17
N ASP A 34 12.23 3.87 -18.64
CA ASP A 34 13.49 3.71 -17.93
C ASP A 34 13.22 3.68 -16.43
N GLU A 35 12.35 4.58 -15.99
CA GLU A 35 12.01 4.66 -14.58
C GLU A 35 10.78 3.78 -14.29
N LYS A 36 9.94 3.65 -15.30
CA LYS A 36 8.73 2.85 -15.17
C LYS A 36 9.11 1.43 -14.73
N LYS A 37 9.91 0.79 -15.58
CA LYS A 37 10.35 -0.57 -15.30
C LYS A 37 10.67 -0.70 -13.81
N GLN A 38 11.52 0.21 -13.34
CA GLN A 38 11.91 0.20 -11.94
C GLN A 38 10.72 0.56 -11.05
N MET A 39 9.98 1.57 -11.48
CA MET A 39 8.82 2.02 -10.73
C MET A 39 7.82 0.87 -10.54
N VAL A 40 7.52 0.21 -11.65
CA VAL A 40 6.59 -0.90 -11.61
C VAL A 40 7.11 -1.97 -10.65
N ALA A 41 8.39 -1.87 -10.33
CA ALA A 41 9.01 -2.82 -9.42
C ALA A 41 9.08 -2.21 -8.02
N ASN A 42 9.35 -0.91 -7.99
CA ASN A 42 9.44 -0.21 -6.72
C ASN A 42 8.11 -0.30 -5.99
N VAL A 43 7.03 -0.22 -6.75
CA VAL A 43 5.69 -0.30 -6.19
C VAL A 43 5.45 -1.72 -5.68
N GLU A 44 6.01 -2.69 -6.40
CA GLU A 44 5.86 -4.08 -6.03
C GLU A 44 6.39 -4.32 -4.62
N LYS A 45 7.40 -3.54 -4.26
CA LYS A 45 8.01 -3.65 -2.94
C LYS A 45 7.10 -2.99 -1.91
N GLN A 46 6.85 -1.71 -2.13
CA GLN A 46 5.99 -0.95 -1.22
C GLN A 46 4.65 -1.67 -1.04
N LEU A 47 4.22 -2.35 -2.09
CA LEU A 47 2.96 -3.07 -2.05
C LEU A 47 3.08 -4.23 -1.06
N GLU A 48 4.01 -5.13 -1.36
CA GLU A 48 4.23 -6.29 -0.51
C GLU A 48 4.54 -5.84 0.92
N GLU A 49 5.20 -4.69 1.02
CA GLU A 49 5.58 -4.14 2.31
C GLU A 49 4.32 -3.74 3.10
N ALA A 50 3.27 -3.44 2.35
CA ALA A 50 2.02 -3.04 2.96
C ALA A 50 1.16 -4.28 3.22
N ARG A 51 1.35 -5.28 2.36
CA ARG A 51 0.60 -6.52 2.49
C ARG A 51 0.83 -7.14 3.87
N GLU A 52 2.08 -7.16 4.28
CA GLU A 52 2.45 -7.72 5.57
C GLU A 52 1.80 -6.91 6.70
N LEU A 53 1.71 -5.61 6.47
CA LEU A 53 1.12 -4.72 7.45
C LEU A 53 -0.28 -5.23 7.81
N LEU A 54 -1.13 -5.31 6.80
CA LEU A 54 -2.49 -5.78 6.99
C LEU A 54 -2.47 -7.08 7.80
N GLU A 55 -1.43 -7.86 7.58
CA GLU A 55 -1.28 -9.12 8.28
C GLU A 55 -1.04 -8.88 9.78
N GLN A 56 -0.02 -8.07 10.06
CA GLN A 56 0.31 -7.74 11.43
C GLN A 56 -0.83 -6.97 12.09
N MET A 57 -1.38 -6.02 11.34
CA MET A 57 -2.47 -5.22 11.84
C MET A 57 -3.67 -6.09 12.23
N ASP A 58 -4.02 -6.99 11.32
CA ASP A 58 -5.13 -7.88 11.55
C ASP A 58 -4.77 -8.89 12.63
N LEU A 59 -3.51 -9.32 12.59
CA LEU A 59 -3.01 -10.29 13.56
C LEU A 59 -2.92 -9.62 14.92
N GLU A 60 -3.12 -8.32 14.93
CA GLU A 60 -3.06 -7.55 16.17
C GLU A 60 -4.47 -7.15 16.61
N VAL A 61 -5.18 -6.49 15.69
CA VAL A 61 -6.53 -6.05 15.98
C VAL A 61 -7.32 -7.19 16.62
N ARG A 62 -6.89 -8.41 16.33
CA ARG A 62 -7.54 -9.58 16.87
C ARG A 62 -7.50 -9.55 18.39
N GLU A 63 -6.29 -9.41 18.92
CA GLU A 63 -6.10 -9.37 20.36
C GLU A 63 -6.83 -8.16 20.96
N ILE A 64 -6.75 -7.05 20.23
CA ILE A 64 -7.40 -5.82 20.68
C ILE A 64 -8.81 -6.15 21.19
N PRO A 65 -9.19 -5.44 22.29
CA PRO A 65 -10.50 -5.65 22.88
C PRO A 65 -11.60 -5.01 22.03
N PRO A 66 -12.87 -5.41 22.33
CA PRO A 66 -14.01 -4.88 21.60
C PRO A 66 -14.33 -3.46 22.05
N GLN A 67 -13.50 -2.95 22.95
CA GLN A 67 -13.68 -1.60 23.45
C GLN A 67 -12.70 -0.64 22.78
N SER A 68 -11.68 -1.23 22.15
CA SER A 68 -10.68 -0.44 21.47
C SER A 68 -10.71 -0.73 19.97
N ARG A 69 -11.01 -1.98 19.65
CA ARG A 69 -11.08 -2.41 18.27
C ARG A 69 -11.73 -1.32 17.41
N GLY A 70 -12.60 -0.55 18.05
CA GLY A 70 -13.30 0.52 17.36
C GLY A 70 -12.39 1.18 16.31
N MET A 71 -13.02 1.71 15.28
CA MET A 71 -12.29 2.36 14.20
C MET A 71 -11.39 1.37 13.47
N TYR A 72 -10.40 0.87 14.18
CA TYR A 72 -9.47 -0.09 13.61
C TYR A 72 -10.19 -1.07 12.70
N SER A 73 -11.30 -1.58 13.19
CA SER A 73 -12.10 -2.54 12.43
C SER A 73 -12.60 -1.88 11.15
N ASN A 74 -13.23 -0.73 11.32
CA ASN A 74 -13.77 0.00 10.18
C ASN A 74 -12.64 0.29 9.18
N ARG A 75 -11.49 0.65 9.73
CA ARG A 75 -10.34 0.96 8.90
C ARG A 75 -9.78 -0.32 8.29
N MET A 76 -9.76 -1.37 9.09
CA MET A 76 -9.25 -2.65 8.64
C MET A 76 -9.85 -3.03 7.28
N ARG A 77 -11.16 -2.82 7.16
CA ARG A 77 -11.85 -3.14 5.93
C ARG A 77 -11.50 -2.11 4.85
N SER A 78 -11.78 -0.85 5.14
CA SER A 78 -11.50 0.22 4.21
C SER A 78 -10.13 0.02 3.57
N TYR A 79 -9.17 -0.33 4.42
CA TYR A 79 -7.81 -0.56 3.96
C TYR A 79 -7.77 -1.61 2.86
N LYS A 80 -8.20 -2.81 3.21
CA LYS A 80 -8.21 -3.92 2.27
C LYS A 80 -8.77 -3.42 0.92
N GLN A 81 -9.89 -2.73 1.01
CA GLN A 81 -10.53 -2.19 -0.19
C GLN A 81 -9.48 -1.55 -1.10
N GLU A 82 -8.71 -0.64 -0.52
CA GLU A 82 -7.68 0.06 -1.27
C GLU A 82 -6.55 -0.90 -1.62
N MET A 83 -5.95 -1.48 -0.59
CA MET A 83 -4.86 -2.42 -0.79
C MET A 83 -5.12 -3.31 -2.01
N GLY A 84 -6.19 -4.09 -1.92
CA GLY A 84 -6.55 -4.99 -2.99
C GLY A 84 -6.67 -4.24 -4.32
N LYS A 85 -7.19 -3.02 -4.23
CA LYS A 85 -7.37 -2.19 -5.40
C LYS A 85 -5.99 -1.78 -5.94
N LEU A 86 -5.10 -1.47 -5.01
CA LEU A 86 -3.75 -1.06 -5.37
C LEU A 86 -3.12 -2.12 -6.28
N GLU A 87 -3.57 -3.35 -6.10
CA GLU A 87 -3.07 -4.46 -6.89
C GLU A 87 -3.56 -4.34 -8.33
N THR A 88 -4.82 -3.94 -8.46
CA THR A 88 -5.42 -3.79 -9.77
C THR A 88 -4.88 -2.53 -10.46
N ASP A 89 -5.21 -1.39 -9.88
CA ASP A 89 -4.77 -0.12 -10.42
C ASP A 89 -3.31 -0.24 -10.87
N PHE A 90 -2.49 -0.77 -9.97
CA PHE A 90 -1.08 -0.95 -10.26
C PHE A 90 -0.88 -1.64 -11.62
N LYS A 91 -1.67 -2.68 -11.83
CA LYS A 91 -1.59 -3.43 -13.07
C LYS A 91 -2.25 -2.64 -14.20
N ARG A 92 -3.25 -1.85 -13.82
CA ARG A 92 -3.96 -1.03 -14.79
C ARG A 92 -3.18 0.25 -15.08
N SER A 93 -1.99 0.32 -14.50
CA SER A 93 -1.13 1.48 -14.69
C SER A 93 0.09 1.09 -15.52
N ARG A 94 0.67 -0.05 -15.16
CA ARG A 94 1.85 -0.54 -15.86
C ARG A 94 1.48 -0.99 -17.27
N ILE A 95 0.24 -1.44 -17.42
CA ILE A 95 -0.25 -1.89 -18.70
C ILE A 95 -0.21 -0.73 -19.70
N ALA A 96 -0.04 0.46 -19.17
CA ALA A 96 0.02 1.66 -19.99
C ALA A 96 1.29 1.61 -20.84
N SER A 97 1.12 1.92 -22.12
CA SER A 97 2.24 1.91 -23.05
C SER A 97 1.76 2.26 -24.46
N GLY A 98 1.53 3.56 -24.67
CA GLY A 98 1.07 4.03 -25.97
C GLY A 98 2.25 4.23 -26.92
N PRO A 99 1.98 3.93 -28.23
CA PRO A 99 3.00 4.07 -29.25
C PRO A 99 3.22 5.55 -29.60
N SER A 100 4.43 6.01 -29.31
CA SER A 100 4.78 7.39 -29.59
C SER A 100 4.99 7.59 -31.09
N SER A 101 4.87 8.83 -31.51
CA SER A 101 5.04 9.17 -32.91
C SER A 101 4.02 8.40 -33.76
N GLY A 102 2.85 8.99 -33.91
CA GLY A 102 1.80 8.37 -34.69
C GLY A 102 0.44 9.05 -34.42
N GLY A 1 29.24 5.30 17.46
CA GLY A 1 28.36 4.16 17.62
C GLY A 1 27.04 4.37 16.88
N SER A 2 26.13 3.43 17.06
CA SER A 2 24.84 3.51 16.42
C SER A 2 23.76 2.95 17.36
N SER A 3 22.60 3.60 17.33
CA SER A 3 21.49 3.18 18.17
C SER A 3 20.41 2.50 17.31
N GLY A 4 20.14 1.25 17.65
CA GLY A 4 19.14 0.49 16.92
C GLY A 4 17.83 1.26 16.81
N SER A 5 17.38 1.43 15.58
CA SER A 5 16.14 2.14 15.32
C SER A 5 14.94 1.26 15.65
N SER A 6 13.82 1.90 15.94
CA SER A 6 12.61 1.19 16.27
C SER A 6 11.39 1.92 15.69
N GLY A 7 10.30 1.17 15.56
CA GLY A 7 9.08 1.74 15.02
C GLY A 7 7.93 1.64 16.04
N GLU A 8 7.00 2.57 15.92
CA GLU A 8 5.85 2.60 16.81
C GLU A 8 4.61 3.08 16.07
N GLY A 9 4.24 2.31 15.05
CA GLY A 9 3.08 2.65 14.25
C GLY A 9 3.04 1.85 12.95
N TYR A 10 1.85 1.37 12.61
CA TYR A 10 1.67 0.58 11.41
C TYR A 10 0.84 1.34 10.37
N GLU A 11 -0.42 1.56 10.72
CA GLU A 11 -1.33 2.26 9.83
C GLU A 11 -0.60 3.40 9.13
N GLN A 12 0.11 4.19 9.92
CA GLN A 12 0.86 5.32 9.39
C GLN A 12 1.69 4.88 8.18
N ASP A 13 2.64 4.02 8.44
CA ASP A 13 3.51 3.51 7.39
C ASP A 13 2.65 3.07 6.20
N PHE A 14 1.73 2.17 6.48
CA PHE A 14 0.85 1.66 5.45
C PHE A 14 0.17 2.80 4.69
N ALA A 15 -0.61 3.57 5.42
CA ALA A 15 -1.32 4.70 4.82
C ALA A 15 -0.35 5.48 3.92
N VAL A 16 0.80 5.83 4.50
CA VAL A 16 1.80 6.58 3.77
C VAL A 16 2.20 5.79 2.51
N LEU A 17 2.41 4.50 2.71
CA LEU A 17 2.79 3.62 1.62
C LEU A 17 1.70 3.65 0.55
N THR A 18 0.53 3.15 0.93
CA THR A 18 -0.60 3.11 0.01
C THR A 18 -0.68 4.40 -0.80
N ALA A 19 -0.77 5.51 -0.08
CA ALA A 19 -0.85 6.81 -0.73
C ALA A 19 0.31 6.96 -1.71
N GLU A 20 1.51 7.02 -1.16
CA GLU A 20 2.71 7.15 -1.97
C GLU A 20 2.63 6.23 -3.19
N ILE A 21 2.38 4.96 -2.92
CA ILE A 21 2.27 3.98 -3.97
C ILE A 21 1.23 4.43 -5.00
N THR A 22 0.02 4.66 -4.51
CA THR A 22 -1.06 5.10 -5.38
C THR A 22 -0.56 6.16 -6.36
N SER A 23 0.14 7.13 -5.82
CA SER A 23 0.68 8.21 -6.64
C SER A 23 1.60 7.64 -7.72
N LYS A 24 2.64 6.94 -7.27
CA LYS A 24 3.59 6.34 -8.17
C LYS A 24 2.85 5.49 -9.20
N ILE A 25 1.81 4.82 -8.73
CA ILE A 25 1.00 3.98 -9.60
C ILE A 25 0.37 4.83 -10.70
N ALA A 26 0.14 6.10 -10.35
CA ALA A 26 -0.46 7.03 -11.30
C ALA A 26 0.64 7.65 -12.16
N ARG A 27 1.88 7.48 -11.71
CA ARG A 27 3.01 8.01 -12.42
C ARG A 27 3.61 6.95 -13.35
N VAL A 28 3.26 5.70 -13.08
CA VAL A 28 3.75 4.60 -13.88
C VAL A 28 3.44 4.86 -15.36
N PRO A 29 2.15 5.18 -15.63
CA PRO A 29 1.72 5.47 -16.99
C PRO A 29 2.19 6.84 -17.44
N ARG A 30 2.90 7.52 -16.54
CA ARG A 30 3.40 8.85 -16.83
C ARG A 30 4.94 8.86 -16.70
N LEU A 31 5.50 7.68 -16.56
CA LEU A 31 6.95 7.54 -16.43
C LEU A 31 7.50 6.84 -17.66
N PRO A 32 8.81 7.07 -17.91
CA PRO A 32 9.47 6.46 -19.05
C PRO A 32 9.75 4.97 -18.80
N PRO A 33 10.21 4.29 -19.89
CA PRO A 33 10.51 2.87 -19.79
C PRO A 33 11.83 2.64 -19.04
N ASP A 34 12.40 3.73 -18.57
CA ASP A 34 13.66 3.67 -17.83
C ASP A 34 13.36 3.68 -16.32
N GLU A 35 12.41 4.53 -15.95
CA GLU A 35 12.03 4.64 -14.55
C GLU A 35 10.78 3.80 -14.27
N LYS A 36 10.00 3.59 -15.32
CA LYS A 36 8.78 2.80 -15.19
C LYS A 36 9.15 1.38 -14.77
N LYS A 37 10.09 0.79 -15.51
CA LYS A 37 10.53 -0.55 -15.22
C LYS A 37 10.81 -0.68 -13.72
N GLN A 38 11.61 0.25 -13.21
CA GLN A 38 11.95 0.24 -11.80
C GLN A 38 10.74 0.63 -10.95
N MET A 39 10.03 1.65 -11.41
CA MET A 39 8.85 2.12 -10.70
C MET A 39 7.84 0.99 -10.52
N VAL A 40 7.51 0.35 -11.63
CA VAL A 40 6.55 -0.74 -11.62
C VAL A 40 7.01 -1.80 -10.62
N ALA A 41 8.30 -1.74 -10.30
CA ALA A 41 8.88 -2.69 -9.36
C ALA A 41 8.90 -2.06 -7.96
N ASN A 42 9.21 -0.78 -7.92
CA ASN A 42 9.26 -0.06 -6.66
C ASN A 42 7.91 -0.20 -5.94
N VAL A 43 6.86 -0.17 -6.74
CA VAL A 43 5.52 -0.29 -6.20
C VAL A 43 5.28 -1.72 -5.73
N GLU A 44 5.89 -2.66 -6.45
CA GLU A 44 5.75 -4.06 -6.11
C GLU A 44 6.30 -4.33 -4.70
N LYS A 45 7.28 -3.52 -4.33
CA LYS A 45 7.89 -3.66 -3.02
C LYS A 45 7.01 -2.98 -1.97
N GLN A 46 6.80 -1.68 -2.18
CA GLN A 46 5.98 -0.90 -1.27
C GLN A 46 4.62 -1.58 -1.06
N LEU A 47 4.21 -2.33 -2.07
CA LEU A 47 2.94 -3.03 -2.02
C LEU A 47 3.08 -4.25 -1.12
N GLU A 48 3.98 -5.14 -1.51
CA GLU A 48 4.22 -6.35 -0.75
C GLU A 48 4.63 -6.01 0.68
N GLU A 49 5.20 -4.82 0.84
CA GLU A 49 5.64 -4.36 2.14
C GLU A 49 4.44 -3.98 3.01
N ALA A 50 3.39 -3.53 2.33
CA ALA A 50 2.17 -3.14 3.03
C ALA A 50 1.30 -4.37 3.25
N ARG A 51 1.49 -5.37 2.40
CA ARG A 51 0.73 -6.60 2.50
C ARG A 51 0.93 -7.24 3.88
N GLU A 52 2.16 -7.18 4.35
CA GLU A 52 2.49 -7.74 5.65
C GLU A 52 1.82 -6.93 6.77
N LEU A 53 1.71 -5.64 6.53
CA LEU A 53 1.09 -4.75 7.50
C LEU A 53 -0.31 -5.26 7.82
N LEU A 54 -1.14 -5.36 6.79
CA LEU A 54 -2.50 -5.82 6.96
C LEU A 54 -2.49 -7.12 7.77
N GLU A 55 -1.45 -7.91 7.56
CA GLU A 55 -1.31 -9.17 8.26
C GLU A 55 -1.05 -8.92 9.75
N GLN A 56 -0.06 -8.08 10.02
CA GLN A 56 0.29 -7.75 11.39
C GLN A 56 -0.85 -6.98 12.06
N MET A 57 -1.40 -6.03 11.32
CA MET A 57 -2.49 -5.22 11.83
C MET A 57 -3.70 -6.09 12.19
N ASP A 58 -3.96 -7.06 11.33
CA ASP A 58 -5.08 -7.97 11.55
C ASP A 58 -4.72 -8.95 12.67
N LEU A 59 -3.46 -9.35 12.68
CA LEU A 59 -2.98 -10.28 13.68
C LEU A 59 -2.90 -9.58 15.04
N GLU A 60 -3.13 -8.28 15.00
CA GLU A 60 -3.09 -7.48 16.22
C GLU A 60 -4.51 -7.06 16.63
N VAL A 61 -5.24 -6.56 15.64
CA VAL A 61 -6.61 -6.12 15.89
C VAL A 61 -7.37 -7.23 16.63
N ARG A 62 -6.91 -8.45 16.44
CA ARG A 62 -7.53 -9.59 17.08
C ARG A 62 -7.47 -9.45 18.60
N GLU A 63 -6.29 -9.08 19.08
CA GLU A 63 -6.09 -8.91 20.52
C GLU A 63 -6.90 -7.71 21.02
N ILE A 64 -7.00 -6.70 20.17
CA ILE A 64 -7.74 -5.50 20.52
C ILE A 64 -9.12 -5.89 21.05
N PRO A 65 -9.58 -5.12 22.08
CA PRO A 65 -10.88 -5.38 22.68
C PRO A 65 -12.02 -4.90 21.76
N PRO A 66 -13.24 -5.39 22.08
CA PRO A 66 -14.41 -5.03 21.30
C PRO A 66 -14.86 -3.59 21.62
N GLN A 67 -14.09 -2.95 22.49
CA GLN A 67 -14.40 -1.58 22.88
C GLN A 67 -13.45 -0.61 22.19
N SER A 68 -12.29 -1.12 21.80
CA SER A 68 -11.29 -0.31 21.13
C SER A 68 -11.26 -0.65 19.65
N ARG A 69 -12.09 -1.63 19.27
CA ARG A 69 -12.16 -2.06 17.89
C ARG A 69 -13.22 -1.24 17.13
N GLY A 70 -13.22 0.05 17.39
CA GLY A 70 -14.17 0.95 16.76
C GLY A 70 -13.72 1.30 15.33
N MET A 71 -12.79 2.23 15.25
CA MET A 71 -12.26 2.67 13.97
C MET A 71 -11.53 1.53 13.27
N TYR A 72 -10.53 0.99 13.96
CA TYR A 72 -9.75 -0.10 13.41
C TYR A 72 -10.61 -1.04 12.59
N SER A 73 -11.66 -1.54 13.22
CA SER A 73 -12.58 -2.45 12.55
C SER A 73 -12.98 -1.89 11.19
N ASN A 74 -13.61 -0.73 11.23
CA ASN A 74 -14.05 -0.08 10.00
C ASN A 74 -12.84 0.15 9.09
N ARG A 75 -11.79 0.70 9.70
CA ARG A 75 -10.58 0.98 8.95
C ARG A 75 -10.10 -0.27 8.20
N MET A 76 -9.91 -1.33 8.96
CA MET A 76 -9.47 -2.59 8.38
C MET A 76 -10.17 -2.86 7.05
N ARG A 77 -11.49 -2.87 7.11
CA ARG A 77 -12.29 -3.12 5.92
C ARG A 77 -11.82 -2.22 4.76
N SER A 78 -11.63 -0.94 5.09
CA SER A 78 -11.18 0.01 4.10
C SER A 78 -9.82 -0.40 3.55
N TYR A 79 -8.82 -0.35 4.42
CA TYR A 79 -7.46 -0.71 4.03
C TYR A 79 -7.47 -1.90 3.07
N LYS A 80 -8.00 -3.01 3.55
CA LYS A 80 -8.07 -4.22 2.75
C LYS A 80 -8.62 -3.86 1.36
N GLN A 81 -9.76 -3.20 1.36
CA GLN A 81 -10.39 -2.80 0.11
C GLN A 81 -9.38 -2.06 -0.77
N GLU A 82 -8.89 -0.95 -0.26
CA GLU A 82 -7.93 -0.14 -0.99
C GLU A 82 -6.73 -1.00 -1.42
N MET A 83 -6.07 -1.56 -0.43
CA MET A 83 -4.92 -2.41 -0.69
C MET A 83 -5.13 -3.27 -1.94
N GLY A 84 -6.01 -4.24 -1.81
CA GLY A 84 -6.32 -5.13 -2.91
C GLY A 84 -6.52 -4.35 -4.21
N LYS A 85 -7.07 -3.15 -4.07
CA LYS A 85 -7.30 -2.30 -5.22
C LYS A 85 -5.96 -1.81 -5.78
N LEU A 86 -5.10 -1.39 -4.87
CA LEU A 86 -3.79 -0.91 -5.24
C LEU A 86 -3.12 -1.92 -6.16
N GLU A 87 -3.44 -3.19 -5.92
CA GLU A 87 -2.87 -4.27 -6.72
C GLU A 87 -3.43 -4.23 -8.14
N THR A 88 -4.68 -3.80 -8.24
CA THR A 88 -5.34 -3.72 -9.52
C THR A 88 -4.97 -2.41 -10.22
N ASP A 89 -5.25 -1.31 -9.54
CA ASP A 89 -4.94 0.00 -10.08
C ASP A 89 -3.48 0.06 -10.50
N PHE A 90 -2.67 -0.76 -9.83
CA PHE A 90 -1.25 -0.82 -10.12
C PHE A 90 -0.99 -1.50 -11.46
N LYS A 91 -1.67 -2.63 -11.65
CA LYS A 91 -1.52 -3.39 -12.88
C LYS A 91 -2.14 -2.61 -14.04
N ARG A 92 -3.25 -1.96 -13.74
CA ARG A 92 -3.96 -1.18 -14.74
C ARG A 92 -3.21 0.13 -15.01
N SER A 93 -2.12 0.31 -14.29
CA SER A 93 -1.31 1.50 -14.45
C SER A 93 -0.12 1.21 -15.37
N ARG A 94 0.47 0.06 -15.16
CA ARG A 94 1.62 -0.35 -15.96
C ARG A 94 1.16 -0.79 -17.35
N ILE A 95 -0.09 -1.19 -17.43
CA ILE A 95 -0.67 -1.64 -18.69
C ILE A 95 -1.18 -0.43 -19.48
N ALA A 96 -1.87 0.44 -18.76
CA ALA A 96 -2.42 1.64 -19.38
C ALA A 96 -3.09 1.26 -20.70
N SER A 97 -3.44 2.29 -21.46
CA SER A 97 -4.07 2.08 -22.75
C SER A 97 -5.43 1.41 -22.56
N GLY A 98 -5.39 0.10 -22.32
CA GLY A 98 -6.60 -0.67 -22.12
C GLY A 98 -6.30 -2.17 -22.18
N PRO A 99 -7.10 -2.93 -21.37
CA PRO A 99 -6.92 -4.38 -21.32
C PRO A 99 -7.51 -5.04 -22.58
N SER A 100 -8.78 -4.75 -22.82
CA SER A 100 -9.46 -5.30 -23.97
C SER A 100 -8.53 -5.32 -25.19
N SER A 101 -8.21 -6.53 -25.63
CA SER A 101 -7.31 -6.69 -26.77
C SER A 101 -5.89 -6.28 -26.38
N GLY A 102 -5.73 -5.00 -26.11
CA GLY A 102 -4.42 -4.47 -25.74
C GLY A 102 -4.09 -4.83 -24.29
N GLY A 1 24.34 9.95 28.28
CA GLY A 1 23.01 9.55 27.87
C GLY A 1 22.91 8.02 27.74
N SER A 2 21.72 7.57 27.38
CA SER A 2 21.48 6.15 27.22
C SER A 2 20.04 5.90 26.76
N SER A 3 19.91 5.04 25.77
CA SER A 3 18.60 4.72 25.22
C SER A 3 18.00 5.95 24.54
N GLY A 4 16.91 5.72 23.81
CA GLY A 4 16.24 6.79 23.11
C GLY A 4 14.72 6.67 23.25
N SER A 5 14.02 7.18 22.24
CA SER A 5 12.57 7.14 22.25
C SER A 5 12.07 6.33 21.05
N SER A 6 11.48 5.19 21.35
CA SER A 6 10.96 4.32 20.31
C SER A 6 9.55 4.78 19.91
N GLY A 7 9.20 4.50 18.66
CA GLY A 7 7.90 4.87 18.15
C GLY A 7 7.32 3.76 17.26
N GLU A 8 6.32 3.08 17.80
CA GLU A 8 5.67 2.00 17.08
C GLU A 8 4.46 2.53 16.31
N GLY A 9 4.00 1.74 15.36
CA GLY A 9 2.86 2.10 14.55
C GLY A 9 2.80 1.29 13.26
N TYR A 10 1.62 1.26 12.67
CA TYR A 10 1.42 0.52 11.43
C TYR A 10 0.58 1.32 10.44
N GLU A 11 -0.66 1.57 10.83
CA GLU A 11 -1.57 2.33 9.98
C GLU A 11 -0.82 3.47 9.29
N GLN A 12 -0.13 4.27 10.09
CA GLN A 12 0.62 5.39 9.57
C GLN A 12 1.52 4.93 8.41
N ASP A 13 2.50 4.12 8.77
CA ASP A 13 3.43 3.60 7.77
C ASP A 13 2.66 3.19 6.52
N PHE A 14 1.72 2.28 6.72
CA PHE A 14 0.90 1.80 5.62
C PHE A 14 0.28 2.95 4.83
N ALA A 15 -0.48 3.77 5.56
CA ALA A 15 -1.13 4.92 4.94
C ALA A 15 -0.15 5.61 4.00
N VAL A 16 1.03 5.91 4.53
CA VAL A 16 2.07 6.57 3.76
C VAL A 16 2.37 5.73 2.51
N LEU A 17 2.55 4.44 2.74
CA LEU A 17 2.85 3.52 1.66
C LEU A 17 1.77 3.64 0.58
N THR A 18 0.59 3.16 0.91
CA THR A 18 -0.53 3.20 -0.01
C THR A 18 -0.53 4.51 -0.79
N ALA A 19 -0.58 5.61 -0.04
CA ALA A 19 -0.57 6.93 -0.64
C ALA A 19 0.54 7.02 -1.70
N GLU A 20 1.77 6.99 -1.21
CA GLU A 20 2.93 7.05 -2.09
C GLU A 20 2.73 6.12 -3.29
N ILE A 21 2.37 4.88 -2.97
CA ILE A 21 2.16 3.88 -4.00
C ILE A 21 1.11 4.39 -4.99
N THR A 22 -0.11 4.52 -4.49
CA THR A 22 -1.21 5.00 -5.31
C THR A 22 -0.73 6.11 -6.24
N SER A 23 0.09 6.99 -5.70
CA SER A 23 0.63 8.09 -6.47
C SER A 23 1.56 7.57 -7.56
N LYS A 24 2.53 6.77 -7.15
CA LYS A 24 3.49 6.21 -8.07
C LYS A 24 2.74 5.40 -9.14
N ILE A 25 1.70 4.71 -8.69
CA ILE A 25 0.89 3.90 -9.59
C ILE A 25 0.27 4.79 -10.65
N ALA A 26 0.01 6.04 -10.26
CA ALA A 26 -0.59 6.99 -11.18
C ALA A 26 0.51 7.63 -12.04
N ARG A 27 1.74 7.45 -11.59
CA ARG A 27 2.89 8.00 -12.32
C ARG A 27 3.47 6.93 -13.26
N VAL A 28 3.14 5.68 -12.97
CA VAL A 28 3.63 4.59 -13.78
C VAL A 28 3.27 4.84 -15.24
N PRO A 29 1.97 5.14 -15.47
CA PRO A 29 1.49 5.40 -16.81
C PRO A 29 1.93 6.79 -17.30
N ARG A 30 2.67 7.47 -16.42
CA ARG A 30 3.15 8.81 -16.75
C ARG A 30 4.68 8.85 -16.64
N LEU A 31 5.26 7.68 -16.42
CA LEU A 31 6.70 7.57 -16.29
C LEU A 31 7.27 6.88 -17.52
N PRO A 32 8.58 7.14 -17.78
CA PRO A 32 9.25 6.56 -18.92
C PRO A 32 9.55 5.08 -18.69
N PRO A 33 10.04 4.41 -19.76
CA PRO A 33 10.38 2.99 -19.68
C PRO A 33 11.69 2.79 -18.93
N ASP A 34 12.25 3.90 -18.46
CA ASP A 34 13.51 3.85 -17.73
C ASP A 34 13.21 3.83 -16.23
N GLU A 35 12.30 4.70 -15.82
CA GLU A 35 11.92 4.78 -14.43
C GLU A 35 10.73 3.85 -14.14
N LYS A 36 9.88 3.71 -15.14
CA LYS A 36 8.71 2.86 -15.02
C LYS A 36 9.15 1.45 -14.62
N LYS A 37 10.00 0.87 -15.46
CA LYS A 37 10.50 -0.48 -15.20
C LYS A 37 10.79 -0.64 -13.71
N GLN A 38 11.58 0.29 -13.19
CA GLN A 38 11.94 0.26 -11.79
C GLN A 38 10.72 0.55 -10.92
N MET A 39 9.98 1.57 -11.32
CA MET A 39 8.78 1.96 -10.59
C MET A 39 7.83 0.77 -10.43
N VAL A 40 7.49 0.18 -11.57
CA VAL A 40 6.58 -0.97 -11.56
C VAL A 40 7.09 -2.00 -10.56
N ALA A 41 8.37 -1.93 -10.28
CA ALA A 41 8.99 -2.85 -9.33
C ALA A 41 8.99 -2.23 -7.94
N ASN A 42 9.18 -0.92 -7.90
CA ASN A 42 9.21 -0.20 -6.65
C ASN A 42 7.86 -0.37 -5.95
N VAL A 43 6.80 -0.31 -6.74
CA VAL A 43 5.45 -0.46 -6.21
C VAL A 43 5.26 -1.89 -5.71
N GLU A 44 5.85 -2.82 -6.44
CA GLU A 44 5.76 -4.23 -6.08
C GLU A 44 6.25 -4.45 -4.65
N LYS A 45 7.25 -3.66 -4.28
CA LYS A 45 7.81 -3.76 -2.94
C LYS A 45 6.89 -3.07 -1.94
N GLN A 46 6.64 -1.79 -2.20
CA GLN A 46 5.77 -1.01 -1.34
C GLN A 46 4.42 -1.71 -1.15
N LEU A 47 4.05 -2.47 -2.17
CA LEU A 47 2.79 -3.20 -2.13
C LEU A 47 2.93 -4.38 -1.16
N GLU A 48 3.89 -5.24 -1.46
CA GLU A 48 4.13 -6.41 -0.62
C GLU A 48 4.51 -5.98 0.80
N GLU A 49 5.24 -4.88 0.88
CA GLU A 49 5.68 -4.35 2.16
C GLU A 49 4.46 -3.93 2.99
N ALA A 50 3.42 -3.53 2.29
CA ALA A 50 2.19 -3.09 2.96
C ALA A 50 1.30 -4.30 3.21
N ARG A 51 1.48 -5.31 2.37
CA ARG A 51 0.69 -6.53 2.49
C ARG A 51 0.87 -7.14 3.89
N GLU A 52 2.09 -7.06 4.38
CA GLU A 52 2.40 -7.59 5.69
C GLU A 52 1.72 -6.76 6.78
N LEU A 53 1.59 -5.48 6.49
CA LEU A 53 0.97 -4.55 7.43
C LEU A 53 -0.46 -5.01 7.71
N LEU A 54 -1.26 -5.03 6.65
CA LEU A 54 -2.66 -5.45 6.77
C LEU A 54 -2.73 -6.72 7.61
N GLU A 55 -1.71 -7.56 7.45
CA GLU A 55 -1.66 -8.81 8.20
C GLU A 55 -1.41 -8.54 9.67
N GLN A 56 -0.26 -7.95 9.95
CA GLN A 56 0.12 -7.63 11.32
C GLN A 56 -0.99 -6.81 11.99
N MET A 57 -1.51 -5.84 11.25
CA MET A 57 -2.56 -5.00 11.77
C MET A 57 -3.77 -5.82 12.21
N ASP A 58 -4.17 -6.73 11.34
CA ASP A 58 -5.30 -7.60 11.63
C ASP A 58 -4.91 -8.60 12.71
N LEU A 59 -3.71 -9.15 12.56
CA LEU A 59 -3.20 -10.12 13.51
C LEU A 59 -3.05 -9.46 14.88
N GLU A 60 -3.16 -8.14 14.88
CA GLU A 60 -3.03 -7.37 16.11
C GLU A 60 -4.41 -6.94 16.61
N VAL A 61 -5.24 -6.51 15.66
CA VAL A 61 -6.58 -6.07 15.98
C VAL A 61 -7.25 -7.12 16.87
N ARG A 62 -6.77 -8.34 16.76
CA ARG A 62 -7.31 -9.44 17.54
C ARG A 62 -7.24 -9.12 19.03
N GLU A 63 -6.05 -8.71 19.45
CA GLU A 63 -5.85 -8.37 20.86
C GLU A 63 -6.69 -7.17 21.25
N ILE A 64 -6.78 -6.21 20.33
CA ILE A 64 -7.56 -5.01 20.56
C ILE A 64 -8.95 -5.40 21.07
N PRO A 65 -9.46 -4.59 22.04
CA PRO A 65 -10.77 -4.84 22.61
C PRO A 65 -11.88 -4.44 21.65
N PRO A 66 -13.12 -4.89 21.97
CA PRO A 66 -14.28 -4.58 21.13
C PRO A 66 -14.72 -3.14 21.33
N GLN A 67 -13.96 -2.42 22.16
CA GLN A 67 -14.27 -1.03 22.43
C GLN A 67 -13.33 -0.11 21.64
N SER A 68 -12.21 -0.68 21.22
CA SER A 68 -11.23 0.06 20.45
C SER A 68 -11.05 -0.58 19.07
N ARG A 69 -12.01 -1.42 18.71
CA ARG A 69 -11.96 -2.10 17.43
C ARG A 69 -12.88 -1.39 16.42
N GLY A 70 -13.99 -0.89 16.93
CA GLY A 70 -14.96 -0.20 16.09
C GLY A 70 -14.25 0.59 14.99
N MET A 71 -13.24 1.35 15.40
CA MET A 71 -12.48 2.16 14.46
C MET A 71 -11.55 1.29 13.62
N TYR A 72 -10.59 0.68 14.30
CA TYR A 72 -9.63 -0.18 13.61
C TYR A 72 -10.33 -1.10 12.62
N SER A 73 -11.30 -1.85 13.12
CA SER A 73 -12.05 -2.77 12.28
C SER A 73 -12.38 -2.10 10.95
N ASN A 74 -13.00 -0.94 11.05
CA ASN A 74 -13.38 -0.19 9.86
C ASN A 74 -12.14 0.04 8.99
N ARG A 75 -11.03 0.29 9.65
CA ARG A 75 -9.78 0.52 8.95
C ARG A 75 -9.33 -0.74 8.22
N MET A 76 -9.42 -1.86 8.93
CA MET A 76 -9.03 -3.14 8.36
C MET A 76 -9.91 -3.50 7.17
N ARG A 77 -11.16 -3.07 7.25
CA ARG A 77 -12.11 -3.34 6.19
C ARG A 77 -11.94 -2.34 5.05
N SER A 78 -11.37 -1.19 5.39
CA SER A 78 -11.14 -0.15 4.41
C SER A 78 -9.82 -0.40 3.68
N TYR A 79 -8.78 -0.62 4.45
CA TYR A 79 -7.46 -0.87 3.89
C TYR A 79 -7.54 -1.89 2.75
N LYS A 80 -8.12 -3.04 3.07
CA LYS A 80 -8.28 -4.10 2.08
C LYS A 80 -8.82 -3.50 0.78
N GLN A 81 -9.87 -2.72 0.92
CA GLN A 81 -10.49 -2.09 -0.22
C GLN A 81 -9.43 -1.42 -1.10
N GLU A 82 -8.67 -0.54 -0.47
CA GLU A 82 -7.61 0.19 -1.17
C GLU A 82 -6.49 -0.78 -1.57
N MET A 83 -5.96 -1.47 -0.57
CA MET A 83 -4.88 -2.42 -0.81
C MET A 83 -5.15 -3.25 -2.06
N GLY A 84 -6.23 -4.03 -1.99
CA GLY A 84 -6.60 -4.87 -3.11
C GLY A 84 -6.65 -4.08 -4.41
N LYS A 85 -7.21 -2.88 -4.33
CA LYS A 85 -7.31 -2.02 -5.49
C LYS A 85 -5.91 -1.63 -5.96
N LEU A 86 -5.06 -1.31 -4.99
CA LEU A 86 -3.69 -0.92 -5.31
C LEU A 86 -3.05 -2.00 -6.19
N GLU A 87 -3.49 -3.22 -5.99
CA GLU A 87 -2.96 -4.34 -6.76
C GLU A 87 -3.48 -4.27 -8.21
N THR A 88 -4.72 -3.82 -8.34
CA THR A 88 -5.34 -3.70 -9.64
C THR A 88 -4.81 -2.46 -10.37
N ASP A 89 -5.10 -1.30 -9.78
CA ASP A 89 -4.67 -0.05 -10.37
C ASP A 89 -3.22 -0.18 -10.83
N PHE A 90 -2.41 -0.79 -9.98
CA PHE A 90 -1.00 -0.97 -10.28
C PHE A 90 -0.84 -1.72 -11.61
N LYS A 91 -1.65 -2.76 -11.78
CA LYS A 91 -1.59 -3.56 -12.99
C LYS A 91 -2.26 -2.79 -14.13
N ARG A 92 -3.26 -2.00 -13.78
CA ARG A 92 -3.98 -1.21 -14.76
C ARG A 92 -3.22 0.09 -15.05
N SER A 93 -2.05 0.20 -14.45
CA SER A 93 -1.22 1.38 -14.65
C SER A 93 0.04 1.01 -15.44
N ARG A 94 0.59 -0.15 -15.09
CA ARG A 94 1.79 -0.63 -15.76
C ARG A 94 1.44 -1.23 -17.12
N ILE A 95 0.16 -1.18 -17.44
CA ILE A 95 -0.32 -1.71 -18.71
C ILE A 95 -0.45 -0.56 -19.71
N ALA A 96 -0.16 0.64 -19.23
CA ALA A 96 -0.24 1.81 -20.08
C ALA A 96 1.06 1.96 -20.87
N SER A 97 0.93 1.92 -22.19
CA SER A 97 2.07 2.03 -23.07
C SER A 97 1.66 2.66 -24.39
N GLY A 98 0.63 2.09 -24.99
CA GLY A 98 0.12 2.59 -26.26
C GLY A 98 -1.37 2.26 -26.42
N PRO A 99 -1.76 2.03 -27.69
CA PRO A 99 -3.15 1.71 -28.00
C PRO A 99 -3.48 0.27 -27.60
N SER A 100 -4.76 0.03 -27.37
CA SER A 100 -5.22 -1.30 -26.98
C SER A 100 -6.58 -1.59 -27.62
N SER A 101 -6.55 -2.33 -28.70
CA SER A 101 -7.77 -2.69 -29.40
C SER A 101 -8.29 -4.04 -28.91
N GLY A 102 -9.60 -4.19 -28.95
CA GLY A 102 -10.23 -5.42 -28.51
C GLY A 102 -9.59 -6.64 -29.19
N GLY A 1 29.89 -3.35 14.26
CA GLY A 1 28.48 -3.26 13.92
C GLY A 1 28.05 -1.81 13.71
N SER A 2 27.02 -1.63 12.90
CA SER A 2 26.51 -0.30 12.62
C SER A 2 25.11 -0.40 12.00
N SER A 3 24.11 -0.42 12.88
CA SER A 3 22.73 -0.51 12.45
C SER A 3 21.80 -0.36 13.65
N GLY A 4 20.55 0.00 13.34
CA GLY A 4 19.56 0.18 14.38
C GLY A 4 18.15 0.20 13.80
N SER A 5 17.27 -0.59 14.39
CA SER A 5 15.89 -0.67 13.94
C SER A 5 14.94 -0.36 15.10
N SER A 6 14.07 0.60 14.86
CA SER A 6 13.10 1.01 15.86
C SER A 6 11.89 1.66 15.20
N GLY A 7 10.73 1.45 15.81
CA GLY A 7 9.49 2.00 15.29
C GLY A 7 8.33 1.76 16.26
N GLU A 8 7.30 2.58 16.11
CA GLU A 8 6.12 2.46 16.96
C GLU A 8 4.89 2.97 16.22
N GLY A 9 4.67 2.42 15.03
CA GLY A 9 3.53 2.80 14.23
C GLY A 9 3.45 1.96 12.95
N TYR A 10 2.26 1.46 12.68
CA TYR A 10 2.04 0.64 11.50
C TYR A 10 1.17 1.37 10.48
N GLU A 11 -0.09 1.56 10.86
CA GLU A 11 -1.04 2.24 9.99
C GLU A 11 -0.35 3.41 9.26
N GLN A 12 0.28 4.27 10.05
CA GLN A 12 0.97 5.42 9.50
C GLN A 12 1.79 5.01 8.28
N ASP A 13 2.64 4.01 8.48
CA ASP A 13 3.49 3.52 7.40
C ASP A 13 2.61 3.03 6.25
N PHE A 14 1.71 2.11 6.58
CA PHE A 14 0.80 1.55 5.59
C PHE A 14 0.13 2.67 4.78
N ALA A 15 -0.53 3.57 5.51
CA ALA A 15 -1.22 4.67 4.88
C ALA A 15 -0.26 5.39 3.93
N VAL A 16 0.82 5.90 4.51
CA VAL A 16 1.82 6.61 3.72
C VAL A 16 2.21 5.76 2.51
N LEU A 17 2.22 4.46 2.73
CA LEU A 17 2.57 3.53 1.66
C LEU A 17 1.46 3.52 0.61
N THR A 18 0.24 3.34 1.09
CA THR A 18 -0.92 3.31 0.21
C THR A 18 -1.10 4.66 -0.48
N ALA A 19 -0.36 5.65 0.01
CA ALA A 19 -0.43 6.98 -0.55
C ALA A 19 0.68 7.15 -1.59
N GLU A 20 1.91 6.86 -1.17
CA GLU A 20 3.05 6.98 -2.05
C GLU A 20 2.89 6.05 -3.26
N ILE A 21 2.56 4.81 -2.97
CA ILE A 21 2.37 3.82 -4.02
C ILE A 21 1.37 4.36 -5.04
N THR A 22 0.18 4.70 -4.55
CA THR A 22 -0.87 5.23 -5.41
C THR A 22 -0.29 6.28 -6.37
N SER A 23 0.37 7.27 -5.79
CA SER A 23 0.97 8.33 -6.58
C SER A 23 1.87 7.73 -7.66
N LYS A 24 2.85 6.97 -7.22
CA LYS A 24 3.78 6.33 -8.14
C LYS A 24 3.00 5.53 -9.18
N ILE A 25 1.91 4.92 -8.71
CA ILE A 25 1.08 4.12 -9.59
C ILE A 25 0.45 5.02 -10.66
N ALA A 26 0.20 6.26 -10.26
CA ALA A 26 -0.39 7.23 -11.18
C ALA A 26 0.70 7.83 -12.05
N ARG A 27 1.94 7.56 -11.67
CA ARG A 27 3.09 8.06 -12.41
C ARG A 27 3.62 7.00 -13.36
N VAL A 28 3.30 5.75 -13.06
CA VAL A 28 3.74 4.64 -13.87
C VAL A 28 3.35 4.90 -15.33
N PRO A 29 2.06 5.27 -15.53
CA PRO A 29 1.56 5.55 -16.86
C PRO A 29 2.06 6.91 -17.36
N ARG A 30 2.86 7.56 -16.52
CA ARG A 30 3.41 8.86 -16.85
C ARG A 30 4.92 8.86 -16.69
N LEU A 31 5.49 7.66 -16.72
CA LEU A 31 6.93 7.51 -16.57
C LEU A 31 7.50 6.80 -17.80
N PRO A 32 8.83 6.98 -18.00
CA PRO A 32 9.50 6.37 -19.14
C PRO A 32 9.70 4.88 -18.92
N PRO A 33 10.13 4.18 -20.00
CA PRO A 33 10.37 2.75 -19.93
C PRO A 33 11.67 2.44 -19.18
N ASP A 34 12.32 3.51 -18.74
CA ASP A 34 13.58 3.37 -18.03
C ASP A 34 13.30 3.45 -16.52
N GLU A 35 12.39 4.35 -16.16
CA GLU A 35 12.04 4.53 -14.76
C GLU A 35 10.79 3.71 -14.43
N LYS A 36 9.96 3.51 -15.44
CA LYS A 36 8.74 2.74 -15.27
C LYS A 36 9.09 1.32 -14.80
N LYS A 37 9.89 0.65 -15.61
CA LYS A 37 10.30 -0.71 -15.30
C LYS A 37 10.58 -0.82 -13.80
N GLN A 38 11.48 0.03 -13.34
CA GLN A 38 11.84 0.03 -11.93
C GLN A 38 10.64 0.40 -11.07
N MET A 39 9.98 1.48 -11.47
CA MET A 39 8.81 1.95 -10.74
C MET A 39 7.79 0.82 -10.56
N VAL A 40 7.46 0.17 -11.67
CA VAL A 40 6.51 -0.92 -11.65
C VAL A 40 6.97 -1.97 -10.63
N ALA A 41 8.25 -1.94 -10.34
CA ALA A 41 8.83 -2.87 -9.39
C ALA A 41 8.86 -2.23 -7.99
N ASN A 42 9.21 -0.95 -7.98
CA ASN A 42 9.28 -0.22 -6.73
C ASN A 42 7.95 -0.37 -5.97
N VAL A 43 6.87 -0.25 -6.73
CA VAL A 43 5.54 -0.37 -6.14
C VAL A 43 5.34 -1.80 -5.64
N GLU A 44 5.85 -2.74 -6.41
CA GLU A 44 5.73 -4.15 -6.05
C GLU A 44 6.38 -4.40 -4.69
N LYS A 45 7.24 -3.47 -4.29
CA LYS A 45 7.93 -3.59 -3.01
C LYS A 45 7.06 -2.96 -1.92
N GLN A 46 6.85 -1.66 -2.06
CA GLN A 46 6.04 -0.92 -1.09
C GLN A 46 4.72 -1.64 -0.85
N LEU A 47 4.22 -2.28 -1.90
CA LEU A 47 2.96 -3.00 -1.81
C LEU A 47 3.14 -4.20 -0.88
N GLU A 48 3.98 -5.13 -1.30
CA GLU A 48 4.23 -6.32 -0.52
C GLU A 48 4.61 -5.94 0.91
N GLU A 49 5.27 -4.79 1.03
CA GLU A 49 5.69 -4.30 2.34
C GLU A 49 4.47 -3.95 3.19
N ALA A 50 3.42 -3.51 2.52
CA ALA A 50 2.19 -3.14 3.20
C ALA A 50 1.36 -4.39 3.46
N ARG A 51 1.56 -5.39 2.61
CA ARG A 51 0.83 -6.64 2.74
C ARG A 51 1.10 -7.27 4.11
N GLU A 52 2.34 -7.15 4.54
CA GLU A 52 2.75 -7.70 5.82
C GLU A 52 2.10 -6.90 6.97
N LEU A 53 1.85 -5.64 6.69
CA LEU A 53 1.24 -4.76 7.68
C LEU A 53 -0.16 -5.28 8.02
N LEU A 54 -0.93 -5.52 6.96
CA LEU A 54 -2.29 -6.00 7.13
C LEU A 54 -2.27 -7.25 8.01
N GLU A 55 -1.21 -8.03 7.84
CA GLU A 55 -1.06 -9.27 8.60
C GLU A 55 -0.95 -8.95 10.09
N GLN A 56 0.10 -8.21 10.43
CA GLN A 56 0.33 -7.82 11.81
C GLN A 56 -0.83 -6.98 12.33
N MET A 57 -1.32 -6.11 11.47
CA MET A 57 -2.43 -5.23 11.83
C MET A 57 -3.65 -6.05 12.23
N ASP A 58 -4.00 -6.99 11.36
CA ASP A 58 -5.16 -7.84 11.61
C ASP A 58 -4.81 -8.86 12.69
N LEU A 59 -3.52 -9.06 12.87
CA LEU A 59 -3.03 -10.02 13.86
C LEU A 59 -2.71 -9.27 15.16
N GLU A 60 -3.03 -7.99 15.16
CA GLU A 60 -2.78 -7.16 16.33
C GLU A 60 -4.10 -6.63 16.90
N VAL A 61 -4.98 -6.23 16.00
CA VAL A 61 -6.28 -5.71 16.40
C VAL A 61 -6.91 -6.65 17.43
N ARG A 62 -6.51 -7.91 17.34
CA ARG A 62 -7.02 -8.91 18.27
C ARG A 62 -6.63 -8.56 19.70
N GLU A 63 -5.44 -8.01 19.84
CA GLU A 63 -4.94 -7.62 21.15
C GLU A 63 -5.63 -6.34 21.63
N ILE A 64 -5.80 -5.42 20.69
CA ILE A 64 -6.44 -4.15 21.01
C ILE A 64 -7.63 -4.40 21.94
N PRO A 65 -7.81 -3.45 22.89
CA PRO A 65 -8.90 -3.55 23.86
C PRO A 65 -10.24 -3.21 23.21
N PRO A 66 -11.34 -3.62 23.91
CA PRO A 66 -12.68 -3.38 23.40
C PRO A 66 -13.07 -1.91 23.59
N GLN A 67 -12.13 -1.15 24.13
CA GLN A 67 -12.35 0.28 24.37
C GLN A 67 -11.71 1.11 23.25
N SER A 68 -10.63 0.57 22.71
CA SER A 68 -9.92 1.25 21.64
C SER A 68 -10.40 0.74 20.28
N ARG A 69 -10.80 -0.52 20.27
CA ARG A 69 -11.29 -1.15 19.05
C ARG A 69 -12.55 -0.43 18.55
N GLY A 70 -13.11 -0.97 17.48
CA GLY A 70 -14.31 -0.39 16.89
C GLY A 70 -14.03 0.15 15.49
N MET A 71 -13.42 1.33 15.45
CA MET A 71 -13.09 1.97 14.19
C MET A 71 -12.08 1.12 13.40
N TYR A 72 -11.02 0.72 14.08
CA TYR A 72 -9.99 -0.09 13.45
C TYR A 72 -10.61 -1.13 12.51
N SER A 73 -11.69 -1.75 13.00
CA SER A 73 -12.38 -2.76 12.21
C SER A 73 -13.02 -2.13 10.99
N ASN A 74 -13.84 -1.12 11.24
CA ASN A 74 -14.52 -0.42 10.16
C ASN A 74 -13.50 0.01 9.11
N ARG A 75 -12.26 0.12 9.55
CA ARG A 75 -11.18 0.54 8.66
C ARG A 75 -10.54 -0.70 8.02
N MET A 76 -10.38 -1.74 8.83
CA MET A 76 -9.79 -2.97 8.35
C MET A 76 -10.41 -3.40 7.03
N ARG A 77 -11.70 -3.15 6.90
CA ARG A 77 -12.43 -3.51 5.69
C ARG A 77 -12.04 -2.58 4.55
N SER A 78 -12.07 -1.29 4.83
CA SER A 78 -11.73 -0.30 3.83
C SER A 78 -10.28 -0.49 3.38
N TYR A 79 -9.41 -0.65 4.35
CA TYR A 79 -7.99 -0.84 4.08
C TYR A 79 -7.80 -1.87 2.95
N LYS A 80 -8.15 -3.11 3.24
CA LYS A 80 -8.03 -4.18 2.27
C LYS A 80 -8.53 -3.69 0.92
N GLN A 81 -9.80 -3.29 0.90
CA GLN A 81 -10.41 -2.80 -0.32
C GLN A 81 -9.45 -1.89 -1.07
N GLU A 82 -8.84 -0.98 -0.33
CA GLU A 82 -7.89 -0.05 -0.91
C GLU A 82 -6.64 -0.78 -1.40
N MET A 83 -5.98 -1.45 -0.46
CA MET A 83 -4.78 -2.19 -0.78
C MET A 83 -5.01 -3.11 -2.00
N GLY A 84 -5.87 -4.09 -1.80
CA GLY A 84 -6.18 -5.03 -2.87
C GLY A 84 -6.43 -4.29 -4.19
N LYS A 85 -7.00 -3.11 -4.07
CA LYS A 85 -7.31 -2.30 -5.24
C LYS A 85 -6.01 -1.74 -5.81
N LEU A 86 -5.13 -1.32 -4.91
CA LEU A 86 -3.86 -0.76 -5.32
C LEU A 86 -3.14 -1.76 -6.24
N GLU A 87 -3.49 -3.03 -6.07
CA GLU A 87 -2.90 -4.08 -6.88
C GLU A 87 -3.41 -4.01 -8.32
N THR A 88 -4.70 -3.73 -8.44
CA THR A 88 -5.32 -3.63 -9.74
C THR A 88 -4.89 -2.34 -10.44
N ASP A 89 -5.34 -1.23 -9.89
CA ASP A 89 -5.01 0.07 -10.45
C ASP A 89 -3.54 0.09 -10.85
N PHE A 90 -2.72 -0.52 -10.00
CA PHE A 90 -1.29 -0.59 -10.25
C PHE A 90 -0.99 -1.28 -11.58
N LYS A 91 -1.61 -2.45 -11.75
CA LYS A 91 -1.42 -3.22 -12.96
C LYS A 91 -2.12 -2.52 -14.13
N ARG A 92 -3.15 -1.76 -13.78
CA ARG A 92 -3.91 -1.03 -14.78
C ARG A 92 -3.23 0.30 -15.09
N SER A 93 -2.13 0.55 -14.40
CA SER A 93 -1.37 1.78 -14.60
C SER A 93 -0.17 1.51 -15.52
N ARG A 94 0.39 0.32 -15.37
CA ARG A 94 1.54 -0.07 -16.16
C ARG A 94 1.10 -0.43 -17.58
N ILE A 95 -0.16 -0.81 -17.70
CA ILE A 95 -0.70 -1.18 -19.00
C ILE A 95 -1.30 0.06 -19.68
N ALA A 96 -0.52 1.13 -19.65
CA ALA A 96 -0.94 2.38 -20.25
C ALA A 96 0.07 2.81 -21.31
N SER A 97 -0.11 2.30 -22.51
CA SER A 97 0.78 2.61 -23.61
C SER A 97 0.07 2.36 -24.95
N GLY A 98 -0.20 3.45 -25.64
CA GLY A 98 -0.88 3.37 -26.93
C GLY A 98 -0.21 4.29 -27.95
N PRO A 99 0.32 3.66 -29.03
CA PRO A 99 0.98 4.41 -30.09
C PRO A 99 -0.03 5.12 -30.98
N SER A 100 -1.16 4.46 -31.18
CA SER A 100 -2.22 5.02 -32.01
C SER A 100 -3.37 5.51 -31.12
N SER A 101 -3.74 6.77 -31.32
CA SER A 101 -4.83 7.36 -30.55
C SER A 101 -6.16 7.01 -31.18
N GLY A 102 -6.95 6.22 -30.45
CA GLY A 102 -8.25 5.81 -30.93
C GLY A 102 -9.35 6.71 -30.37
N GLY A 1 27.07 -3.35 24.88
CA GLY A 1 25.72 -3.51 24.39
C GLY A 1 25.08 -2.15 24.10
N SER A 2 24.28 -1.69 25.05
CA SER A 2 23.61 -0.41 24.90
C SER A 2 22.99 -0.28 23.51
N SER A 3 21.73 -0.66 23.42
CA SER A 3 21.02 -0.61 22.15
C SER A 3 19.66 0.06 22.34
N GLY A 4 19.04 0.40 21.23
CA GLY A 4 17.74 1.05 21.25
C GLY A 4 17.17 1.20 19.84
N SER A 5 15.90 1.60 19.78
CA SER A 5 15.24 1.79 18.52
C SER A 5 13.87 2.44 18.73
N SER A 6 13.35 3.02 17.67
CA SER A 6 12.05 3.68 17.73
C SER A 6 11.20 3.26 16.53
N GLY A 7 9.90 3.12 16.78
CA GLY A 7 8.97 2.73 15.74
C GLY A 7 7.53 2.92 16.19
N GLU A 8 6.85 1.81 16.43
CA GLU A 8 5.46 1.84 16.86
C GLU A 8 4.59 2.48 15.80
N GLY A 9 3.39 1.94 15.65
CA GLY A 9 2.45 2.46 14.67
C GLY A 9 2.52 1.65 13.37
N TYR A 10 1.35 1.36 12.83
CA TYR A 10 1.27 0.61 11.59
C TYR A 10 0.44 1.35 10.54
N GLU A 11 -0.83 1.57 10.88
CA GLU A 11 -1.73 2.27 9.98
C GLU A 11 -1.00 3.41 9.28
N GLN A 12 -0.35 4.24 10.08
CA GLN A 12 0.39 5.37 9.54
C GLN A 12 1.32 4.92 8.42
N ASP A 13 2.30 4.11 8.79
CA ASP A 13 3.26 3.61 7.82
C ASP A 13 2.51 3.18 6.55
N PHE A 14 1.64 2.20 6.71
CA PHE A 14 0.85 1.69 5.60
C PHE A 14 0.18 2.84 4.84
N ALA A 15 -0.60 3.62 5.57
CA ALA A 15 -1.30 4.74 4.99
C ALA A 15 -0.36 5.50 4.06
N VAL A 16 0.79 5.89 4.62
CA VAL A 16 1.78 6.63 3.85
C VAL A 16 2.17 5.82 2.61
N LEU A 17 2.54 4.57 2.85
CA LEU A 17 2.93 3.68 1.77
C LEU A 17 1.87 3.74 0.67
N THR A 18 0.73 3.13 0.95
CA THR A 18 -0.37 3.10 -0.01
C THR A 18 -0.47 4.44 -0.73
N ALA A 19 -0.22 5.52 0.02
CA ALA A 19 -0.29 6.85 -0.53
C ALA A 19 0.78 7.00 -1.62
N GLU A 20 2.03 6.98 -1.19
CA GLU A 20 3.15 7.11 -2.10
C GLU A 20 2.99 6.15 -3.27
N ILE A 21 2.42 4.99 -2.97
CA ILE A 21 2.21 3.97 -3.99
C ILE A 21 1.19 4.48 -5.01
N THR A 22 -0.03 4.69 -4.52
CA THR A 22 -1.10 5.18 -5.37
C THR A 22 -0.57 6.24 -6.34
N SER A 23 0.15 7.20 -5.78
CA SER A 23 0.71 8.29 -6.57
C SER A 23 1.57 7.70 -7.70
N LYS A 24 2.57 6.94 -7.30
CA LYS A 24 3.47 6.33 -8.27
C LYS A 24 2.65 5.56 -9.31
N ILE A 25 1.67 4.82 -8.81
CA ILE A 25 0.81 4.04 -9.68
C ILE A 25 0.20 4.96 -10.75
N ALA A 26 0.16 6.24 -10.43
CA ALA A 26 -0.39 7.23 -11.34
C ALA A 26 0.74 7.78 -12.23
N ARG A 27 1.95 7.69 -11.70
CA ARG A 27 3.12 8.17 -12.42
C ARG A 27 3.76 7.03 -13.21
N VAL A 28 3.25 5.84 -12.99
CA VAL A 28 3.77 4.66 -13.67
C VAL A 28 3.47 4.77 -15.17
N PRO A 29 2.18 5.07 -15.47
CA PRO A 29 1.75 5.20 -16.85
C PRO A 29 2.24 6.53 -17.45
N ARG A 30 2.88 7.32 -16.60
CA ARG A 30 3.40 8.61 -17.03
C ARG A 30 4.93 8.57 -17.12
N LEU A 31 5.51 7.75 -16.27
CA LEU A 31 6.96 7.61 -16.24
C LEU A 31 7.43 6.93 -17.54
N PRO A 32 8.74 7.10 -17.84
CA PRO A 32 9.32 6.52 -19.03
C PRO A 32 9.52 5.01 -18.86
N PRO A 33 9.92 4.35 -19.99
CA PRO A 33 10.15 2.92 -19.97
C PRO A 33 11.46 2.58 -19.28
N ASP A 34 12.12 3.62 -18.79
CA ASP A 34 13.39 3.46 -18.10
C ASP A 34 13.16 3.53 -16.59
N GLU A 35 12.30 4.46 -16.20
CA GLU A 35 12.00 4.65 -14.79
C GLU A 35 10.76 3.82 -14.41
N LYS A 36 9.93 3.56 -15.42
CA LYS A 36 8.71 2.80 -15.21
C LYS A 36 9.08 1.39 -14.73
N LYS A 37 9.87 0.71 -15.55
CA LYS A 37 10.29 -0.65 -15.23
C LYS A 37 10.59 -0.74 -13.73
N GLN A 38 11.51 0.11 -13.29
CA GLN A 38 11.90 0.13 -11.89
C GLN A 38 10.71 0.51 -11.01
N MET A 39 10.03 1.57 -11.42
CA MET A 39 8.86 2.03 -10.69
C MET A 39 7.85 0.91 -10.49
N VAL A 40 7.57 0.20 -11.58
CA VAL A 40 6.62 -0.90 -11.54
C VAL A 40 7.12 -1.96 -10.56
N ALA A 41 8.40 -1.86 -10.24
CA ALA A 41 9.01 -2.80 -9.31
C ALA A 41 9.06 -2.18 -7.91
N ASN A 42 9.34 -0.89 -7.89
CA ASN A 42 9.42 -0.16 -6.63
C ASN A 42 8.07 -0.24 -5.91
N VAL A 43 7.02 -0.25 -6.72
CA VAL A 43 5.67 -0.31 -6.18
C VAL A 43 5.40 -1.73 -5.67
N GLU A 44 5.99 -2.69 -6.36
CA GLU A 44 5.81 -4.09 -6.00
C GLU A 44 6.28 -4.32 -4.55
N LYS A 45 7.32 -3.60 -4.18
CA LYS A 45 7.87 -3.70 -2.84
C LYS A 45 6.96 -2.96 -1.86
N GLN A 46 6.77 -1.68 -2.14
CA GLN A 46 5.94 -0.85 -1.30
C GLN A 46 4.56 -1.49 -1.10
N LEU A 47 4.14 -2.24 -2.12
CA LEU A 47 2.86 -2.92 -2.07
C LEU A 47 2.96 -4.13 -1.14
N GLU A 48 3.90 -5.01 -1.47
CA GLU A 48 4.11 -6.21 -0.68
C GLU A 48 4.50 -5.84 0.75
N GLU A 49 5.11 -4.68 0.88
CA GLU A 49 5.53 -4.20 2.19
C GLU A 49 4.32 -3.79 3.03
N ALA A 50 3.28 -3.37 2.33
CA ALA A 50 2.05 -2.95 3.00
C ALA A 50 1.16 -4.18 3.23
N ARG A 51 1.27 -5.12 2.32
CA ARG A 51 0.49 -6.34 2.40
C ARG A 51 0.67 -7.00 3.77
N GLU A 52 1.92 -7.07 4.20
CA GLU A 52 2.24 -7.66 5.49
C GLU A 52 1.60 -6.85 6.62
N LEU A 53 1.61 -5.54 6.45
CA LEU A 53 1.04 -4.65 7.44
C LEU A 53 -0.39 -5.09 7.75
N LEU A 54 -1.21 -5.13 6.71
CA LEU A 54 -2.60 -5.53 6.86
C LEU A 54 -2.66 -6.84 7.66
N GLU A 55 -1.66 -7.67 7.45
CA GLU A 55 -1.60 -8.95 8.14
C GLU A 55 -1.38 -8.72 9.64
N GLN A 56 -0.24 -8.11 9.96
CA GLN A 56 0.10 -7.83 11.34
C GLN A 56 -1.03 -7.03 12.01
N MET A 57 -1.44 -5.98 11.32
CA MET A 57 -2.51 -5.12 11.83
C MET A 57 -3.75 -5.93 12.18
N ASP A 58 -4.18 -6.75 11.23
CA ASP A 58 -5.35 -7.59 11.42
C ASP A 58 -5.08 -8.57 12.57
N LEU A 59 -4.00 -9.33 12.42
CA LEU A 59 -3.63 -10.31 13.43
C LEU A 59 -3.33 -9.59 14.74
N GLU A 60 -3.20 -8.27 14.65
CA GLU A 60 -2.92 -7.45 15.83
C GLU A 60 -4.23 -6.94 16.43
N VAL A 61 -4.97 -6.20 15.62
CA VAL A 61 -6.23 -5.64 16.07
C VAL A 61 -6.97 -6.68 16.90
N ARG A 62 -6.72 -7.95 16.58
CA ARG A 62 -7.36 -9.04 17.29
C ARG A 62 -7.10 -8.93 18.79
N GLU A 63 -5.84 -8.70 19.13
CA GLU A 63 -5.44 -8.56 20.52
C GLU A 63 -6.13 -7.34 21.14
N ILE A 64 -6.17 -6.27 20.37
CA ILE A 64 -6.78 -5.04 20.84
C ILE A 64 -8.13 -5.36 21.49
N PRO A 65 -8.42 -4.62 22.60
CA PRO A 65 -9.66 -4.82 23.32
C PRO A 65 -10.85 -4.21 22.56
N PRO A 66 -12.08 -4.58 23.01
CA PRO A 66 -13.28 -4.07 22.38
C PRO A 66 -13.54 -2.61 22.77
N GLN A 67 -12.62 -2.08 23.56
CA GLN A 67 -12.73 -0.70 24.01
C GLN A 67 -11.80 0.20 23.21
N SER A 68 -11.01 -0.44 22.36
CA SER A 68 -10.06 0.29 21.52
C SER A 68 -10.23 -0.12 20.06
N ARG A 69 -10.38 -1.42 19.85
CA ARG A 69 -10.55 -1.95 18.51
C ARG A 69 -11.41 -1.01 17.67
N GLY A 70 -12.40 -0.42 18.33
CA GLY A 70 -13.31 0.51 17.66
C GLY A 70 -12.55 1.38 16.66
N MET A 71 -13.14 1.55 15.49
CA MET A 71 -12.54 2.36 14.45
C MET A 71 -11.49 1.55 13.67
N TYR A 72 -10.55 0.99 14.42
CA TYR A 72 -9.49 0.20 13.83
C TYR A 72 -10.07 -0.91 12.94
N SER A 73 -10.83 -1.78 13.57
CA SER A 73 -11.45 -2.88 12.84
C SER A 73 -12.04 -2.38 11.52
N ASN A 74 -12.93 -1.41 11.65
CA ASN A 74 -13.57 -0.84 10.48
C ASN A 74 -12.51 -0.47 9.44
N ARG A 75 -11.43 0.11 9.93
CA ARG A 75 -10.33 0.51 9.06
C ARG A 75 -9.76 -0.71 8.33
N MET A 76 -9.63 -1.80 9.06
CA MET A 76 -9.11 -3.03 8.49
C MET A 76 -9.97 -3.50 7.32
N ARG A 77 -11.27 -3.24 7.42
CA ARG A 77 -12.19 -3.63 6.38
C ARG A 77 -12.10 -2.65 5.20
N SER A 78 -11.61 -1.46 5.49
CA SER A 78 -11.47 -0.43 4.47
C SER A 78 -10.15 -0.63 3.72
N TYR A 79 -9.07 -0.69 4.48
CA TYR A 79 -7.75 -0.88 3.89
C TYR A 79 -7.80 -1.91 2.76
N LYS A 80 -8.17 -3.13 3.13
CA LYS A 80 -8.26 -4.21 2.15
C LYS A 80 -8.85 -3.67 0.85
N GLN A 81 -9.99 -3.00 0.98
CA GLN A 81 -10.67 -2.44 -0.16
C GLN A 81 -9.67 -1.70 -1.06
N GLU A 82 -9.01 -0.71 -0.47
CA GLU A 82 -8.03 0.08 -1.20
C GLU A 82 -6.84 -0.80 -1.59
N MET A 83 -6.19 -1.36 -0.57
CA MET A 83 -5.03 -2.21 -0.80
C MET A 83 -5.24 -3.11 -2.02
N GLY A 84 -6.25 -3.96 -1.92
CA GLY A 84 -6.56 -4.88 -2.99
C GLY A 84 -6.70 -4.13 -4.32
N LYS A 85 -7.24 -2.92 -4.23
CA LYS A 85 -7.43 -2.09 -5.40
C LYS A 85 -6.07 -1.61 -5.92
N LEU A 86 -5.18 -1.32 -4.98
CA LEU A 86 -3.86 -0.85 -5.32
C LEU A 86 -3.15 -1.91 -6.18
N GLU A 87 -3.60 -3.14 -6.02
CA GLU A 87 -3.03 -4.25 -6.77
C GLU A 87 -3.49 -4.20 -8.23
N THR A 88 -4.71 -3.71 -8.41
CA THR A 88 -5.27 -3.60 -9.75
C THR A 88 -4.80 -2.32 -10.42
N ASP A 89 -5.19 -1.20 -9.83
CA ASP A 89 -4.82 0.10 -10.36
C ASP A 89 -3.33 0.09 -10.73
N PHE A 90 -2.60 -0.76 -10.04
CA PHE A 90 -1.16 -0.88 -10.27
C PHE A 90 -0.90 -1.64 -11.58
N LYS A 91 -1.61 -2.74 -11.75
CA LYS A 91 -1.45 -3.56 -12.94
C LYS A 91 -2.07 -2.83 -14.14
N ARG A 92 -3.09 -2.04 -13.84
CA ARG A 92 -3.77 -1.28 -14.89
C ARG A 92 -3.02 0.02 -15.18
N SER A 93 -1.95 0.22 -14.43
CA SER A 93 -1.13 1.42 -14.60
C SER A 93 0.18 1.06 -15.32
N ARG A 94 0.72 -0.09 -14.95
CA ARG A 94 1.97 -0.55 -15.55
C ARG A 94 1.72 -1.00 -16.99
N ILE A 95 0.45 -1.28 -17.28
CA ILE A 95 0.07 -1.72 -18.61
C ILE A 95 -0.13 -0.51 -19.51
N ALA A 96 -0.88 0.45 -18.99
CA ALA A 96 -1.16 1.66 -19.73
C ALA A 96 -1.39 1.31 -21.21
N SER A 97 -2.36 0.43 -21.43
CA SER A 97 -2.67 0.00 -22.78
C SER A 97 -4.19 -0.08 -22.96
N GLY A 98 -4.60 -0.28 -24.21
CA GLY A 98 -6.02 -0.38 -24.52
C GLY A 98 -6.63 1.01 -24.72
N PRO A 99 -7.87 1.02 -25.27
CA PRO A 99 -8.57 2.27 -25.53
C PRO A 99 -9.11 2.87 -24.23
N SER A 100 -9.82 2.04 -23.48
CA SER A 100 -10.40 2.47 -22.22
C SER A 100 -9.29 2.67 -21.18
N SER A 101 -9.37 3.80 -20.49
CA SER A 101 -8.39 4.11 -19.47
C SER A 101 -6.99 4.22 -20.09
N GLY A 102 -6.46 5.43 -20.07
CA GLY A 102 -5.14 5.68 -20.63
C GLY A 102 -4.50 6.91 -19.99
N GLY A 1 22.07 19.40 23.97
CA GLY A 1 20.86 19.70 24.73
C GLY A 1 19.90 18.51 24.74
N SER A 2 18.90 18.58 23.89
CA SER A 2 17.92 17.52 23.79
C SER A 2 18.12 16.71 22.50
N SER A 3 17.58 15.51 22.49
CA SER A 3 17.69 14.65 21.32
C SER A 3 16.39 14.66 20.53
N GLY A 4 15.32 14.23 21.19
CA GLY A 4 14.01 14.18 20.56
C GLY A 4 13.14 13.10 21.19
N SER A 5 12.36 12.45 20.34
CA SER A 5 11.47 11.39 20.79
C SER A 5 10.71 10.80 19.60
N SER A 6 10.39 9.52 19.72
CA SER A 6 9.66 8.83 18.66
C SER A 6 8.73 7.78 19.27
N GLY A 7 7.72 7.41 18.50
CA GLY A 7 6.76 6.42 18.95
C GLY A 7 6.64 5.27 17.94
N GLU A 8 5.44 4.70 17.89
CA GLU A 8 5.18 3.59 16.98
C GLU A 8 3.82 3.77 16.31
N GLY A 9 3.60 2.99 15.26
CA GLY A 9 2.36 3.06 14.53
C GLY A 9 2.44 2.26 13.22
N TYR A 10 1.34 1.61 12.89
CA TYR A 10 1.27 0.81 11.68
C TYR A 10 0.49 1.53 10.58
N GLU A 11 -0.77 1.79 10.88
CA GLU A 11 -1.64 2.47 9.93
C GLU A 11 -0.90 3.64 9.29
N GLN A 12 -0.14 4.34 10.12
CA GLN A 12 0.63 5.49 9.65
C GLN A 12 1.57 5.07 8.52
N ASP A 13 2.47 4.15 8.86
CA ASP A 13 3.43 3.66 7.88
C ASP A 13 2.69 3.18 6.63
N PHE A 14 1.71 2.31 6.86
CA PHE A 14 0.92 1.77 5.77
C PHE A 14 0.30 2.89 4.94
N ALA A 15 -0.45 3.74 5.63
CA ALA A 15 -1.12 4.86 4.97
C ALA A 15 -0.12 5.57 4.06
N VAL A 16 1.02 5.92 4.63
CA VAL A 16 2.05 6.61 3.88
C VAL A 16 2.44 5.77 2.66
N LEU A 17 2.64 4.48 2.92
CA LEU A 17 3.02 3.56 1.87
C LEU A 17 1.96 3.61 0.75
N THR A 18 0.76 3.16 1.10
CA THR A 18 -0.34 3.14 0.15
C THR A 18 -0.33 4.42 -0.68
N ALA A 19 -0.57 5.54 0.01
CA ALA A 19 -0.60 6.83 -0.66
C ALA A 19 0.59 6.93 -1.62
N GLU A 20 1.77 6.67 -1.07
CA GLU A 20 2.99 6.73 -1.86
C GLU A 20 2.87 5.84 -3.09
N ILE A 21 2.58 4.57 -2.84
CA ILE A 21 2.43 3.61 -3.92
C ILE A 21 1.42 4.14 -4.95
N THR A 22 0.20 4.33 -4.47
CA THR A 22 -0.86 4.84 -5.33
C THR A 22 -0.31 5.90 -6.28
N SER A 23 0.47 6.80 -5.72
CA SER A 23 1.07 7.88 -6.50
C SER A 23 1.91 7.29 -7.64
N LYS A 24 2.95 6.57 -7.25
CA LYS A 24 3.84 5.95 -8.22
C LYS A 24 3.01 5.16 -9.24
N ILE A 25 1.87 4.66 -8.77
CA ILE A 25 0.98 3.90 -9.62
C ILE A 25 0.27 4.84 -10.60
N ALA A 26 0.08 6.07 -10.15
CA ALA A 26 -0.58 7.07 -10.98
C ALA A 26 0.46 7.79 -11.83
N ARG A 27 1.73 7.45 -11.57
CA ARG A 27 2.82 8.06 -12.31
C ARG A 27 3.42 7.04 -13.30
N VAL A 28 3.04 5.79 -13.11
CA VAL A 28 3.52 4.72 -13.97
C VAL A 28 3.18 5.06 -15.42
N PRO A 29 1.88 5.37 -15.65
CA PRO A 29 1.42 5.71 -16.99
C PRO A 29 1.87 7.11 -17.38
N ARG A 30 2.60 7.75 -16.48
CA ARG A 30 3.09 9.09 -16.72
C ARG A 30 4.62 9.10 -16.78
N LEU A 31 5.20 7.96 -16.40
CA LEU A 31 6.64 7.83 -16.42
C LEU A 31 7.08 7.12 -17.70
N PRO A 32 8.38 7.30 -18.05
CA PRO A 32 8.93 6.69 -19.25
C PRO A 32 9.16 5.20 -19.03
N PRO A 33 9.55 4.52 -20.15
CA PRO A 33 9.80 3.09 -20.11
C PRO A 33 11.13 2.78 -19.40
N ASP A 34 11.76 3.85 -18.94
CA ASP A 34 13.05 3.71 -18.25
C ASP A 34 12.82 3.78 -16.74
N GLU A 35 11.99 4.73 -16.35
CA GLU A 35 11.68 4.93 -14.94
C GLU A 35 10.47 4.06 -14.54
N LYS A 36 9.55 3.95 -15.47
CA LYS A 36 8.35 3.17 -15.23
C LYS A 36 8.74 1.78 -14.72
N LYS A 37 9.52 1.08 -15.54
CA LYS A 37 9.97 -0.25 -15.20
C LYS A 37 10.33 -0.29 -13.71
N GLN A 38 11.25 0.58 -13.33
CA GLN A 38 11.69 0.66 -11.95
C GLN A 38 10.50 0.86 -11.02
N MET A 39 9.68 1.84 -11.37
CA MET A 39 8.50 2.15 -10.58
C MET A 39 7.58 0.93 -10.47
N VAL A 40 7.46 0.22 -11.57
CA VAL A 40 6.63 -0.97 -11.61
C VAL A 40 7.26 -2.07 -10.74
N ALA A 41 8.48 -1.79 -10.30
CA ALA A 41 9.20 -2.74 -9.46
C ALA A 41 9.20 -2.24 -8.02
N ASN A 42 9.40 -0.94 -7.87
CA ASN A 42 9.41 -0.33 -6.55
C ASN A 42 8.08 -0.59 -5.85
N VAL A 43 7.02 -0.53 -6.65
CA VAL A 43 5.68 -0.76 -6.12
C VAL A 43 5.54 -2.22 -5.70
N GLU A 44 6.12 -3.09 -6.52
CA GLU A 44 6.05 -4.51 -6.24
C GLU A 44 6.54 -4.80 -4.82
N LYS A 45 7.46 -3.96 -4.36
CA LYS A 45 8.01 -4.10 -3.02
C LYS A 45 7.09 -3.41 -2.01
N GLN A 46 7.02 -2.10 -2.13
CA GLN A 46 6.18 -1.31 -1.25
C GLN A 46 4.86 -2.02 -0.98
N LEU A 47 4.41 -2.75 -2.00
CA LEU A 47 3.16 -3.49 -1.90
C LEU A 47 3.35 -4.69 -0.98
N GLU A 48 4.29 -5.55 -1.37
CA GLU A 48 4.59 -6.74 -0.59
C GLU A 48 4.99 -6.36 0.83
N GLU A 49 5.49 -5.14 0.97
CA GLU A 49 5.91 -4.64 2.26
C GLU A 49 4.69 -4.34 3.14
N ALA A 50 3.82 -3.49 2.62
CA ALA A 50 2.62 -3.12 3.34
C ALA A 50 1.75 -4.36 3.56
N ARG A 51 1.80 -5.25 2.59
CA ARG A 51 1.03 -6.49 2.66
C ARG A 51 1.13 -7.09 4.06
N GLU A 52 2.34 -7.03 4.61
CA GLU A 52 2.59 -7.56 5.94
C GLU A 52 1.83 -6.74 6.99
N LEU A 53 1.87 -5.43 6.81
CA LEU A 53 1.20 -4.52 7.73
C LEU A 53 -0.23 -5.01 7.97
N LEU A 54 -1.00 -5.02 6.88
CA LEU A 54 -2.38 -5.47 6.95
C LEU A 54 -2.47 -6.75 7.78
N GLU A 55 -1.44 -7.57 7.64
CA GLU A 55 -1.38 -8.83 8.37
C GLU A 55 -1.30 -8.56 9.88
N GLN A 56 -0.17 -8.00 10.28
CA GLN A 56 0.05 -7.70 11.69
C GLN A 56 -1.13 -6.92 12.25
N MET A 57 -1.58 -5.94 11.47
CA MET A 57 -2.70 -5.11 11.87
C MET A 57 -3.95 -5.96 12.13
N ASP A 58 -4.17 -6.92 11.25
CA ASP A 58 -5.31 -7.81 11.37
C ASP A 58 -5.06 -8.82 12.49
N LEU A 59 -3.84 -9.35 12.49
CA LEU A 59 -3.46 -10.32 13.50
C LEU A 59 -3.44 -9.66 14.88
N GLU A 60 -3.53 -8.33 14.86
CA GLU A 60 -3.53 -7.57 16.09
C GLU A 60 -4.95 -7.12 16.44
N VAL A 61 -5.64 -6.60 15.44
CA VAL A 61 -7.00 -6.13 15.62
C VAL A 61 -7.79 -7.18 16.40
N ARG A 62 -7.34 -8.42 16.28
CA ARG A 62 -7.99 -9.53 16.97
C ARG A 62 -8.05 -9.26 18.47
N GLU A 63 -6.92 -8.84 19.01
CA GLU A 63 -6.83 -8.54 20.43
C GLU A 63 -7.71 -7.34 20.78
N ILE A 64 -7.65 -6.34 19.91
CA ILE A 64 -8.44 -5.13 20.12
C ILE A 64 -9.84 -5.52 20.59
N PRO A 65 -10.38 -4.68 21.51
CA PRO A 65 -11.71 -4.92 22.06
C PRO A 65 -12.79 -4.55 21.04
N PRO A 66 -14.03 -5.03 21.32
CA PRO A 66 -15.15 -4.74 20.44
C PRO A 66 -15.64 -3.30 20.61
N GLN A 67 -14.95 -2.58 21.48
CA GLN A 67 -15.30 -1.19 21.75
C GLN A 67 -14.34 -0.26 21.01
N SER A 68 -13.12 -0.74 20.83
CA SER A 68 -12.10 0.04 20.14
C SER A 68 -12.06 -0.33 18.66
N ARG A 69 -12.33 -1.60 18.40
CA ARG A 69 -12.33 -2.10 17.04
C ARG A 69 -13.34 -1.32 16.19
N GLY A 70 -14.37 -0.82 16.86
CA GLY A 70 -15.41 -0.05 16.19
C GLY A 70 -14.81 0.82 15.08
N MET A 71 -13.66 1.40 15.38
CA MET A 71 -12.98 2.25 14.43
C MET A 71 -11.92 1.48 13.64
N TYR A 72 -11.00 0.87 14.38
CA TYR A 72 -9.94 0.09 13.76
C TYR A 72 -10.51 -0.85 12.70
N SER A 73 -11.65 -1.42 13.00
CA SER A 73 -12.31 -2.34 12.07
C SER A 73 -12.80 -1.57 10.85
N ASN A 74 -13.70 -0.63 11.10
CA ASN A 74 -14.26 0.18 10.02
C ASN A 74 -13.14 0.57 9.05
N ARG A 75 -11.94 0.68 9.60
CA ARG A 75 -10.78 1.05 8.80
C ARG A 75 -10.23 -0.17 8.08
N MET A 76 -10.07 -1.25 8.84
CA MET A 76 -9.55 -2.49 8.28
C MET A 76 -10.31 -2.88 7.02
N ARG A 77 -11.59 -2.53 7.00
CA ARG A 77 -12.44 -2.85 5.87
C ARG A 77 -11.99 -2.08 4.64
N SER A 78 -11.59 -0.83 4.87
CA SER A 78 -11.14 0.03 3.79
C SER A 78 -9.75 -0.41 3.32
N TYR A 79 -8.84 -0.47 4.27
CA TYR A 79 -7.47 -0.88 3.97
C TYR A 79 -7.45 -2.02 2.96
N LYS A 80 -8.03 -3.13 3.36
CA LYS A 80 -8.08 -4.30 2.50
C LYS A 80 -8.58 -3.90 1.11
N GLN A 81 -9.69 -3.16 1.11
CA GLN A 81 -10.27 -2.70 -0.14
C GLN A 81 -9.22 -1.98 -0.98
N GLU A 82 -8.67 -0.93 -0.39
CA GLU A 82 -7.65 -0.14 -1.08
C GLU A 82 -6.47 -1.03 -1.46
N MET A 83 -5.84 -1.61 -0.45
CA MET A 83 -4.70 -2.48 -0.67
C MET A 83 -4.91 -3.37 -1.89
N GLY A 84 -5.92 -4.23 -1.80
CA GLY A 84 -6.24 -5.13 -2.88
C GLY A 84 -6.40 -4.38 -4.21
N LYS A 85 -6.92 -3.16 -4.09
CA LYS A 85 -7.12 -2.32 -5.26
C LYS A 85 -5.76 -1.90 -5.83
N LEU A 86 -4.88 -1.51 -4.91
CA LEU A 86 -3.55 -1.08 -5.30
C LEU A 86 -2.92 -2.14 -6.21
N GLU A 87 -3.31 -3.38 -5.98
CA GLU A 87 -2.79 -4.49 -6.78
C GLU A 87 -3.33 -4.41 -8.20
N THR A 88 -4.53 -3.83 -8.32
CA THR A 88 -5.16 -3.69 -9.62
C THR A 88 -4.65 -2.44 -10.33
N ASP A 89 -5.02 -1.30 -9.77
CA ASP A 89 -4.61 -0.03 -10.34
C ASP A 89 -3.15 -0.11 -10.78
N PHE A 90 -2.35 -0.75 -9.93
CA PHE A 90 -0.93 -0.91 -10.21
C PHE A 90 -0.71 -1.60 -11.56
N LYS A 91 -1.51 -2.63 -11.80
CA LYS A 91 -1.41 -3.37 -13.04
C LYS A 91 -2.12 -2.60 -14.15
N ARG A 92 -3.16 -1.88 -13.75
CA ARG A 92 -3.94 -1.09 -14.70
C ARG A 92 -3.18 0.19 -15.07
N SER A 93 -2.01 0.34 -14.47
CA SER A 93 -1.19 1.52 -14.72
C SER A 93 0.02 1.13 -15.55
N ARG A 94 0.64 0.01 -15.18
CA ARG A 94 1.81 -0.47 -15.89
C ARG A 94 1.42 -1.01 -17.26
N ILE A 95 0.11 -1.10 -17.48
CA ILE A 95 -0.41 -1.60 -18.74
C ILE A 95 -0.56 -0.43 -19.72
N ALA A 96 -0.01 0.71 -19.32
CA ALA A 96 -0.07 1.90 -20.14
C ALA A 96 1.16 1.95 -21.05
N SER A 97 1.04 1.29 -22.20
CA SER A 97 2.13 1.26 -23.15
C SER A 97 1.59 1.13 -24.57
N GLY A 98 2.24 1.81 -25.49
CA GLY A 98 1.83 1.78 -26.88
C GLY A 98 1.87 3.17 -27.50
N PRO A 99 1.42 3.26 -28.78
CA PRO A 99 1.39 4.52 -29.49
C PRO A 99 0.25 5.40 -29.00
N SER A 100 0.39 5.87 -27.78
CA SER A 100 -0.62 6.73 -27.18
C SER A 100 -0.41 6.82 -25.66
N SER A 101 0.18 7.92 -25.25
CA SER A 101 0.45 8.14 -23.84
C SER A 101 -0.77 8.77 -23.16
N GLY A 102 -1.19 9.90 -23.70
CA GLY A 102 -2.34 10.60 -23.17
C GLY A 102 -2.08 12.11 -23.10
N GLY A 1 27.07 -0.33 20.55
CA GLY A 1 26.45 0.12 19.31
C GLY A 1 26.61 -0.93 18.22
N SER A 2 25.47 -1.46 17.79
CA SER A 2 25.47 -2.48 16.75
C SER A 2 24.22 -2.32 15.87
N SER A 3 23.06 -2.41 16.52
CA SER A 3 21.80 -2.28 15.81
C SER A 3 20.75 -1.67 16.73
N GLY A 4 19.70 -1.16 16.11
CA GLY A 4 18.61 -0.55 16.87
C GLY A 4 17.88 0.50 16.02
N SER A 5 16.57 0.50 16.15
CA SER A 5 15.74 1.44 15.40
C SER A 5 14.59 1.94 16.28
N SER A 6 13.65 1.03 16.54
CA SER A 6 12.50 1.36 17.37
C SER A 6 11.52 2.23 16.56
N GLY A 7 10.64 1.54 15.85
CA GLY A 7 9.65 2.21 15.03
C GLY A 7 8.23 1.76 15.42
N GLU A 8 7.56 2.63 16.17
CA GLU A 8 6.20 2.33 16.61
C GLU A 8 5.19 2.96 15.66
N GLY A 9 4.13 2.21 15.39
CA GLY A 9 3.08 2.69 14.50
C GLY A 9 3.09 1.92 13.19
N TYR A 10 1.89 1.50 12.78
CA TYR A 10 1.75 0.74 11.55
C TYR A 10 0.93 1.53 10.52
N GLU A 11 -0.34 1.73 10.85
CA GLU A 11 -1.23 2.47 9.97
C GLU A 11 -0.49 3.63 9.31
N GLN A 12 0.14 4.45 10.15
CA GLN A 12 0.88 5.60 9.67
C GLN A 12 1.75 5.20 8.47
N ASP A 13 2.68 4.30 8.72
CA ASP A 13 3.57 3.82 7.69
C ASP A 13 2.74 3.35 6.49
N PHE A 14 1.84 2.43 6.77
CA PHE A 14 0.98 1.89 5.72
C PHE A 14 0.33 3.01 4.92
N ALA A 15 -0.53 3.76 5.58
CA ALA A 15 -1.23 4.87 4.94
C ALA A 15 -0.25 5.64 4.06
N VAL A 16 0.92 5.93 4.63
CA VAL A 16 1.94 6.66 3.91
C VAL A 16 2.38 5.85 2.69
N LEU A 17 2.54 4.55 2.90
CA LEU A 17 2.95 3.67 1.82
C LEU A 17 1.94 3.77 0.68
N THR A 18 0.72 3.34 0.96
CA THR A 18 -0.34 3.37 -0.04
C THR A 18 -0.29 4.68 -0.83
N ALA A 19 -0.58 5.77 -0.12
CA ALA A 19 -0.57 7.09 -0.74
C ALA A 19 0.62 7.19 -1.69
N GLU A 20 1.81 7.00 -1.13
CA GLU A 20 3.02 7.06 -1.93
C GLU A 20 2.94 6.11 -3.11
N ILE A 21 2.60 4.86 -2.81
CA ILE A 21 2.47 3.85 -3.84
C ILE A 21 1.52 4.33 -4.92
N THR A 22 0.27 4.54 -4.51
CA THR A 22 -0.75 5.01 -5.43
C THR A 22 -0.17 6.03 -6.40
N SER A 23 0.54 7.00 -5.84
CA SER A 23 1.16 8.05 -6.64
C SER A 23 2.02 7.43 -7.74
N LYS A 24 3.08 6.76 -7.32
CA LYS A 24 3.98 6.12 -8.27
C LYS A 24 3.16 5.33 -9.30
N ILE A 25 2.09 4.72 -8.81
CA ILE A 25 1.22 3.94 -9.67
C ILE A 25 0.52 4.86 -10.66
N ALA A 26 0.16 6.04 -10.18
CA ALA A 26 -0.51 7.03 -11.01
C ALA A 26 0.52 7.70 -11.92
N ARG A 27 1.78 7.47 -11.60
CA ARG A 27 2.87 8.05 -12.38
C ARG A 27 3.40 7.03 -13.39
N VAL A 28 3.10 5.77 -13.13
CA VAL A 28 3.53 4.70 -14.00
C VAL A 28 3.13 5.03 -15.44
N PRO A 29 1.82 5.37 -15.61
CA PRO A 29 1.30 5.70 -16.92
C PRO A 29 1.75 7.09 -17.35
N ARG A 30 2.57 7.70 -16.51
CA ARG A 30 3.08 9.04 -16.79
C ARG A 30 4.60 9.07 -16.64
N LEU A 31 5.19 7.88 -16.74
CA LEU A 31 6.63 7.76 -16.62
C LEU A 31 7.18 7.02 -17.85
N PRO A 32 8.52 7.20 -18.08
CA PRO A 32 9.17 6.56 -19.21
C PRO A 32 9.39 5.08 -18.94
N PRO A 33 9.83 4.36 -20.00
CA PRO A 33 10.09 2.93 -19.90
C PRO A 33 11.39 2.67 -19.13
N ASP A 34 11.99 3.75 -18.66
CA ASP A 34 13.24 3.65 -17.92
C ASP A 34 12.94 3.68 -16.43
N GLU A 35 12.16 4.69 -16.03
CA GLU A 35 11.78 4.84 -14.64
C GLU A 35 10.56 3.99 -14.31
N LYS A 36 9.70 3.85 -15.30
CA LYS A 36 8.49 3.06 -15.14
C LYS A 36 8.86 1.66 -14.62
N LYS A 37 9.67 0.97 -15.42
CA LYS A 37 10.10 -0.36 -15.05
C LYS A 37 10.39 -0.41 -13.55
N GLN A 38 11.28 0.46 -13.12
CA GLN A 38 11.65 0.52 -11.71
C GLN A 38 10.40 0.77 -10.86
N MET A 39 9.66 1.79 -11.23
CA MET A 39 8.45 2.14 -10.50
C MET A 39 7.49 0.95 -10.42
N VAL A 40 7.39 0.24 -11.53
CA VAL A 40 6.52 -0.92 -11.60
C VAL A 40 7.11 -2.04 -10.73
N ALA A 41 8.31 -1.80 -10.24
CA ALA A 41 8.99 -2.77 -9.40
C ALA A 41 8.99 -2.29 -7.96
N ASN A 42 9.35 -1.02 -7.79
CA ASN A 42 9.40 -0.42 -6.47
C ASN A 42 8.05 -0.61 -5.78
N VAL A 43 6.99 -0.46 -6.56
CA VAL A 43 5.64 -0.61 -6.04
C VAL A 43 5.43 -2.06 -5.62
N GLU A 44 5.94 -2.96 -6.44
CA GLU A 44 5.80 -4.38 -6.17
C GLU A 44 6.36 -4.71 -4.78
N LYS A 45 7.31 -3.89 -4.35
CA LYS A 45 7.93 -4.07 -3.05
C LYS A 45 7.10 -3.36 -1.99
N GLN A 46 6.93 -2.06 -2.19
CA GLN A 46 6.16 -1.26 -1.25
C GLN A 46 4.78 -1.89 -1.01
N LEU A 47 4.31 -2.61 -2.01
CA LEU A 47 3.03 -3.27 -1.92
C LEU A 47 3.12 -4.44 -0.94
N GLU A 48 3.94 -5.40 -1.30
CA GLU A 48 4.13 -6.57 -0.46
C GLU A 48 4.50 -6.16 0.96
N GLU A 49 5.21 -5.04 1.05
CA GLU A 49 5.63 -4.52 2.34
C GLU A 49 4.42 -4.08 3.16
N ALA A 50 3.38 -3.68 2.45
CA ALA A 50 2.16 -3.24 3.11
C ALA A 50 1.27 -4.46 3.37
N ARG A 51 1.42 -5.47 2.53
CA ARG A 51 0.65 -6.68 2.66
C ARG A 51 0.86 -7.30 4.05
N GLU A 52 2.10 -7.22 4.52
CA GLU A 52 2.44 -7.76 5.82
C GLU A 52 1.80 -6.92 6.93
N LEU A 53 1.65 -5.64 6.65
CA LEU A 53 1.05 -4.72 7.62
C LEU A 53 -0.35 -5.21 7.98
N LEU A 54 -1.16 -5.38 6.95
CA LEU A 54 -2.53 -5.84 7.13
C LEU A 54 -2.51 -7.11 7.98
N GLU A 55 -1.47 -7.91 7.78
CA GLU A 55 -1.33 -9.15 8.52
C GLU A 55 -1.13 -8.87 10.01
N GLN A 56 -0.13 -8.05 10.30
CA GLN A 56 0.17 -7.70 11.67
C GLN A 56 -1.00 -6.94 12.30
N MET A 57 -1.48 -5.94 11.56
CA MET A 57 -2.59 -5.14 12.02
C MET A 57 -3.79 -6.01 12.39
N ASP A 58 -4.07 -6.96 11.51
CA ASP A 58 -5.19 -7.87 11.73
C ASP A 58 -4.84 -8.84 12.86
N LEU A 59 -3.58 -9.22 12.89
CA LEU A 59 -3.10 -10.15 13.91
C LEU A 59 -3.08 -9.43 15.27
N GLU A 60 -3.32 -8.13 15.21
CA GLU A 60 -3.32 -7.33 16.42
C GLU A 60 -4.76 -6.91 16.78
N VAL A 61 -5.50 -6.52 15.76
CA VAL A 61 -6.87 -6.10 15.95
C VAL A 61 -7.62 -7.17 16.76
N ARG A 62 -7.09 -8.38 16.71
CA ARG A 62 -7.69 -9.49 17.44
C ARG A 62 -7.69 -9.20 18.94
N GLU A 63 -6.55 -8.71 19.42
CA GLU A 63 -6.41 -8.40 20.83
C GLU A 63 -7.25 -7.16 21.18
N ILE A 64 -7.40 -6.29 20.19
CA ILE A 64 -8.17 -5.07 20.39
C ILE A 64 -9.56 -5.43 20.90
N PRO A 65 -10.07 -4.57 21.83
CA PRO A 65 -11.39 -4.79 22.40
C PRO A 65 -12.49 -4.42 21.40
N PRO A 66 -13.72 -4.92 21.70
CA PRO A 66 -14.86 -4.65 20.84
C PRO A 66 -15.36 -3.21 21.01
N GLN A 67 -14.68 -2.49 21.89
CA GLN A 67 -15.04 -1.11 22.16
C GLN A 67 -14.18 -0.16 21.33
N SER A 68 -13.02 -0.66 20.93
CA SER A 68 -12.10 0.13 20.13
C SER A 68 -12.11 -0.36 18.68
N ARG A 69 -12.08 -1.69 18.53
CA ARG A 69 -12.09 -2.29 17.22
C ARG A 69 -13.13 -1.60 16.33
N GLY A 70 -14.20 -1.16 16.95
CA GLY A 70 -15.27 -0.48 16.23
C GLY A 70 -14.70 0.43 15.15
N MET A 71 -13.59 1.07 15.49
CA MET A 71 -12.93 1.98 14.56
C MET A 71 -11.97 1.23 13.64
N TYR A 72 -10.98 0.60 14.27
CA TYR A 72 -9.98 -0.15 13.54
C TYR A 72 -10.64 -1.05 12.48
N SER A 73 -11.67 -1.76 12.91
CA SER A 73 -12.39 -2.66 12.03
C SER A 73 -12.83 -1.90 10.77
N ASN A 74 -13.57 -0.83 10.99
CA ASN A 74 -14.06 -0.02 9.89
C ASN A 74 -12.91 0.30 8.93
N ARG A 75 -11.74 0.53 9.53
CA ARG A 75 -10.55 0.84 8.75
C ARG A 75 -10.04 -0.42 8.03
N MET A 76 -9.95 -1.49 8.80
CA MET A 76 -9.48 -2.76 8.26
C MET A 76 -10.11 -3.03 6.88
N ARG A 77 -11.44 -3.07 6.88
CA ARG A 77 -12.17 -3.32 5.65
C ARG A 77 -11.67 -2.39 4.54
N SER A 78 -11.64 -1.11 4.85
CA SER A 78 -11.20 -0.12 3.90
C SER A 78 -9.80 -0.47 3.38
N TYR A 79 -8.85 -0.46 4.31
CA TYR A 79 -7.47 -0.78 3.98
C TYR A 79 -7.40 -1.91 2.94
N LYS A 80 -7.87 -3.08 3.37
CA LYS A 80 -7.87 -4.24 2.50
C LYS A 80 -8.37 -3.84 1.11
N GLN A 81 -9.56 -3.26 1.08
CA GLN A 81 -10.16 -2.83 -0.17
C GLN A 81 -9.16 -2.00 -0.97
N GLU A 82 -8.69 -0.93 -0.36
CA GLU A 82 -7.73 -0.04 -1.00
C GLU A 82 -6.53 -0.85 -1.51
N MET A 83 -5.79 -1.40 -0.56
CA MET A 83 -4.63 -2.20 -0.89
C MET A 83 -4.92 -3.15 -2.05
N GLY A 84 -5.88 -4.04 -1.81
CA GLY A 84 -6.27 -5.00 -2.82
C GLY A 84 -6.49 -4.33 -4.18
N LYS A 85 -7.01 -3.11 -4.12
CA LYS A 85 -7.28 -2.35 -5.32
C LYS A 85 -5.95 -1.90 -5.94
N LEU A 86 -5.04 -1.47 -5.07
CA LEU A 86 -3.74 -1.02 -5.52
C LEU A 86 -3.10 -2.09 -6.40
N GLU A 87 -3.47 -3.34 -6.13
CA GLU A 87 -2.94 -4.46 -6.88
C GLU A 87 -3.50 -4.45 -8.30
N THR A 88 -4.66 -3.82 -8.45
CA THR A 88 -5.30 -3.74 -9.76
C THR A 88 -4.86 -2.46 -10.48
N ASP A 89 -5.19 -1.33 -9.87
CA ASP A 89 -4.84 -0.03 -10.44
C ASP A 89 -3.37 -0.05 -10.85
N PHE A 90 -2.58 -0.77 -10.07
CA PHE A 90 -1.16 -0.87 -10.35
C PHE A 90 -0.90 -1.55 -11.70
N LYS A 91 -1.66 -2.60 -11.95
CA LYS A 91 -1.53 -3.34 -13.19
C LYS A 91 -2.23 -2.57 -14.31
N ARG A 92 -3.23 -1.80 -13.92
CA ARG A 92 -3.98 -1.01 -14.87
C ARG A 92 -3.23 0.28 -15.21
N SER A 93 -2.06 0.42 -14.60
CA SER A 93 -1.24 1.60 -14.83
C SER A 93 -0.04 1.23 -15.71
N ARG A 94 0.60 0.12 -15.35
CA ARG A 94 1.76 -0.34 -16.09
C ARG A 94 1.35 -0.80 -17.49
N ILE A 95 0.08 -1.17 -17.61
CA ILE A 95 -0.45 -1.63 -18.88
C ILE A 95 -0.61 -0.44 -19.82
N ALA A 96 -0.45 0.75 -19.26
CA ALA A 96 -0.58 1.97 -20.03
C ALA A 96 0.63 2.10 -20.96
N SER A 97 0.36 2.54 -22.18
CA SER A 97 1.40 2.73 -23.17
C SER A 97 1.39 4.16 -23.69
N GLY A 98 0.19 4.63 -23.99
CA GLY A 98 0.02 5.99 -24.50
C GLY A 98 -0.97 6.78 -23.65
N PRO A 99 -1.58 7.80 -24.30
CA PRO A 99 -2.55 8.64 -23.62
C PRO A 99 -3.89 7.90 -23.44
N SER A 100 -4.33 7.27 -24.52
CA SER A 100 -5.59 6.53 -24.50
C SER A 100 -5.30 5.04 -24.45
N SER A 101 -4.38 4.60 -25.31
CA SER A 101 -4.02 3.19 -25.36
C SER A 101 -5.28 2.33 -25.49
N GLY A 102 -5.81 2.30 -26.70
CA GLY A 102 -7.00 1.52 -26.97
C GLY A 102 -6.66 0.25 -27.75
N GLY A 1 10.70 6.28 27.52
CA GLY A 1 12.11 6.52 27.21
C GLY A 1 12.28 6.92 25.74
N SER A 2 11.89 6.00 24.86
CA SER A 2 11.99 6.25 23.43
C SER A 2 10.67 5.90 22.74
N SER A 3 10.27 4.65 22.91
CA SER A 3 9.03 4.18 22.31
C SER A 3 7.83 4.89 22.95
N GLY A 4 6.95 5.37 22.09
CA GLY A 4 5.76 6.08 22.56
C GLY A 4 4.79 5.11 23.24
N SER A 5 3.52 5.29 22.94
CA SER A 5 2.48 4.45 23.51
C SER A 5 1.38 4.19 22.48
N SER A 6 0.74 5.28 22.07
CA SER A 6 -0.33 5.19 21.09
C SER A 6 -0.25 6.36 20.12
N GLY A 7 -0.96 6.23 19.01
CA GLY A 7 -0.98 7.27 17.99
C GLY A 7 -0.57 6.71 16.63
N GLU A 8 0.73 6.77 16.36
CA GLU A 8 1.25 6.28 15.10
C GLU A 8 1.80 4.86 15.28
N GLY A 9 1.80 4.12 14.18
CA GLY A 9 2.29 2.75 14.20
C GLY A 9 2.23 2.13 12.80
N TYR A 10 1.51 1.01 12.72
CA TYR A 10 1.36 0.32 11.46
C TYR A 10 0.61 1.17 10.44
N GLU A 11 -0.63 1.49 10.77
CA GLU A 11 -1.46 2.30 9.90
C GLU A 11 -0.65 3.46 9.32
N GLN A 12 0.01 4.20 10.21
CA GLN A 12 0.81 5.33 9.81
C GLN A 12 1.67 4.96 8.60
N ASP A 13 2.59 4.02 8.82
CA ASP A 13 3.47 3.57 7.76
C ASP A 13 2.64 3.18 6.54
N PHE A 14 1.83 2.15 6.73
CA PHE A 14 0.98 1.67 5.66
C PHE A 14 0.38 2.83 4.86
N ALA A 15 -0.42 3.63 5.55
CA ALA A 15 -1.05 4.78 4.92
C ALA A 15 -0.01 5.53 4.08
N VAL A 16 1.07 5.90 4.73
CA VAL A 16 2.14 6.63 4.06
C VAL A 16 2.57 5.84 2.82
N LEU A 17 2.60 4.53 2.97
CA LEU A 17 2.99 3.66 1.88
C LEU A 17 1.93 3.70 0.78
N THR A 18 0.76 3.18 1.12
CA THR A 18 -0.35 3.16 0.17
C THR A 18 -0.38 4.46 -0.63
N ALA A 19 -0.22 5.56 0.07
CA ALA A 19 -0.23 6.87 -0.57
C ALA A 19 0.92 6.95 -1.58
N GLU A 20 2.14 6.82 -1.05
CA GLU A 20 3.31 6.88 -1.89
C GLU A 20 3.19 5.90 -3.06
N ILE A 21 2.44 4.84 -2.82
CA ILE A 21 2.22 3.82 -3.84
C ILE A 21 1.18 4.32 -4.84
N THR A 22 -0.04 4.49 -4.33
CA THR A 22 -1.13 4.96 -5.17
C THR A 22 -0.64 6.04 -6.15
N SER A 23 0.11 6.98 -5.61
CA SER A 23 0.66 8.05 -6.41
C SER A 23 1.58 7.49 -7.49
N LYS A 24 2.56 6.73 -7.05
CA LYS A 24 3.52 6.13 -7.96
C LYS A 24 2.76 5.31 -9.02
N ILE A 25 1.75 4.60 -8.54
CA ILE A 25 0.94 3.77 -9.42
C ILE A 25 0.34 4.64 -10.52
N ALA A 26 0.05 5.88 -10.16
CA ALA A 26 -0.53 6.82 -11.10
C ALA A 26 0.57 7.38 -12.00
N ARG A 27 1.80 7.24 -11.54
CA ARG A 27 2.94 7.72 -12.30
C ARG A 27 3.44 6.63 -13.24
N VAL A 28 3.29 5.39 -12.81
CA VAL A 28 3.73 4.25 -13.61
C VAL A 28 3.43 4.54 -15.08
N PRO A 29 2.15 4.89 -15.35
CA PRO A 29 1.72 5.19 -16.72
C PRO A 29 2.22 6.56 -17.16
N ARG A 30 2.38 7.44 -16.18
CA ARG A 30 2.85 8.79 -16.46
C ARG A 30 4.36 8.88 -16.25
N LEU A 31 5.03 7.75 -16.52
CA LEU A 31 6.47 7.69 -16.38
C LEU A 31 7.09 7.12 -17.65
N PRO A 32 8.41 7.39 -17.83
CA PRO A 32 9.13 6.91 -18.99
C PRO A 32 9.42 5.41 -18.88
N PRO A 33 9.86 4.82 -20.03
CA PRO A 33 10.18 3.40 -20.07
C PRO A 33 11.50 3.12 -19.36
N ASP A 34 12.10 4.17 -18.82
CA ASP A 34 13.35 4.05 -18.11
C ASP A 34 13.10 4.10 -16.60
N GLU A 35 12.10 4.86 -16.23
CA GLU A 35 11.74 5.01 -14.83
C GLU A 35 10.50 4.15 -14.50
N LYS A 36 9.75 3.84 -15.55
CA LYS A 36 8.55 3.04 -15.40
C LYS A 36 8.93 1.63 -14.91
N LYS A 37 9.79 0.99 -15.69
CA LYS A 37 10.24 -0.35 -15.35
C LYS A 37 10.57 -0.41 -13.87
N GLN A 38 11.49 0.47 -13.46
CA GLN A 38 11.90 0.52 -12.07
C GLN A 38 10.69 0.82 -11.16
N MET A 39 9.88 1.77 -11.61
CA MET A 39 8.70 2.15 -10.86
C MET A 39 7.75 0.97 -10.70
N VAL A 40 7.62 0.21 -11.78
CA VAL A 40 6.74 -0.95 -11.77
C VAL A 40 7.41 -2.08 -10.99
N ALA A 41 8.60 -1.81 -10.51
CA ALA A 41 9.36 -2.80 -9.74
C ALA A 41 9.48 -2.32 -8.30
N ASN A 42 9.63 -1.01 -8.15
CA ASN A 42 9.77 -0.41 -6.84
C ASN A 42 8.46 -0.58 -6.06
N VAL A 43 7.36 -0.32 -6.77
CA VAL A 43 6.05 -0.44 -6.17
C VAL A 43 5.82 -1.89 -5.72
N GLU A 44 6.33 -2.80 -6.53
CA GLU A 44 6.18 -4.22 -6.24
C GLU A 44 6.71 -4.53 -4.84
N LYS A 45 7.52 -3.61 -4.34
CA LYS A 45 8.10 -3.77 -3.01
C LYS A 45 7.21 -3.07 -1.98
N GLN A 46 7.03 -1.78 -2.18
CA GLN A 46 6.20 -0.99 -1.28
C GLN A 46 4.84 -1.67 -1.08
N LEU A 47 4.40 -2.36 -2.12
CA LEU A 47 3.13 -3.05 -2.07
C LEU A 47 3.22 -4.23 -1.09
N GLU A 48 4.06 -5.19 -1.45
CA GLU A 48 4.26 -6.35 -0.60
C GLU A 48 4.61 -5.94 0.83
N GLU A 49 5.24 -4.77 0.93
CA GLU A 49 5.63 -4.24 2.22
C GLU A 49 4.39 -3.81 3.01
N ALA A 50 3.37 -3.41 2.28
CA ALA A 50 2.13 -2.97 2.89
C ALA A 50 1.23 -4.18 3.14
N ARG A 51 1.41 -5.20 2.31
CA ARG A 51 0.62 -6.41 2.42
C ARG A 51 0.82 -7.04 3.81
N GLU A 52 2.08 -7.11 4.22
CA GLU A 52 2.42 -7.69 5.51
C GLU A 52 1.74 -6.89 6.63
N LEU A 53 1.67 -5.58 6.43
CA LEU A 53 1.06 -4.71 7.42
C LEU A 53 -0.36 -5.21 7.72
N LEU A 54 -1.16 -5.28 6.69
CA LEU A 54 -2.54 -5.74 6.84
C LEU A 54 -2.55 -7.07 7.60
N GLU A 55 -1.48 -7.83 7.40
CA GLU A 55 -1.35 -9.12 8.06
C GLU A 55 -1.14 -8.92 9.57
N GLN A 56 -0.26 -8.01 9.90
CA GLN A 56 0.05 -7.71 11.29
C GLN A 56 -1.13 -6.99 11.94
N MET A 57 -1.57 -5.92 11.28
CA MET A 57 -2.68 -5.13 11.79
C MET A 57 -3.91 -6.01 12.04
N ASP A 58 -4.12 -6.96 11.13
CA ASP A 58 -5.24 -7.86 11.23
C ASP A 58 -5.02 -8.82 12.41
N LEU A 59 -3.83 -9.41 12.42
CA LEU A 59 -3.47 -10.35 13.48
C LEU A 59 -3.32 -9.58 14.79
N GLU A 60 -3.36 -8.27 14.69
CA GLU A 60 -3.23 -7.42 15.86
C GLU A 60 -4.60 -6.91 16.30
N VAL A 61 -5.35 -6.41 15.32
CA VAL A 61 -6.68 -5.89 15.59
C VAL A 61 -7.47 -6.92 16.42
N ARG A 62 -7.05 -8.17 16.32
CA ARG A 62 -7.70 -9.24 17.04
C ARG A 62 -7.64 -8.97 18.56
N GLU A 63 -6.44 -8.70 19.03
CA GLU A 63 -6.24 -8.43 20.44
C GLU A 63 -7.00 -7.17 20.85
N ILE A 64 -6.96 -6.17 19.97
CA ILE A 64 -7.65 -4.92 20.22
C ILE A 64 -9.02 -5.21 20.82
N PRO A 65 -9.42 -4.33 21.78
CA PRO A 65 -10.71 -4.48 22.43
C PRO A 65 -11.85 -4.04 21.50
N PRO A 66 -13.09 -4.47 21.88
CA PRO A 66 -14.26 -4.12 21.08
C PRO A 66 -14.66 -2.66 21.31
N GLN A 67 -13.87 -1.99 22.11
CA GLN A 67 -14.13 -0.59 22.42
C GLN A 67 -13.19 0.32 21.60
N SER A 68 -12.13 -0.29 21.10
CA SER A 68 -11.15 0.44 20.31
C SER A 68 -11.20 -0.04 18.86
N ARG A 69 -11.65 -1.27 18.69
CA ARG A 69 -11.75 -1.85 17.36
C ARG A 69 -12.82 -1.13 16.54
N GLY A 70 -13.80 -0.61 17.24
CA GLY A 70 -14.89 0.11 16.59
C GLY A 70 -14.37 0.92 15.41
N MET A 71 -13.27 1.61 15.64
CA MET A 71 -12.66 2.44 14.61
C MET A 71 -11.77 1.59 13.69
N TYR A 72 -10.72 1.05 14.27
CA TYR A 72 -9.79 0.23 13.52
C TYR A 72 -10.52 -0.68 12.54
N SER A 73 -11.51 -1.39 13.06
CA SER A 73 -12.31 -2.29 12.24
C SER A 73 -12.80 -1.57 10.99
N ASN A 74 -13.72 -0.64 11.20
CA ASN A 74 -14.29 0.14 10.11
C ASN A 74 -13.17 0.52 9.14
N ARG A 75 -11.97 0.67 9.70
CA ARG A 75 -10.82 1.04 8.89
C ARG A 75 -10.28 -0.18 8.15
N MET A 76 -10.06 -1.24 8.91
CA MET A 76 -9.55 -2.47 8.34
C MET A 76 -10.22 -2.78 6.99
N ARG A 77 -11.54 -2.64 7.00
CA ARG A 77 -12.31 -2.90 5.80
C ARG A 77 -11.87 -1.96 4.67
N SER A 78 -11.76 -0.70 5.01
CA SER A 78 -11.35 0.31 4.04
C SER A 78 -9.99 -0.07 3.43
N TYR A 79 -9.01 -0.19 4.31
CA TYR A 79 -7.67 -0.55 3.88
C TYR A 79 -7.69 -1.74 2.93
N LYS A 80 -8.19 -2.86 3.45
CA LYS A 80 -8.27 -4.07 2.66
C LYS A 80 -8.76 -3.73 1.25
N GLN A 81 -9.90 -3.06 1.21
CA GLN A 81 -10.50 -2.67 -0.06
C GLN A 81 -9.46 -1.94 -0.92
N GLU A 82 -8.89 -0.90 -0.35
CA GLU A 82 -7.89 -0.10 -1.04
C GLU A 82 -6.71 -0.99 -1.44
N MET A 83 -6.14 -1.66 -0.44
CA MET A 83 -5.01 -2.53 -0.67
C MET A 83 -5.22 -3.40 -1.91
N GLY A 84 -6.17 -4.32 -1.79
CA GLY A 84 -6.49 -5.22 -2.89
C GLY A 84 -6.55 -4.46 -4.21
N LYS A 85 -7.12 -3.26 -4.15
CA LYS A 85 -7.25 -2.43 -5.33
C LYS A 85 -5.85 -1.99 -5.80
N LEU A 86 -5.05 -1.55 -4.84
CA LEU A 86 -3.70 -1.11 -5.14
C LEU A 86 -3.00 -2.16 -6.00
N GLU A 87 -3.40 -3.41 -5.79
CA GLU A 87 -2.82 -4.51 -6.53
C GLU A 87 -3.30 -4.49 -7.99
N THR A 88 -4.55 -4.08 -8.16
CA THR A 88 -5.14 -4.00 -9.49
C THR A 88 -4.73 -2.70 -10.17
N ASP A 89 -5.11 -1.60 -9.54
CA ASP A 89 -4.78 -0.29 -10.08
C ASP A 89 -3.32 -0.26 -10.52
N PHE A 90 -2.50 -1.01 -9.79
CA PHE A 90 -1.08 -1.08 -10.09
C PHE A 90 -0.84 -1.77 -11.43
N LYS A 91 -1.53 -2.91 -11.60
CA LYS A 91 -1.39 -3.68 -12.82
C LYS A 91 -2.15 -2.98 -13.95
N ARG A 92 -3.09 -2.13 -13.55
CA ARG A 92 -3.89 -1.38 -14.51
C ARG A 92 -3.19 -0.07 -14.88
N SER A 93 -2.04 0.15 -14.27
CA SER A 93 -1.27 1.35 -14.51
C SER A 93 -0.03 1.02 -15.36
N ARG A 94 0.55 -0.13 -15.07
CA ARG A 94 1.73 -0.56 -15.79
C ARG A 94 1.34 -1.10 -17.17
N ILE A 95 0.04 -1.12 -17.42
CA ILE A 95 -0.47 -1.60 -18.69
C ILE A 95 -0.63 -0.42 -19.65
N ALA A 96 0.14 0.63 -19.39
CA ALA A 96 0.09 1.82 -20.23
C ALA A 96 1.32 1.85 -21.14
N SER A 97 1.25 1.04 -22.20
CA SER A 97 2.34 0.98 -23.15
C SER A 97 1.80 0.57 -24.53
N GLY A 98 2.52 0.99 -25.55
CA GLY A 98 2.14 0.67 -26.92
C GLY A 98 1.67 -0.78 -27.04
N PRO A 99 0.34 -0.93 -27.26
CA PRO A 99 -0.25 -2.26 -27.41
C PRO A 99 0.09 -2.87 -28.76
N SER A 100 -0.41 -4.07 -28.97
CA SER A 100 -0.17 -4.78 -30.23
C SER A 100 -1.38 -5.66 -30.57
N SER A 101 -2.16 -5.16 -31.52
CA SER A 101 -3.35 -5.89 -31.95
C SER A 101 -3.67 -5.53 -33.41
N GLY A 102 -4.38 -6.45 -34.06
CA GLY A 102 -4.76 -6.25 -35.45
C GLY A 102 -6.28 -6.17 -35.59
N GLY A 1 24.26 8.70 19.12
CA GLY A 1 23.30 8.21 18.15
C GLY A 1 22.70 6.87 18.59
N SER A 2 21.85 6.94 19.60
CA SER A 2 21.21 5.73 20.11
C SER A 2 19.82 5.59 19.51
N SER A 3 19.78 4.95 18.34
CA SER A 3 18.51 4.74 17.65
C SER A 3 18.73 3.85 16.43
N GLY A 4 17.95 2.77 16.38
CA GLY A 4 18.05 1.84 15.28
C GLY A 4 16.71 1.69 14.56
N SER A 5 16.53 2.47 13.51
CA SER A 5 15.30 2.44 12.74
C SER A 5 14.10 2.32 13.69
N SER A 6 13.58 3.47 14.08
CA SER A 6 12.43 3.50 14.98
C SER A 6 11.20 4.03 14.23
N GLY A 7 10.03 3.61 14.71
CA GLY A 7 8.78 4.04 14.11
C GLY A 7 7.59 3.30 14.73
N GLU A 8 6.95 3.97 15.67
CA GLU A 8 5.80 3.40 16.34
C GLU A 8 4.53 3.67 15.54
N GLY A 9 3.79 2.58 15.30
CA GLY A 9 2.54 2.69 14.54
C GLY A 9 2.65 1.91 13.23
N TYR A 10 1.54 1.26 12.88
CA TYR A 10 1.49 0.47 11.65
C TYR A 10 0.70 1.21 10.58
N GLU A 11 -0.57 1.47 10.89
CA GLU A 11 -1.44 2.16 9.95
C GLU A 11 -0.66 3.27 9.24
N GLN A 12 -0.04 4.13 10.03
CA GLN A 12 0.73 5.23 9.48
C GLN A 12 1.58 4.76 8.31
N ASP A 13 2.57 3.94 8.63
CA ASP A 13 3.46 3.40 7.61
C ASP A 13 2.64 3.01 6.38
N PHE A 14 1.80 1.99 6.57
CA PHE A 14 0.97 1.51 5.50
C PHE A 14 0.33 2.67 4.73
N ALA A 15 -0.27 3.58 5.48
CA ALA A 15 -0.91 4.73 4.88
C ALA A 15 0.07 5.43 3.92
N VAL A 16 1.22 5.81 4.48
CA VAL A 16 2.25 6.47 3.69
C VAL A 16 2.55 5.62 2.44
N LEU A 17 2.64 4.32 2.65
CA LEU A 17 2.92 3.40 1.57
C LEU A 17 1.80 3.47 0.53
N THR A 18 0.66 2.92 0.91
CA THR A 18 -0.49 2.91 0.03
C THR A 18 -0.60 4.23 -0.72
N ALA A 19 -0.28 5.31 -0.01
CA ALA A 19 -0.33 6.64 -0.61
C ALA A 19 0.80 6.78 -1.63
N GLU A 20 2.02 6.81 -1.10
CA GLU A 20 3.19 6.95 -1.96
C GLU A 20 3.08 6.01 -3.17
N ILE A 21 2.38 4.91 -2.96
CA ILE A 21 2.19 3.93 -4.01
C ILE A 21 1.10 4.42 -4.97
N THR A 22 -0.06 4.69 -4.40
CA THR A 22 -1.19 5.17 -5.19
C THR A 22 -0.73 6.20 -6.21
N SER A 23 0.11 7.11 -5.74
CA SER A 23 0.63 8.17 -6.60
C SER A 23 1.52 7.56 -7.68
N LYS A 24 2.51 6.81 -7.24
CA LYS A 24 3.44 6.16 -8.15
C LYS A 24 2.65 5.37 -9.19
N ILE A 25 1.58 4.75 -8.73
CA ILE A 25 0.74 3.95 -9.60
C ILE A 25 0.12 4.86 -10.66
N ALA A 26 -0.14 6.09 -10.27
CA ALA A 26 -0.73 7.06 -11.18
C ALA A 26 0.38 7.70 -12.02
N ARG A 27 1.61 7.41 -11.64
CA ARG A 27 2.77 7.94 -12.34
C ARG A 27 3.36 6.88 -13.28
N VAL A 28 3.05 5.63 -12.97
CA VAL A 28 3.55 4.52 -13.77
C VAL A 28 3.20 4.76 -15.24
N PRO A 29 1.90 5.06 -15.48
CA PRO A 29 1.44 5.31 -16.83
C PRO A 29 1.87 6.70 -17.31
N ARG A 30 2.61 7.39 -16.45
CA ARG A 30 3.10 8.72 -16.77
C ARG A 30 4.62 8.76 -16.64
N LEU A 31 5.21 7.59 -16.46
CA LEU A 31 6.65 7.48 -16.32
C LEU A 31 7.23 6.81 -17.56
N PRO A 32 8.52 7.14 -17.84
CA PRO A 32 9.21 6.57 -19.00
C PRO A 32 9.57 5.11 -18.75
N PRO A 33 10.09 4.46 -19.83
CA PRO A 33 10.50 3.06 -19.74
C PRO A 33 11.81 2.92 -18.99
N ASP A 34 12.33 4.06 -18.54
CA ASP A 34 13.59 4.08 -17.80
C ASP A 34 13.29 4.07 -16.30
N GLU A 35 12.26 4.82 -15.93
CA GLU A 35 11.86 4.90 -14.53
C GLU A 35 10.70 3.95 -14.24
N LYS A 36 9.90 3.73 -15.28
CA LYS A 36 8.74 2.86 -15.16
C LYS A 36 9.21 1.46 -14.74
N LYS A 37 10.08 0.90 -15.57
CA LYS A 37 10.60 -0.43 -15.31
C LYS A 37 10.90 -0.58 -13.82
N GLN A 38 11.69 0.36 -13.31
CA GLN A 38 12.06 0.35 -11.90
C GLN A 38 10.83 0.65 -11.03
N MET A 39 10.12 1.69 -11.41
CA MET A 39 8.93 2.09 -10.68
C MET A 39 7.97 0.91 -10.51
N VAL A 40 7.62 0.31 -11.63
CA VAL A 40 6.72 -0.83 -11.61
C VAL A 40 7.21 -1.86 -10.59
N ALA A 41 8.51 -1.80 -10.33
CA ALA A 41 9.11 -2.71 -9.38
C ALA A 41 9.12 -2.08 -7.99
N ASN A 42 9.42 -0.78 -7.97
CA ASN A 42 9.47 -0.04 -6.72
C ASN A 42 8.12 -0.16 -6.01
N VAL A 43 7.06 -0.23 -6.83
CA VAL A 43 5.73 -0.36 -6.29
C VAL A 43 5.50 -1.78 -5.79
N GLU A 44 5.96 -2.73 -6.60
CA GLU A 44 5.82 -4.13 -6.25
C GLU A 44 6.27 -4.38 -4.81
N LYS A 45 7.26 -3.60 -4.40
CA LYS A 45 7.79 -3.71 -3.04
C LYS A 45 6.85 -3.00 -2.07
N GLN A 46 6.83 -1.68 -2.17
CA GLN A 46 5.97 -0.87 -1.31
C GLN A 46 4.63 -1.57 -1.09
N LEU A 47 4.19 -2.26 -2.12
CA LEU A 47 2.92 -2.98 -2.05
C LEU A 47 3.07 -4.18 -1.11
N GLU A 48 3.96 -5.09 -1.50
CA GLU A 48 4.19 -6.28 -0.71
C GLU A 48 4.54 -5.90 0.73
N GLU A 49 5.04 -4.68 0.88
CA GLU A 49 5.40 -4.19 2.20
C GLU A 49 4.15 -3.87 3.02
N ALA A 50 3.31 -3.02 2.45
CA ALA A 50 2.08 -2.63 3.12
C ALA A 50 1.21 -3.86 3.33
N ARG A 51 1.44 -4.87 2.50
CA ARG A 51 0.69 -6.10 2.59
C ARG A 51 0.88 -6.74 3.96
N GLU A 52 2.12 -7.12 4.24
CA GLU A 52 2.45 -7.74 5.51
C GLU A 52 1.78 -6.99 6.66
N LEU A 53 1.77 -5.67 6.54
CA LEU A 53 1.16 -4.83 7.56
C LEU A 53 -0.26 -5.32 7.84
N LEU A 54 -1.09 -5.24 6.80
CA LEU A 54 -2.48 -5.67 6.93
C LEU A 54 -2.53 -6.98 7.71
N GLU A 55 -1.53 -7.81 7.49
CA GLU A 55 -1.45 -9.10 8.18
C GLU A 55 -1.29 -8.88 9.69
N GLN A 56 -0.26 -8.14 10.04
CA GLN A 56 0.03 -7.86 11.43
C GLN A 56 -1.11 -7.02 12.03
N MET A 57 -1.54 -6.04 11.28
CA MET A 57 -2.61 -5.16 11.72
C MET A 57 -3.90 -5.95 11.97
N ASP A 58 -4.16 -6.90 11.09
CA ASP A 58 -5.34 -7.72 11.21
C ASP A 58 -5.11 -8.79 12.28
N LEU A 59 -3.87 -9.25 12.36
CA LEU A 59 -3.51 -10.26 13.33
C LEU A 59 -3.43 -9.63 14.72
N GLU A 60 -3.62 -8.31 14.74
CA GLU A 60 -3.59 -7.58 16.00
C GLU A 60 -4.98 -7.10 16.38
N VAL A 61 -5.65 -6.47 15.42
CA VAL A 61 -6.99 -5.97 15.64
C VAL A 61 -7.87 -7.10 16.20
N ARG A 62 -7.45 -8.31 15.92
CA ARG A 62 -8.19 -9.49 16.39
C ARG A 62 -8.23 -9.51 17.92
N GLU A 63 -7.06 -9.33 18.51
CA GLU A 63 -6.96 -9.33 19.96
C GLU A 63 -7.65 -8.09 20.55
N ILE A 64 -7.66 -7.03 19.75
CA ILE A 64 -8.28 -5.79 20.16
C ILE A 64 -9.74 -6.05 20.53
N PRO A 65 -10.19 -5.34 21.60
CA PRO A 65 -11.57 -5.48 22.07
C PRO A 65 -12.53 -4.77 21.13
N PRO A 66 -13.84 -5.13 21.25
CA PRO A 66 -14.87 -4.53 20.43
C PRO A 66 -15.20 -3.11 20.91
N GLN A 67 -14.50 -2.70 21.96
CA GLN A 67 -14.69 -1.38 22.51
C GLN A 67 -13.65 -0.40 21.97
N SER A 68 -12.45 -0.93 21.77
CA SER A 68 -11.35 -0.13 21.25
C SER A 68 -11.35 -0.18 19.73
N ARG A 69 -11.49 -1.39 19.20
CA ARG A 69 -11.50 -1.58 17.77
C ARG A 69 -12.21 -0.42 17.07
N GLY A 70 -13.54 -0.48 17.12
CA GLY A 70 -14.36 0.56 16.51
C GLY A 70 -13.77 0.98 15.15
N MET A 71 -12.97 2.04 15.19
CA MET A 71 -12.34 2.56 13.99
C MET A 71 -11.51 1.47 13.30
N TYR A 72 -10.47 1.02 14.01
CA TYR A 72 -9.59 0.00 13.48
C TYR A 72 -10.38 -1.03 12.68
N SER A 73 -11.47 -1.50 13.27
CA SER A 73 -12.31 -2.49 12.63
C SER A 73 -12.75 -1.99 11.26
N ASN A 74 -13.26 -0.76 11.24
CA ASN A 74 -13.72 -0.16 10.01
C ASN A 74 -12.51 0.14 9.11
N ARG A 75 -11.61 0.95 9.64
CA ARG A 75 -10.42 1.33 8.92
C ARG A 75 -9.81 0.11 8.23
N MET A 76 -10.05 -1.05 8.83
CA MET A 76 -9.53 -2.30 8.29
C MET A 76 -10.26 -2.68 7.00
N ARG A 77 -11.57 -2.47 7.01
CA ARG A 77 -12.39 -2.78 5.86
C ARG A 77 -11.99 -1.91 4.66
N SER A 78 -11.49 -0.73 4.98
CA SER A 78 -11.05 0.20 3.95
C SER A 78 -9.66 -0.17 3.45
N TYR A 79 -8.74 -0.28 4.39
CA TYR A 79 -7.37 -0.62 4.06
C TYR A 79 -7.32 -1.84 3.13
N LYS A 80 -7.75 -2.97 3.65
CA LYS A 80 -7.77 -4.20 2.88
C LYS A 80 -8.35 -3.92 1.50
N GLN A 81 -9.49 -3.25 1.49
CA GLN A 81 -10.16 -2.91 0.26
C GLN A 81 -9.20 -2.19 -0.69
N GLU A 82 -8.75 -1.02 -0.25
CA GLU A 82 -7.84 -0.22 -1.03
C GLU A 82 -6.63 -1.06 -1.45
N MET A 83 -6.00 -1.67 -0.45
CA MET A 83 -4.83 -2.49 -0.70
C MET A 83 -5.04 -3.38 -1.94
N GLY A 84 -5.92 -4.36 -1.79
CA GLY A 84 -6.21 -5.28 -2.87
C GLY A 84 -6.34 -4.53 -4.20
N LYS A 85 -6.98 -3.37 -4.12
CA LYS A 85 -7.18 -2.54 -5.31
C LYS A 85 -5.83 -2.02 -5.80
N LEU A 86 -5.04 -1.55 -4.85
CA LEU A 86 -3.72 -1.03 -5.17
C LEU A 86 -2.96 -2.04 -6.02
N GLU A 87 -3.27 -3.31 -5.79
CA GLU A 87 -2.63 -4.39 -6.52
C GLU A 87 -3.10 -4.39 -7.98
N THR A 88 -4.38 -4.07 -8.16
CA THR A 88 -4.95 -4.03 -9.49
C THR A 88 -4.62 -2.71 -10.18
N ASP A 89 -5.14 -1.63 -9.62
CA ASP A 89 -4.91 -0.31 -10.17
C ASP A 89 -3.43 -0.19 -10.57
N PHE A 90 -2.59 -0.86 -9.81
CA PHE A 90 -1.16 -0.85 -10.08
C PHE A 90 -0.84 -1.48 -11.43
N LYS A 91 -1.42 -2.65 -11.64
CA LYS A 91 -1.21 -3.38 -12.88
C LYS A 91 -2.00 -2.70 -14.00
N ARG A 92 -3.12 -2.11 -13.63
CA ARG A 92 -3.97 -1.43 -14.60
C ARG A 92 -3.38 -0.05 -14.92
N SER A 93 -2.23 0.23 -14.34
CA SER A 93 -1.56 1.50 -14.56
C SER A 93 -0.32 1.28 -15.42
N ARG A 94 0.27 0.11 -15.28
CA ARG A 94 1.46 -0.22 -16.04
C ARG A 94 1.07 -0.85 -17.39
N ILE A 95 -0.20 -1.21 -17.49
CA ILE A 95 -0.70 -1.82 -18.70
C ILE A 95 -1.33 -0.73 -19.59
N ALA A 96 -0.86 0.49 -19.39
CA ALA A 96 -1.37 1.61 -20.16
C ALA A 96 -0.34 2.00 -21.22
N SER A 97 -0.63 1.62 -22.46
CA SER A 97 0.26 1.92 -23.56
C SER A 97 -0.56 2.04 -24.86
N GLY A 98 -0.45 3.21 -25.48
CA GLY A 98 -1.16 3.46 -26.73
C GLY A 98 -1.02 2.27 -27.69
N PRO A 99 -2.00 2.15 -28.61
CA PRO A 99 -2.00 1.08 -29.59
C PRO A 99 -0.97 1.34 -30.68
N SER A 100 -0.37 0.26 -31.16
CA SER A 100 0.63 0.36 -32.20
C SER A 100 0.13 -0.32 -33.47
N SER A 101 -0.17 0.49 -34.47
CA SER A 101 -0.66 -0.01 -35.74
C SER A 101 0.41 0.14 -36.82
N GLY A 102 0.43 -0.82 -37.74
CA GLY A 102 1.40 -0.78 -38.82
C GLY A 102 0.72 -0.46 -40.15
N GLY A 1 27.20 2.39 26.94
CA GLY A 1 26.53 3.50 26.27
C GLY A 1 25.02 3.42 26.49
N SER A 2 24.30 4.17 25.66
CA SER A 2 22.85 4.20 25.75
C SER A 2 22.24 4.33 24.35
N SER A 3 20.93 4.17 24.29
CA SER A 3 20.21 4.27 23.03
C SER A 3 19.22 5.43 23.07
N GLY A 4 18.67 5.75 21.91
CA GLY A 4 17.71 6.84 21.82
C GLY A 4 16.29 6.34 22.08
N SER A 5 15.35 6.86 21.30
CA SER A 5 13.96 6.47 21.44
C SER A 5 13.43 5.90 20.13
N SER A 6 12.31 5.21 20.23
CA SER A 6 11.70 4.60 19.05
C SER A 6 10.22 4.99 18.99
N GLY A 7 9.65 4.84 17.80
CA GLY A 7 8.25 5.17 17.59
C GLY A 7 7.42 3.90 17.37
N GLU A 8 6.11 4.07 17.44
CA GLU A 8 5.20 2.95 17.26
C GLU A 8 4.04 3.36 16.36
N GLY A 9 3.48 2.36 15.69
CA GLY A 9 2.36 2.60 14.78
C GLY A 9 2.50 1.78 13.50
N TYR A 10 1.36 1.39 12.96
CA TYR A 10 1.34 0.60 11.74
C TYR A 10 0.62 1.34 10.61
N GLU A 11 -0.67 1.57 10.82
CA GLU A 11 -1.48 2.27 9.84
C GLU A 11 -0.67 3.40 9.20
N GLN A 12 -0.07 4.22 10.05
CA GLN A 12 0.73 5.33 9.58
C GLN A 12 1.62 4.90 8.41
N ASP A 13 2.54 4.00 8.71
CA ASP A 13 3.46 3.50 7.69
C ASP A 13 2.65 3.08 6.47
N PHE A 14 1.81 2.08 6.66
CA PHE A 14 0.98 1.58 5.59
C PHE A 14 0.35 2.72 4.79
N ALA A 15 -0.40 3.55 5.49
CA ALA A 15 -1.06 4.69 4.86
C ALA A 15 -0.07 5.38 3.93
N VAL A 16 1.09 5.70 4.48
CA VAL A 16 2.13 6.37 3.72
C VAL A 16 2.47 5.54 2.49
N LEU A 17 2.59 4.24 2.71
CA LEU A 17 2.91 3.31 1.63
C LEU A 17 1.84 3.43 0.53
N THR A 18 0.64 3.01 0.89
CA THR A 18 -0.48 3.05 -0.05
C THR A 18 -0.46 4.36 -0.82
N ALA A 19 -0.53 5.46 -0.09
CA ALA A 19 -0.53 6.78 -0.69
C ALA A 19 0.64 6.87 -1.69
N GLU A 20 1.85 6.71 -1.16
CA GLU A 20 3.04 6.77 -1.98
C GLU A 20 2.88 5.87 -3.21
N ILE A 21 2.47 4.63 -2.95
CA ILE A 21 2.28 3.67 -4.02
C ILE A 21 1.24 4.20 -5.01
N THR A 22 0.04 4.39 -4.50
CA THR A 22 -1.05 4.89 -5.33
C THR A 22 -0.53 5.95 -6.30
N SER A 23 0.33 6.81 -5.78
CA SER A 23 0.91 7.88 -6.58
C SER A 23 1.74 7.28 -7.73
N LYS A 24 2.78 6.57 -7.33
CA LYS A 24 3.66 5.94 -8.31
C LYS A 24 2.83 5.16 -9.33
N ILE A 25 1.69 4.66 -8.84
CA ILE A 25 0.80 3.89 -9.70
C ILE A 25 0.12 4.83 -10.69
N ALA A 26 -0.15 6.05 -10.23
CA ALA A 26 -0.79 7.05 -11.06
C ALA A 26 0.27 7.76 -11.90
N ARG A 27 1.52 7.37 -11.68
CA ARG A 27 2.63 7.96 -12.41
C ARG A 27 3.25 6.93 -13.36
N VAL A 28 2.92 5.68 -13.11
CA VAL A 28 3.43 4.59 -13.94
C VAL A 28 3.12 4.89 -15.40
N PRO A 29 1.83 5.18 -15.68
CA PRO A 29 1.39 5.49 -17.03
C PRO A 29 1.84 6.89 -17.45
N ARG A 30 2.54 7.55 -16.53
CA ARG A 30 3.03 8.89 -16.80
C ARG A 30 4.54 8.94 -16.65
N LEU A 31 5.16 7.78 -16.80
CA LEU A 31 6.61 7.67 -16.69
C LEU A 31 7.16 6.97 -17.93
N PRO A 32 8.49 7.17 -18.16
CA PRO A 32 9.15 6.56 -19.31
C PRO A 32 9.38 5.07 -19.07
N PRO A 33 9.86 4.38 -20.14
CA PRO A 33 10.13 2.96 -20.05
C PRO A 33 11.41 2.69 -19.27
N ASP A 34 12.01 3.77 -18.79
CA ASP A 34 13.24 3.66 -18.02
C ASP A 34 12.92 3.78 -16.53
N GLU A 35 12.13 4.80 -16.21
CA GLU A 35 11.74 5.04 -14.84
C GLU A 35 10.55 4.15 -14.45
N LYS A 36 9.69 3.94 -15.43
CA LYS A 36 8.51 3.11 -15.22
C LYS A 36 8.93 1.77 -14.61
N LYS A 37 9.80 1.08 -15.34
CA LYS A 37 10.29 -0.21 -14.87
C LYS A 37 10.54 -0.16 -13.36
N GLN A 38 11.45 0.72 -12.98
CA GLN A 38 11.80 0.87 -11.58
C GLN A 38 10.52 1.06 -10.74
N MET A 39 9.74 2.05 -11.13
CA MET A 39 8.50 2.35 -10.43
C MET A 39 7.61 1.10 -10.35
N VAL A 40 7.62 0.34 -11.44
CA VAL A 40 6.81 -0.87 -11.51
C VAL A 40 7.44 -1.94 -10.63
N ALA A 41 8.60 -1.61 -10.07
CA ALA A 41 9.31 -2.52 -9.21
C ALA A 41 9.24 -2.02 -7.76
N ASN A 42 9.55 -0.75 -7.60
CA ASN A 42 9.52 -0.13 -6.29
C ASN A 42 8.16 -0.38 -5.64
N VAL A 43 7.13 -0.32 -6.46
CA VAL A 43 5.77 -0.53 -5.98
C VAL A 43 5.61 -1.99 -5.55
N GLU A 44 6.13 -2.87 -6.38
CA GLU A 44 6.06 -4.30 -6.10
C GLU A 44 6.50 -4.58 -4.66
N LYS A 45 7.38 -3.72 -4.18
CA LYS A 45 7.90 -3.85 -2.82
C LYS A 45 6.92 -3.22 -1.84
N GLN A 46 6.84 -1.89 -1.92
CA GLN A 46 5.95 -1.14 -1.04
C GLN A 46 4.63 -1.90 -0.85
N LEU A 47 4.21 -2.55 -1.92
CA LEU A 47 2.97 -3.32 -1.89
C LEU A 47 3.16 -4.54 -0.99
N GLU A 48 4.10 -5.39 -1.38
CA GLU A 48 4.39 -6.59 -0.61
C GLU A 48 4.70 -6.24 0.84
N GLU A 49 5.13 -5.00 1.03
CA GLU A 49 5.47 -4.54 2.36
C GLU A 49 4.20 -4.28 3.18
N ALA A 50 3.35 -3.41 2.63
CA ALA A 50 2.10 -3.07 3.28
C ALA A 50 1.28 -4.34 3.50
N ARG A 51 1.50 -5.31 2.63
CA ARG A 51 0.79 -6.57 2.72
C ARG A 51 1.01 -7.21 4.08
N GLU A 52 2.24 -7.12 4.56
CA GLU A 52 2.59 -7.68 5.86
C GLU A 52 1.90 -6.90 6.98
N LEU A 53 1.68 -5.62 6.72
CA LEU A 53 1.03 -4.75 7.69
C LEU A 53 -0.39 -5.27 7.97
N LEU A 54 -1.17 -5.31 6.90
CA LEU A 54 -2.54 -5.78 7.00
C LEU A 54 -2.58 -7.06 7.85
N GLU A 55 -1.54 -7.87 7.68
CA GLU A 55 -1.43 -9.12 8.41
C GLU A 55 -1.30 -8.85 9.91
N GLN A 56 -0.23 -8.16 10.26
CA GLN A 56 0.03 -7.82 11.65
C GLN A 56 -1.13 -7.00 12.22
N MET A 57 -1.60 -6.07 11.41
CA MET A 57 -2.70 -5.21 11.82
C MET A 57 -3.94 -6.04 12.20
N ASP A 58 -4.26 -6.96 11.31
CA ASP A 58 -5.41 -7.83 11.53
C ASP A 58 -5.09 -8.85 12.63
N LEU A 59 -3.88 -9.40 12.54
CA LEU A 59 -3.44 -10.37 13.52
C LEU A 59 -3.33 -9.70 14.89
N GLU A 60 -3.41 -8.38 14.88
CA GLU A 60 -3.34 -7.62 16.11
C GLU A 60 -4.73 -7.18 16.56
N VAL A 61 -5.39 -6.44 15.68
CA VAL A 61 -6.73 -5.95 15.97
C VAL A 61 -7.59 -7.10 16.51
N ARG A 62 -7.21 -8.31 16.12
CA ARG A 62 -7.92 -9.50 16.56
C ARG A 62 -7.84 -9.63 18.09
N GLU A 63 -6.69 -9.24 18.62
CA GLU A 63 -6.47 -9.31 20.05
C GLU A 63 -7.11 -8.11 20.75
N ILE A 64 -7.26 -7.03 19.99
CA ILE A 64 -7.86 -5.82 20.52
C ILE A 64 -9.28 -6.13 21.00
N PRO A 65 -9.65 -5.49 22.14
CA PRO A 65 -10.97 -5.68 22.71
C PRO A 65 -12.03 -4.92 21.91
N PRO A 66 -13.32 -5.29 22.16
CA PRO A 66 -14.42 -4.66 21.47
C PRO A 66 -14.69 -3.26 22.01
N GLN A 67 -13.84 -2.86 22.95
CA GLN A 67 -13.97 -1.55 23.57
C GLN A 67 -12.84 -0.63 23.11
N SER A 68 -11.86 -1.24 22.46
CA SER A 68 -10.71 -0.49 21.96
C SER A 68 -10.60 -0.67 20.44
N ARG A 69 -11.50 -1.48 19.90
CA ARG A 69 -11.51 -1.74 18.47
C ARG A 69 -12.31 -0.66 17.74
N GLY A 70 -12.05 0.58 18.12
CA GLY A 70 -12.73 1.72 17.51
C GLY A 70 -12.00 2.19 16.25
N MET A 71 -12.72 2.21 15.16
CA MET A 71 -12.16 2.64 13.89
C MET A 71 -11.32 1.53 13.26
N TYR A 72 -10.37 1.03 14.03
CA TYR A 72 -9.49 -0.02 13.56
C TYR A 72 -10.26 -1.03 12.71
N SER A 73 -11.53 -1.19 13.04
CA SER A 73 -12.39 -2.12 12.31
C SER A 73 -12.79 -1.51 10.96
N ASN A 74 -13.52 -0.41 11.04
CA ASN A 74 -13.96 0.27 9.83
C ASN A 74 -12.76 0.52 8.91
N ARG A 75 -11.64 0.83 9.54
CA ARG A 75 -10.41 1.09 8.80
C ARG A 75 -10.00 -0.15 8.01
N MET A 76 -9.90 -1.27 8.73
CA MET A 76 -9.51 -2.53 8.11
C MET A 76 -10.30 -2.77 6.82
N ARG A 77 -11.62 -2.72 6.95
CA ARG A 77 -12.49 -2.94 5.81
C ARG A 77 -12.10 -2.01 4.65
N SER A 78 -11.39 -0.95 5.01
CA SER A 78 -10.94 0.02 4.03
C SER A 78 -9.55 -0.36 3.51
N TYR A 79 -8.60 -0.39 4.43
CA TYR A 79 -7.23 -0.74 4.09
C TYR A 79 -7.19 -1.86 3.06
N LYS A 80 -7.83 -2.97 3.41
CA LYS A 80 -7.87 -4.12 2.52
C LYS A 80 -8.41 -3.69 1.15
N GLN A 81 -9.55 -3.02 1.20
CA GLN A 81 -10.18 -2.54 -0.03
C GLN A 81 -9.16 -1.82 -0.91
N GLU A 82 -8.55 -0.79 -0.33
CA GLU A 82 -7.56 -0.01 -1.04
C GLU A 82 -6.41 -0.91 -1.50
N MET A 83 -5.78 -1.56 -0.54
CA MET A 83 -4.67 -2.44 -0.83
C MET A 83 -4.95 -3.27 -2.09
N GLY A 84 -5.90 -4.19 -1.97
CA GLY A 84 -6.26 -5.04 -3.09
C GLY A 84 -6.33 -4.24 -4.39
N LYS A 85 -6.99 -3.09 -4.31
CA LYS A 85 -7.14 -2.23 -5.48
C LYS A 85 -5.75 -1.77 -5.93
N LEU A 86 -4.97 -1.31 -4.97
CA LEU A 86 -3.62 -0.84 -5.26
C LEU A 86 -2.91 -1.86 -6.15
N GLU A 87 -3.24 -3.13 -5.92
CA GLU A 87 -2.64 -4.21 -6.69
C GLU A 87 -3.14 -4.18 -8.13
N THR A 88 -4.43 -3.86 -8.26
CA THR A 88 -5.05 -3.80 -9.58
C THR A 88 -4.58 -2.55 -10.33
N ASP A 89 -5.00 -1.40 -9.82
CA ASP A 89 -4.62 -0.13 -10.43
C ASP A 89 -3.16 -0.19 -10.87
N PHE A 90 -2.33 -0.71 -9.97
CA PHE A 90 -0.91 -0.83 -10.26
C PHE A 90 -0.66 -1.61 -11.54
N LYS A 91 -1.40 -2.71 -11.68
CA LYS A 91 -1.27 -3.55 -12.86
C LYS A 91 -2.10 -2.96 -13.99
N ARG A 92 -3.01 -2.08 -13.62
CA ARG A 92 -3.87 -1.43 -14.59
C ARG A 92 -3.29 -0.08 -15.01
N SER A 93 -2.15 0.24 -14.42
CA SER A 93 -1.47 1.49 -14.72
C SER A 93 -0.28 1.23 -15.64
N ARG A 94 0.37 0.09 -15.42
CA ARG A 94 1.52 -0.28 -16.21
C ARG A 94 1.09 -0.67 -17.63
N ILE A 95 -0.20 -0.92 -17.77
CA ILE A 95 -0.76 -1.30 -19.05
C ILE A 95 -1.11 -0.05 -19.85
N ALA A 96 -0.17 0.89 -19.87
CA ALA A 96 -0.37 2.13 -20.58
C ALA A 96 0.73 2.29 -21.64
N SER A 97 0.30 2.43 -22.89
CA SER A 97 1.23 2.58 -23.98
C SER A 97 1.96 1.26 -24.24
N GLY A 98 1.30 0.38 -24.98
CA GLY A 98 1.88 -0.92 -25.30
C GLY A 98 0.93 -1.73 -26.19
N PRO A 99 1.54 -2.56 -27.06
CA PRO A 99 0.76 -3.41 -27.96
C PRO A 99 0.16 -4.59 -27.21
N SER A 100 -1.04 -4.37 -26.70
CA SER A 100 -1.75 -5.41 -25.96
C SER A 100 -3.07 -5.74 -26.64
N SER A 101 -3.51 -6.97 -26.45
CA SER A 101 -4.75 -7.42 -27.05
C SER A 101 -4.61 -7.50 -28.57
N GLY A 102 -5.61 -8.11 -29.20
CA GLY A 102 -5.61 -8.26 -30.64
C GLY A 102 -6.03 -9.67 -31.05
N GLY A 1 28.81 9.74 19.62
CA GLY A 1 28.08 8.67 20.29
C GLY A 1 26.69 8.51 19.71
N SER A 2 25.69 8.70 20.57
CA SER A 2 24.30 8.57 20.15
C SER A 2 24.01 7.13 19.71
N SER A 3 22.75 6.75 19.83
CA SER A 3 22.33 5.42 19.44
C SER A 3 21.35 5.48 18.28
N GLY A 4 20.26 6.19 18.52
CA GLY A 4 19.23 6.34 17.50
C GLY A 4 17.83 6.39 18.12
N SER A 5 16.83 6.24 17.27
CA SER A 5 15.45 6.27 17.72
C SER A 5 14.57 5.50 16.74
N SER A 6 13.69 4.69 17.30
CA SER A 6 12.77 3.89 16.49
C SER A 6 11.35 4.44 16.61
N GLY A 7 10.70 4.60 15.47
CA GLY A 7 9.35 5.10 15.44
C GLY A 7 8.34 3.99 15.75
N GLU A 8 7.09 4.39 15.93
CA GLU A 8 6.03 3.45 16.23
C GLU A 8 4.76 3.81 15.45
N GLY A 9 3.98 2.78 15.14
CA GLY A 9 2.73 2.99 14.41
C GLY A 9 2.73 2.16 13.12
N TYR A 10 1.57 1.57 12.85
CA TYR A 10 1.42 0.75 11.66
C TYR A 10 0.58 1.48 10.60
N GLU A 11 -0.69 1.67 10.93
CA GLU A 11 -1.59 2.35 10.02
C GLU A 11 -0.88 3.50 9.32
N GLN A 12 -0.26 4.36 10.12
CA GLN A 12 0.46 5.50 9.59
C GLN A 12 1.37 5.07 8.44
N ASP A 13 2.38 4.29 8.78
CA ASP A 13 3.32 3.80 7.79
C ASP A 13 2.55 3.35 6.54
N PHE A 14 1.72 2.34 6.74
CA PHE A 14 0.93 1.81 5.64
C PHE A 14 0.21 2.93 4.90
N ALA A 15 -0.69 3.60 5.61
CA ALA A 15 -1.46 4.69 5.03
C ALA A 15 -0.50 5.62 4.26
N VAL A 16 0.68 5.80 4.82
CA VAL A 16 1.68 6.65 4.20
C VAL A 16 2.22 5.97 2.94
N LEU A 17 2.34 4.65 3.03
CA LEU A 17 2.84 3.86 1.91
C LEU A 17 1.78 3.83 0.81
N THR A 18 0.65 3.22 1.13
CA THR A 18 -0.45 3.11 0.18
C THR A 18 -0.57 4.40 -0.63
N ALA A 19 -0.55 5.52 0.08
CA ALA A 19 -0.66 6.81 -0.57
C ALA A 19 0.54 7.01 -1.51
N GLU A 20 1.72 6.82 -0.96
CA GLU A 20 2.94 6.97 -1.72
C GLU A 20 2.91 6.07 -2.96
N ILE A 21 2.35 4.89 -2.77
CA ILE A 21 2.25 3.92 -3.85
C ILE A 21 1.21 4.41 -4.87
N THR A 22 -0.01 4.58 -4.40
CA THR A 22 -1.08 5.03 -5.25
C THR A 22 -0.59 6.14 -6.19
N SER A 23 0.20 7.04 -5.63
CA SER A 23 0.75 8.13 -6.40
C SER A 23 1.60 7.60 -7.55
N LYS A 24 2.61 6.82 -7.19
CA LYS A 24 3.50 6.24 -8.18
C LYS A 24 2.67 5.47 -9.22
N ILE A 25 1.61 4.84 -8.73
CA ILE A 25 0.73 4.07 -9.60
C ILE A 25 0.11 5.00 -10.64
N ALA A 26 0.07 6.27 -10.29
CA ALA A 26 -0.51 7.27 -11.18
C ALA A 26 0.61 7.86 -12.06
N ARG A 27 1.83 7.70 -11.58
CA ARG A 27 2.99 8.20 -12.31
C ARG A 27 3.63 7.08 -13.15
N VAL A 28 3.14 5.88 -12.92
CA VAL A 28 3.65 4.72 -13.63
C VAL A 28 3.30 4.85 -15.12
N PRO A 29 1.99 5.14 -15.38
CA PRO A 29 1.52 5.30 -16.74
C PRO A 29 1.97 6.63 -17.33
N ARG A 30 2.71 7.38 -16.52
CA ARG A 30 3.20 8.67 -16.95
C ARG A 30 4.73 8.64 -17.07
N LEU A 31 5.34 7.83 -16.23
CA LEU A 31 6.79 7.70 -16.23
C LEU A 31 7.24 7.04 -17.53
N PRO A 32 8.53 7.26 -17.88
CA PRO A 32 9.09 6.68 -19.09
C PRO A 32 9.35 5.19 -18.92
N PRO A 33 9.76 4.54 -20.05
CA PRO A 33 10.05 3.11 -20.03
C PRO A 33 11.38 2.83 -19.35
N ASP A 34 11.99 3.89 -18.85
CA ASP A 34 13.26 3.78 -18.17
C ASP A 34 13.03 3.70 -16.66
N GLU A 35 12.21 4.62 -16.16
CA GLU A 35 11.90 4.66 -14.75
C GLU A 35 10.69 3.77 -14.45
N LYS A 36 9.79 3.69 -15.42
CA LYS A 36 8.60 2.88 -15.27
C LYS A 36 9.00 1.46 -14.90
N LYS A 37 9.79 0.84 -15.77
CA LYS A 37 10.25 -0.52 -15.53
C LYS A 37 10.58 -0.69 -14.04
N GLN A 38 11.45 0.17 -13.56
CA GLN A 38 11.86 0.13 -12.17
C GLN A 38 10.68 0.47 -11.26
N MET A 39 9.99 1.54 -11.62
CA MET A 39 8.84 1.99 -10.84
C MET A 39 7.83 0.85 -10.65
N VAL A 40 7.44 0.26 -11.77
CA VAL A 40 6.48 -0.83 -11.74
C VAL A 40 6.99 -1.92 -10.79
N ALA A 41 8.29 -1.90 -10.55
CA ALA A 41 8.90 -2.86 -9.65
C ALA A 41 8.96 -2.28 -8.24
N ASN A 42 9.30 -1.00 -8.18
CA ASN A 42 9.41 -0.31 -6.91
C ASN A 42 8.09 -0.45 -6.14
N VAL A 43 7.00 -0.43 -6.90
CA VAL A 43 5.68 -0.56 -6.32
C VAL A 43 5.46 -2.00 -5.87
N GLU A 44 5.96 -2.92 -6.67
CA GLU A 44 5.82 -4.34 -6.37
C GLU A 44 6.37 -4.63 -4.97
N LYS A 45 7.34 -3.82 -4.57
CA LYS A 45 7.95 -3.99 -3.25
C LYS A 45 7.06 -3.32 -2.20
N GLN A 46 7.00 -2.00 -2.27
CA GLN A 46 6.19 -1.24 -1.32
C GLN A 46 4.84 -1.93 -1.11
N LEU A 47 4.37 -2.58 -2.15
CA LEU A 47 3.10 -3.28 -2.09
C LEU A 47 3.25 -4.51 -1.20
N GLU A 48 4.25 -5.32 -1.51
CA GLU A 48 4.51 -6.52 -0.75
C GLU A 48 4.86 -6.17 0.69
N GLU A 49 5.42 -4.98 0.86
CA GLU A 49 5.81 -4.51 2.18
C GLU A 49 4.58 -4.25 3.04
N ALA A 50 3.72 -3.37 2.53
CA ALA A 50 2.50 -3.03 3.23
C ALA A 50 1.65 -4.28 3.45
N ARG A 51 1.67 -5.14 2.44
CA ARG A 51 0.91 -6.38 2.51
C ARG A 51 1.05 -7.01 3.90
N GLU A 52 2.25 -6.94 4.43
CA GLU A 52 2.52 -7.50 5.75
C GLU A 52 1.77 -6.72 6.82
N LEU A 53 1.84 -5.40 6.71
CA LEU A 53 1.17 -4.54 7.66
C LEU A 53 -0.26 -5.04 7.89
N LEU A 54 -0.99 -5.13 6.79
CA LEU A 54 -2.37 -5.60 6.86
C LEU A 54 -2.42 -6.92 7.62
N GLU A 55 -1.36 -7.70 7.46
CA GLU A 55 -1.27 -9.00 8.13
C GLU A 55 -1.11 -8.80 9.63
N GLN A 56 -0.13 -7.97 10.00
CA GLN A 56 0.13 -7.69 11.40
C GLN A 56 -1.05 -6.94 12.02
N MET A 57 -1.53 -5.94 11.31
CA MET A 57 -2.65 -5.15 11.78
C MET A 57 -3.88 -6.02 12.02
N ASP A 58 -4.06 -7.00 11.14
CA ASP A 58 -5.18 -7.91 11.25
C ASP A 58 -4.89 -8.95 12.32
N LEU A 59 -3.62 -9.33 12.41
CA LEU A 59 -3.19 -10.32 13.38
C LEU A 59 -3.17 -9.67 14.77
N GLU A 60 -3.44 -8.38 14.79
CA GLU A 60 -3.45 -7.65 16.05
C GLU A 60 -4.88 -7.25 16.42
N VAL A 61 -5.62 -6.78 15.42
CA VAL A 61 -6.99 -6.37 15.64
C VAL A 61 -7.78 -7.55 16.22
N ARG A 62 -7.22 -8.74 16.07
CA ARG A 62 -7.85 -9.93 16.59
C ARG A 62 -8.01 -9.84 18.11
N GLU A 63 -6.90 -9.53 18.77
CA GLU A 63 -6.91 -9.41 20.21
C GLU A 63 -7.81 -8.26 20.65
N ILE A 64 -7.80 -7.20 19.85
CA ILE A 64 -8.61 -6.03 20.14
C ILE A 64 -10.02 -6.47 20.50
N PRO A 65 -10.63 -5.75 21.47
CA PRO A 65 -11.98 -6.07 21.91
C PRO A 65 -13.00 -5.59 20.88
N PRO A 66 -14.26 -6.11 21.04
CA PRO A 66 -15.33 -5.75 20.14
C PRO A 66 -15.85 -4.33 20.42
N GLN A 67 -15.21 -3.71 21.40
CA GLN A 67 -15.59 -2.35 21.78
C GLN A 67 -14.70 -1.33 21.07
N SER A 68 -13.42 -1.66 21.01
CA SER A 68 -12.45 -0.78 20.36
C SER A 68 -12.45 -1.04 18.85
N ARG A 69 -12.46 -2.31 18.51
CA ARG A 69 -12.45 -2.70 17.10
C ARG A 69 -13.47 -1.88 16.31
N GLY A 70 -14.53 -1.49 17.00
CA GLY A 70 -15.58 -0.70 16.38
C GLY A 70 -14.99 0.31 15.39
N MET A 71 -13.82 0.83 15.74
CA MET A 71 -13.14 1.80 14.90
C MET A 71 -12.17 1.11 13.94
N TYR A 72 -11.16 0.48 14.53
CA TYR A 72 -10.15 -0.21 13.74
C TYR A 72 -10.80 -1.01 12.61
N SER A 73 -11.85 -1.74 12.96
CA SER A 73 -12.57 -2.54 11.98
C SER A 73 -12.95 -1.67 10.77
N ASN A 74 -13.82 -0.71 11.03
CA ASN A 74 -14.27 0.18 9.97
C ASN A 74 -13.09 0.54 9.07
N ARG A 75 -11.97 0.83 9.71
CA ARG A 75 -10.77 1.19 8.98
C ARG A 75 -10.21 -0.03 8.25
N MET A 76 -9.96 -1.07 9.00
CA MET A 76 -9.43 -2.31 8.44
C MET A 76 -10.04 -2.59 7.07
N ARG A 77 -11.36 -2.62 7.05
CA ARG A 77 -12.09 -2.87 5.82
C ARG A 77 -11.56 -1.99 4.70
N SER A 78 -11.43 -0.71 5.00
CA SER A 78 -10.94 0.25 4.02
C SER A 78 -9.60 -0.22 3.47
N TYR A 79 -8.61 -0.24 4.35
CA TYR A 79 -7.27 -0.67 3.97
C TYR A 79 -7.33 -1.88 3.04
N LYS A 80 -7.83 -2.98 3.59
CA LYS A 80 -7.94 -4.21 2.82
C LYS A 80 -8.48 -3.89 1.42
N GLN A 81 -9.55 -3.10 1.41
CA GLN A 81 -10.17 -2.71 0.16
C GLN A 81 -9.16 -1.97 -0.74
N GLU A 82 -8.64 -0.89 -0.19
CA GLU A 82 -7.67 -0.09 -0.92
C GLU A 82 -6.49 -0.96 -1.35
N MET A 83 -5.87 -1.58 -0.37
CA MET A 83 -4.72 -2.44 -0.63
C MET A 83 -4.96 -3.30 -1.88
N GLY A 84 -5.95 -4.16 -1.78
CA GLY A 84 -6.29 -5.04 -2.88
C GLY A 84 -6.39 -4.27 -4.20
N LYS A 85 -6.95 -3.07 -4.09
CA LYS A 85 -7.10 -2.22 -5.26
C LYS A 85 -5.72 -1.78 -5.76
N LEU A 86 -4.87 -1.41 -4.82
CA LEU A 86 -3.53 -0.97 -5.14
C LEU A 86 -2.87 -2.02 -6.04
N GLU A 87 -3.31 -3.25 -5.89
CA GLU A 87 -2.77 -4.35 -6.67
C GLU A 87 -3.28 -4.27 -8.10
N THR A 88 -4.57 -3.98 -8.23
CA THR A 88 -5.20 -3.88 -9.53
C THR A 88 -4.81 -2.57 -10.22
N ASP A 89 -5.16 -1.48 -9.57
CA ASP A 89 -4.85 -0.16 -10.10
C ASP A 89 -3.39 -0.13 -10.57
N PHE A 90 -2.57 -0.90 -9.86
CA PHE A 90 -1.15 -0.97 -10.18
C PHE A 90 -0.94 -1.71 -11.51
N LYS A 91 -1.61 -2.84 -11.64
CA LYS A 91 -1.49 -3.64 -12.84
C LYS A 91 -2.14 -2.90 -14.01
N ARG A 92 -3.07 -2.02 -13.67
CA ARG A 92 -3.77 -1.24 -14.67
C ARG A 92 -2.98 0.02 -15.01
N SER A 93 -1.89 0.20 -14.28
CA SER A 93 -1.04 1.37 -14.50
C SER A 93 0.20 0.98 -15.31
N ARG A 94 0.72 -0.20 -15.00
CA ARG A 94 1.90 -0.70 -15.69
C ARG A 94 1.54 -1.10 -17.12
N ILE A 95 0.24 -1.19 -17.37
CA ILE A 95 -0.24 -1.56 -18.68
C ILE A 95 -0.50 -0.30 -19.50
N ALA A 96 -1.18 0.65 -18.88
CA ALA A 96 -1.51 1.90 -19.54
C ALA A 96 -1.90 1.62 -20.99
N SER A 97 -2.78 0.65 -21.15
CA SER A 97 -3.24 0.28 -22.48
C SER A 97 -4.61 -0.40 -22.39
N GLY A 98 -5.25 -0.52 -23.54
CA GLY A 98 -6.56 -1.15 -23.60
C GLY A 98 -7.29 -0.77 -24.89
N PRO A 99 -8.36 -1.56 -25.19
CA PRO A 99 -9.15 -1.31 -26.40
C PRO A 99 -10.06 -0.09 -26.21
N SER A 100 -10.72 -0.06 -25.06
CA SER A 100 -11.61 1.03 -24.74
C SER A 100 -11.65 1.27 -23.23
N SER A 101 -12.00 0.22 -22.50
CA SER A 101 -12.07 0.30 -21.06
C SER A 101 -12.16 -1.10 -20.46
N GLY A 102 -11.69 -1.22 -19.22
CA GLY A 102 -11.71 -2.49 -18.53
C GLY A 102 -12.52 -2.40 -17.23
N GLY A 1 28.72 6.71 20.19
CA GLY A 1 27.80 6.16 21.17
C GLY A 1 26.81 5.20 20.51
N SER A 2 25.99 4.57 21.35
CA SER A 2 25.00 3.63 20.86
C SER A 2 23.59 4.15 21.17
N SER A 3 22.68 3.87 20.26
CA SER A 3 21.30 4.30 20.42
C SER A 3 20.34 3.24 19.88
N GLY A 4 19.33 2.93 20.68
CA GLY A 4 18.35 1.93 20.30
C GLY A 4 17.45 2.45 19.18
N SER A 5 16.15 2.25 19.38
CA SER A 5 15.17 2.69 18.41
C SER A 5 13.78 2.72 19.03
N SER A 6 12.84 3.32 18.31
CA SER A 6 11.48 3.41 18.79
C SER A 6 10.56 3.86 17.64
N GLY A 7 9.35 3.30 17.65
CA GLY A 7 8.38 3.62 16.63
C GLY A 7 7.21 2.64 16.65
N GLU A 8 6.06 3.14 17.10
CA GLU A 8 4.87 2.31 17.19
C GLU A 8 3.78 2.85 16.26
N GLY A 9 3.00 1.94 15.70
CA GLY A 9 1.93 2.31 14.80
C GLY A 9 2.19 1.78 13.39
N TYR A 10 1.43 0.76 13.03
CA TYR A 10 1.56 0.15 11.72
C TYR A 10 0.80 0.95 10.66
N GLU A 11 -0.49 1.07 10.88
CA GLU A 11 -1.35 1.81 9.96
C GLU A 11 -0.61 3.04 9.44
N GLN A 12 -0.11 3.84 10.37
CA GLN A 12 0.62 5.04 10.01
C GLN A 12 1.58 4.77 8.87
N ASP A 13 2.29 3.65 8.98
CA ASP A 13 3.25 3.26 7.96
C ASP A 13 2.49 2.74 6.74
N PHE A 14 1.43 1.99 7.01
CA PHE A 14 0.62 1.43 5.93
C PHE A 14 0.06 2.54 5.04
N ALA A 15 -0.79 3.36 5.65
CA ALA A 15 -1.40 4.46 4.92
C ALA A 15 -0.33 5.22 4.15
N VAL A 16 0.72 5.60 4.87
CA VAL A 16 1.82 6.34 4.27
C VAL A 16 2.37 5.56 3.07
N LEU A 17 2.31 4.24 3.20
CA LEU A 17 2.79 3.37 2.15
C LEU A 17 1.80 3.38 0.98
N THR A 18 0.63 2.83 1.23
CA THR A 18 -0.41 2.77 0.22
C THR A 18 -0.48 4.10 -0.54
N ALA A 19 -0.63 5.18 0.22
CA ALA A 19 -0.72 6.51 -0.36
C ALA A 19 0.40 6.67 -1.40
N GLU A 20 1.63 6.66 -0.91
CA GLU A 20 2.79 6.80 -1.78
C GLU A 20 2.67 5.85 -2.96
N ILE A 21 2.26 4.63 -2.67
CA ILE A 21 2.11 3.62 -3.71
C ILE A 21 1.07 4.09 -4.72
N THR A 22 -0.18 4.16 -4.26
CA THR A 22 -1.26 4.59 -5.12
C THR A 22 -0.81 5.74 -6.03
N SER A 23 -0.09 6.67 -5.44
CA SER A 23 0.41 7.81 -6.18
C SER A 23 1.32 7.35 -7.32
N LYS A 24 2.35 6.61 -6.94
CA LYS A 24 3.31 6.10 -7.91
C LYS A 24 2.56 5.32 -8.99
N ILE A 25 1.55 4.57 -8.55
CA ILE A 25 0.75 3.78 -9.46
C ILE A 25 0.08 4.70 -10.47
N ALA A 26 -0.26 5.89 -10.00
CA ALA A 26 -0.90 6.88 -10.85
C ALA A 26 0.15 7.60 -11.69
N ARG A 27 1.40 7.41 -11.31
CA ARG A 27 2.51 8.02 -12.01
C ARG A 27 3.13 7.02 -12.99
N VAL A 28 2.89 5.75 -12.74
CA VAL A 28 3.42 4.69 -13.58
C VAL A 28 3.06 4.99 -15.03
N PRO A 29 1.74 5.23 -15.27
CA PRO A 29 1.26 5.52 -16.61
C PRO A 29 1.64 6.95 -17.03
N ARG A 30 2.34 7.62 -16.14
CA ARG A 30 2.77 8.99 -16.40
C ARG A 30 4.28 9.10 -16.28
N LEU A 31 4.93 7.95 -16.15
CA LEU A 31 6.38 7.91 -16.01
C LEU A 31 6.98 7.34 -17.30
N PRO A 32 8.30 7.63 -17.49
CA PRO A 32 9.00 7.16 -18.67
C PRO A 32 9.31 5.65 -18.56
N PRO A 33 9.75 5.08 -19.71
CA PRO A 33 10.07 3.66 -19.75
C PRO A 33 11.41 3.38 -19.06
N ASP A 34 12.00 4.46 -18.54
CA ASP A 34 13.28 4.34 -17.86
C ASP A 34 13.04 4.33 -16.35
N GLU A 35 12.05 5.10 -15.93
CA GLU A 35 11.71 5.19 -14.52
C GLU A 35 10.51 4.29 -14.21
N LYS A 36 9.69 4.06 -15.23
CA LYS A 36 8.52 3.23 -15.08
C LYS A 36 8.96 1.81 -14.69
N LYS A 37 9.77 1.23 -15.56
CA LYS A 37 10.26 -0.12 -15.32
C LYS A 37 10.59 -0.29 -13.83
N GLN A 38 11.46 0.57 -13.35
CA GLN A 38 11.86 0.53 -11.95
C GLN A 38 10.66 0.76 -11.04
N MET A 39 9.87 1.78 -11.40
CA MET A 39 8.69 2.12 -10.64
C MET A 39 7.74 0.91 -10.53
N VAL A 40 7.53 0.26 -11.66
CA VAL A 40 6.65 -0.90 -11.69
C VAL A 40 7.24 -2.00 -10.81
N ALA A 41 8.50 -1.82 -10.45
CA ALA A 41 9.20 -2.78 -9.61
C ALA A 41 9.24 -2.27 -8.18
N ASN A 42 9.39 -0.96 -8.05
CA ASN A 42 9.45 -0.33 -6.75
C ASN A 42 8.12 -0.54 -6.03
N VAL A 43 7.04 -0.41 -6.80
CA VAL A 43 5.71 -0.58 -6.24
C VAL A 43 5.52 -2.03 -5.80
N GLU A 44 6.10 -2.93 -6.58
CA GLU A 44 6.02 -4.35 -6.28
C GLU A 44 6.49 -4.63 -4.85
N LYS A 45 7.54 -3.93 -4.46
CA LYS A 45 8.11 -4.08 -3.14
C LYS A 45 7.20 -3.40 -2.12
N GLN A 46 6.95 -2.12 -2.35
CA GLN A 46 6.10 -1.34 -1.47
C GLN A 46 4.74 -2.02 -1.31
N LEU A 47 4.38 -2.78 -2.33
CA LEU A 47 3.10 -3.49 -2.32
C LEU A 47 3.19 -4.68 -1.34
N GLU A 48 4.12 -5.57 -1.64
CA GLU A 48 4.32 -6.75 -0.81
C GLU A 48 4.62 -6.33 0.63
N GLU A 49 5.20 -5.15 0.76
CA GLU A 49 5.55 -4.62 2.07
C GLU A 49 4.28 -4.24 2.85
N ALA A 50 3.29 -3.77 2.11
CA ALA A 50 2.03 -3.36 2.71
C ALA A 50 1.20 -4.61 3.01
N ARG A 51 1.41 -5.63 2.19
CA ARG A 51 0.69 -6.88 2.36
C ARG A 51 0.93 -7.46 3.75
N GLU A 52 2.20 -7.65 4.06
CA GLU A 52 2.59 -8.18 5.35
C GLU A 52 2.07 -7.30 6.48
N LEU A 53 1.93 -6.02 6.16
CA LEU A 53 1.44 -5.05 7.13
C LEU A 53 0.05 -5.49 7.63
N LEU A 54 -0.89 -5.50 6.69
CA LEU A 54 -2.25 -5.88 7.02
C LEU A 54 -2.22 -7.13 7.92
N GLU A 55 -1.28 -8.00 7.63
CA GLU A 55 -1.13 -9.24 8.39
C GLU A 55 -1.02 -8.91 9.88
N GLN A 56 -0.23 -7.89 10.18
CA GLN A 56 -0.02 -7.47 11.56
C GLN A 56 -1.22 -6.66 12.05
N MET A 57 -1.54 -5.62 11.30
CA MET A 57 -2.65 -4.76 11.66
C MET A 57 -3.91 -5.58 11.93
N ASP A 58 -4.05 -6.66 11.18
CA ASP A 58 -5.20 -7.55 11.33
C ASP A 58 -4.95 -8.49 12.50
N LEU A 59 -3.70 -8.89 12.64
CA LEU A 59 -3.32 -9.80 13.71
C LEU A 59 -3.27 -9.03 15.03
N GLU A 60 -3.52 -7.73 14.93
CA GLU A 60 -3.51 -6.87 16.11
C GLU A 60 -4.93 -6.39 16.42
N VAL A 61 -5.53 -5.74 15.44
CA VAL A 61 -6.88 -5.22 15.61
C VAL A 61 -7.78 -6.31 16.18
N ARG A 62 -7.39 -7.55 15.92
CA ARG A 62 -8.14 -8.69 16.40
C ARG A 62 -8.11 -8.75 17.92
N GLU A 63 -6.90 -8.60 18.47
CA GLU A 63 -6.73 -8.63 19.91
C GLU A 63 -7.26 -7.35 20.54
N ILE A 64 -7.45 -6.34 19.69
CA ILE A 64 -7.95 -5.06 20.15
C ILE A 64 -9.40 -5.23 20.60
N PRO A 65 -9.75 -4.49 21.70
CA PRO A 65 -11.10 -4.55 22.24
C PRO A 65 -12.07 -3.76 21.36
N PRO A 66 -13.39 -4.02 21.60
CA PRO A 66 -14.42 -3.34 20.84
C PRO A 66 -14.58 -1.89 21.30
N GLN A 67 -13.76 -1.51 22.26
CA GLN A 67 -13.79 -0.15 22.79
C GLN A 67 -12.70 0.70 22.14
N SER A 68 -11.70 0.01 21.60
CA SER A 68 -10.60 0.70 20.95
C SER A 68 -10.67 0.48 19.44
N ARG A 69 -11.04 -0.74 19.06
CA ARG A 69 -11.15 -1.08 17.65
C ARG A 69 -11.71 0.09 16.86
N GLY A 70 -12.57 0.86 17.52
CA GLY A 70 -13.18 2.01 16.88
C GLY A 70 -12.17 2.73 15.97
N MET A 71 -12.65 3.06 14.78
CA MET A 71 -11.82 3.75 13.80
C MET A 71 -10.90 2.76 13.08
N TYR A 72 -10.19 1.97 13.87
CA TYR A 72 -9.27 0.99 13.32
C TYR A 72 -10.00 0.03 12.37
N SER A 73 -11.16 -0.44 12.83
CA SER A 73 -11.96 -1.36 12.04
C SER A 73 -12.40 -0.69 10.74
N ASN A 74 -13.09 0.43 10.89
CA ASN A 74 -13.56 1.18 9.73
C ASN A 74 -12.43 1.32 8.72
N ARG A 75 -11.23 1.52 9.24
CA ARG A 75 -10.06 1.68 8.39
C ARG A 75 -9.72 0.35 7.72
N MET A 76 -9.45 -0.64 8.56
CA MET A 76 -9.10 -1.97 8.06
C MET A 76 -9.96 -2.34 6.84
N ARG A 77 -11.20 -1.88 6.87
CA ARG A 77 -12.13 -2.15 5.79
C ARG A 77 -11.62 -1.54 4.48
N SER A 78 -11.51 -0.23 4.48
CA SER A 78 -11.04 0.49 3.32
C SER A 78 -9.70 -0.09 2.86
N TYR A 79 -8.81 -0.28 3.82
CA TYR A 79 -7.49 -0.83 3.52
C TYR A 79 -7.60 -2.03 2.59
N LYS A 80 -8.14 -3.12 3.13
CA LYS A 80 -8.30 -4.34 2.36
C LYS A 80 -8.73 -3.98 0.94
N GLN A 81 -9.76 -3.15 0.85
CA GLN A 81 -10.28 -2.72 -0.43
C GLN A 81 -9.18 -2.03 -1.24
N GLU A 82 -8.49 -1.12 -0.59
CA GLU A 82 -7.41 -0.38 -1.23
C GLU A 82 -6.27 -1.33 -1.61
N MET A 83 -5.66 -1.90 -0.58
CA MET A 83 -4.55 -2.83 -0.78
C MET A 83 -4.81 -3.71 -2.01
N GLY A 84 -5.88 -4.48 -1.93
CA GLY A 84 -6.23 -5.38 -3.01
C GLY A 84 -6.26 -4.64 -4.35
N LYS A 85 -6.93 -3.49 -4.34
CA LYS A 85 -7.04 -2.69 -5.54
C LYS A 85 -5.64 -2.22 -5.97
N LEU A 86 -4.85 -1.85 -4.98
CA LEU A 86 -3.49 -1.38 -5.24
C LEU A 86 -2.77 -2.42 -6.10
N GLU A 87 -3.14 -3.68 -5.89
CA GLU A 87 -2.53 -4.77 -6.64
C GLU A 87 -3.00 -4.74 -8.10
N THR A 88 -4.29 -4.43 -8.26
CA THR A 88 -4.87 -4.38 -9.58
C THR A 88 -4.53 -3.05 -10.27
N ASP A 89 -4.94 -1.96 -9.63
CA ASP A 89 -4.68 -0.64 -10.17
C ASP A 89 -3.22 -0.55 -10.60
N PHE A 90 -2.36 -1.17 -9.80
CA PHE A 90 -0.93 -1.15 -10.07
C PHE A 90 -0.65 -1.76 -11.45
N LYS A 91 -1.28 -2.90 -11.71
CA LYS A 91 -1.10 -3.58 -12.97
C LYS A 91 -1.89 -2.85 -14.07
N ARG A 92 -2.99 -2.25 -13.65
CA ARG A 92 -3.84 -1.51 -14.57
C ARG A 92 -3.23 -0.13 -14.86
N SER A 93 -2.06 0.09 -14.30
CA SER A 93 -1.38 1.36 -14.48
C SER A 93 -0.13 1.15 -15.35
N ARG A 94 0.51 0.01 -15.14
CA ARG A 94 1.71 -0.32 -15.90
C ARG A 94 1.34 -0.73 -17.33
N ILE A 95 0.09 -1.12 -17.50
CA ILE A 95 -0.40 -1.54 -18.80
C ILE A 95 -0.85 -0.31 -19.59
N ALA A 96 0.05 0.66 -19.67
CA ALA A 96 -0.24 1.89 -20.39
C ALA A 96 0.93 2.24 -21.29
N SER A 97 0.68 2.20 -22.59
CA SER A 97 1.71 2.50 -23.57
C SER A 97 1.07 3.08 -24.83
N GLY A 98 0.43 4.22 -24.67
CA GLY A 98 -0.23 4.88 -25.79
C GLY A 98 -1.71 5.14 -25.48
N PRO A 99 -2.50 5.33 -26.57
CA PRO A 99 -3.91 5.59 -26.43
C PRO A 99 -4.67 4.32 -26.05
N SER A 100 -4.35 3.24 -26.75
CA SER A 100 -4.99 1.97 -26.50
C SER A 100 -4.47 0.91 -27.49
N SER A 101 -3.54 0.11 -27.01
CA SER A 101 -2.95 -0.93 -27.83
C SER A 101 -2.09 -0.31 -28.93
N GLY A 102 -2.76 0.39 -29.84
CA GLY A 102 -2.07 1.03 -30.94
C GLY A 102 -2.14 0.18 -32.21
N GLY A 1 26.46 3.66 17.71
CA GLY A 1 25.22 4.42 17.65
C GLY A 1 24.42 4.05 16.40
N SER A 2 23.20 3.57 16.63
CA SER A 2 22.32 3.18 15.54
C SER A 2 20.87 3.47 15.91
N SER A 3 20.01 3.41 14.89
CA SER A 3 18.60 3.67 15.10
C SER A 3 17.85 2.34 15.23
N GLY A 4 16.59 2.45 15.64
CA GLY A 4 15.76 1.27 15.82
C GLY A 4 14.30 1.67 16.09
N SER A 5 13.54 0.71 16.60
CA SER A 5 12.15 0.94 16.91
C SER A 5 12.02 1.88 18.11
N SER A 6 11.64 3.12 17.82
CA SER A 6 11.48 4.11 18.86
C SER A 6 10.01 4.24 19.25
N GLY A 7 9.19 4.53 18.24
CA GLY A 7 7.77 4.69 18.45
C GLY A 7 6.99 3.54 17.81
N GLU A 8 5.67 3.64 17.91
CA GLU A 8 4.80 2.61 17.33
C GLU A 8 3.81 3.24 16.35
N GLY A 9 3.19 2.39 15.55
CA GLY A 9 2.22 2.84 14.57
C GLY A 9 2.36 2.07 13.27
N TYR A 10 1.24 1.56 12.80
CA TYR A 10 1.22 0.79 11.56
C TYR A 10 0.34 1.49 10.50
N GLU A 11 -0.93 1.62 10.83
CA GLU A 11 -1.87 2.26 9.92
C GLU A 11 -1.21 3.44 9.23
N GLN A 12 -0.60 4.30 10.03
CA GLN A 12 0.07 5.48 9.51
C GLN A 12 0.91 5.11 8.28
N ASP A 13 1.92 4.29 8.51
CA ASP A 13 2.79 3.86 7.44
C ASP A 13 1.95 3.36 6.27
N PHE A 14 1.07 2.42 6.56
CA PHE A 14 0.20 1.85 5.55
C PHE A 14 -0.53 2.96 4.79
N ALA A 15 -1.38 3.67 5.51
CA ALA A 15 -2.14 4.75 4.91
C ALA A 15 -1.23 5.58 4.00
N VAL A 16 0.01 5.75 4.45
CA VAL A 16 0.98 6.51 3.69
C VAL A 16 1.41 5.70 2.46
N LEU A 17 1.66 4.42 2.70
CA LEU A 17 2.08 3.53 1.63
C LEU A 17 1.15 3.71 0.43
N THR A 18 -0.03 3.13 0.53
CA THR A 18 -1.01 3.22 -0.53
C THR A 18 -0.94 4.59 -1.21
N ALA A 19 -1.34 5.61 -0.46
CA ALA A 19 -1.32 6.97 -0.97
C ALA A 19 -0.05 7.18 -1.80
N GLU A 20 1.07 6.83 -1.19
CA GLU A 20 2.36 6.98 -1.86
C GLU A 20 2.42 6.10 -3.10
N ILE A 21 2.11 4.82 -2.91
CA ILE A 21 2.12 3.87 -4.01
C ILE A 21 1.17 4.35 -5.10
N THR A 22 -0.11 4.39 -4.76
CA THR A 22 -1.13 4.82 -5.70
C THR A 22 -0.59 5.95 -6.58
N SER A 23 0.12 6.86 -5.94
CA SER A 23 0.69 8.00 -6.65
C SER A 23 1.68 7.51 -7.71
N LYS A 24 2.73 6.86 -7.23
CA LYS A 24 3.76 6.34 -8.12
C LYS A 24 3.10 5.49 -9.21
N ILE A 25 1.95 4.93 -8.87
CA ILE A 25 1.21 4.11 -9.81
C ILE A 25 0.63 5.00 -10.91
N ALA A 26 0.32 6.23 -10.53
CA ALA A 26 -0.25 7.18 -11.47
C ALA A 26 0.87 7.73 -12.36
N ARG A 27 2.08 7.62 -11.86
CA ARG A 27 3.25 8.10 -12.60
C ARG A 27 3.82 6.98 -13.47
N VAL A 28 3.43 5.76 -13.16
CA VAL A 28 3.89 4.60 -13.90
C VAL A 28 3.67 4.84 -15.39
N PRO A 29 2.41 5.23 -15.73
CA PRO A 29 2.06 5.49 -17.12
C PRO A 29 2.63 6.83 -17.58
N ARG A 30 3.05 7.62 -16.62
CA ARG A 30 3.62 8.92 -16.92
C ARG A 30 5.15 8.88 -16.80
N LEU A 31 5.66 7.68 -16.60
CA LEU A 31 7.10 7.48 -16.47
C LEU A 31 7.63 6.81 -17.74
N PRO A 32 8.96 6.95 -17.94
CA PRO A 32 9.61 6.37 -19.11
C PRO A 32 9.77 4.86 -18.94
N PRO A 33 10.18 4.21 -20.07
CA PRO A 33 10.36 2.76 -20.07
C PRO A 33 11.65 2.37 -19.32
N ASP A 34 12.32 3.39 -18.81
CA ASP A 34 13.55 3.17 -18.08
C ASP A 34 13.27 3.23 -16.58
N GLU A 35 12.47 4.21 -16.19
CA GLU A 35 12.12 4.38 -14.79
C GLU A 35 10.86 3.56 -14.46
N LYS A 36 10.02 3.40 -15.47
CA LYS A 36 8.79 2.64 -15.29
C LYS A 36 9.12 1.22 -14.86
N LYS A 37 9.94 0.56 -15.68
CA LYS A 37 10.35 -0.81 -15.39
C LYS A 37 10.68 -0.93 -13.90
N GLN A 38 11.51 0.00 -13.43
CA GLN A 38 11.91 -0.01 -12.04
C GLN A 38 10.73 0.40 -11.15
N MET A 39 10.03 1.43 -11.58
CA MET A 39 8.89 1.93 -10.85
C MET A 39 7.86 0.82 -10.61
N VAL A 40 7.46 0.19 -11.71
CA VAL A 40 6.48 -0.88 -11.64
C VAL A 40 6.96 -1.94 -10.64
N ALA A 41 8.26 -1.92 -10.39
CA ALA A 41 8.86 -2.87 -9.46
C ALA A 41 8.89 -2.24 -8.06
N ASN A 42 9.13 -0.94 -8.03
CA ASN A 42 9.19 -0.21 -6.78
C ASN A 42 7.86 -0.39 -6.02
N VAL A 43 6.78 -0.30 -6.78
CA VAL A 43 5.45 -0.44 -6.20
C VAL A 43 5.27 -1.87 -5.71
N GLU A 44 5.84 -2.81 -6.45
CA GLU A 44 5.76 -4.21 -6.10
C GLU A 44 6.36 -4.45 -4.71
N LYS A 45 7.31 -3.60 -4.36
CA LYS A 45 7.97 -3.70 -3.08
C LYS A 45 7.09 -3.06 -2.00
N GLN A 46 6.80 -1.79 -2.20
CA GLN A 46 5.98 -1.06 -1.25
C GLN A 46 4.67 -1.79 -1.02
N LEU A 47 4.23 -2.50 -2.05
CA LEU A 47 2.98 -3.26 -1.96
C LEU A 47 3.16 -4.41 -0.98
N GLU A 48 4.08 -5.31 -1.31
CA GLU A 48 4.36 -6.45 -0.47
C GLU A 48 4.69 -6.00 0.95
N GLU A 49 5.31 -4.84 1.03
CA GLU A 49 5.70 -4.28 2.32
C GLU A 49 4.46 -3.92 3.14
N ALA A 50 3.39 -3.61 2.42
CA ALA A 50 2.13 -3.25 3.07
C ALA A 50 1.34 -4.53 3.37
N ARG A 51 1.54 -5.54 2.54
CA ARG A 51 0.86 -6.80 2.71
C ARG A 51 1.08 -7.34 4.13
N GLU A 52 2.30 -7.15 4.61
CA GLU A 52 2.65 -7.61 5.95
C GLU A 52 1.90 -6.79 7.01
N LEU A 53 1.75 -5.50 6.72
CA LEU A 53 1.05 -4.61 7.62
C LEU A 53 -0.31 -5.22 7.98
N LEU A 54 -1.16 -5.30 6.97
CA LEU A 54 -2.50 -5.85 7.17
C LEU A 54 -2.40 -7.09 8.05
N GLU A 55 -1.33 -7.84 7.87
CA GLU A 55 -1.11 -9.05 8.64
C GLU A 55 -0.97 -8.71 10.13
N GLN A 56 0.16 -8.08 10.45
CA GLN A 56 0.43 -7.70 11.83
C GLN A 56 -0.78 -6.98 12.43
N MET A 57 -1.36 -6.10 11.62
CA MET A 57 -2.51 -5.33 12.05
C MET A 57 -3.67 -6.26 12.47
N ASP A 58 -3.93 -7.23 11.61
CA ASP A 58 -4.99 -8.19 11.87
C ASP A 58 -4.56 -9.13 12.99
N LEU A 59 -3.34 -9.64 12.87
CA LEU A 59 -2.80 -10.55 13.86
C LEU A 59 -2.71 -9.82 15.21
N GLU A 60 -2.84 -8.50 15.14
CA GLU A 60 -2.77 -7.69 16.35
C GLU A 60 -4.18 -7.37 16.85
N VAL A 61 -4.99 -6.83 15.94
CA VAL A 61 -6.36 -6.48 16.28
C VAL A 61 -6.99 -7.61 17.08
N ARG A 62 -6.50 -8.82 16.84
CA ARG A 62 -7.01 -10.00 17.53
C ARG A 62 -6.94 -9.79 19.04
N GLU A 63 -5.91 -9.07 19.46
CA GLU A 63 -5.71 -8.80 20.87
C GLU A 63 -6.61 -7.65 21.31
N ILE A 64 -7.02 -6.84 20.35
CA ILE A 64 -7.88 -5.70 20.62
C ILE A 64 -9.27 -6.21 21.01
N PRO A 65 -9.88 -5.49 21.99
CA PRO A 65 -11.21 -5.85 22.46
C PRO A 65 -12.28 -5.44 21.44
N PRO A 66 -13.51 -5.99 21.66
CA PRO A 66 -14.63 -5.70 20.78
C PRO A 66 -15.17 -4.30 21.03
N GLN A 67 -14.52 -3.60 21.94
CA GLN A 67 -14.94 -2.25 22.29
C GLN A 67 -13.99 -1.23 21.65
N SER A 68 -12.82 -1.72 21.27
CA SER A 68 -11.82 -0.87 20.65
C SER A 68 -11.55 -1.33 19.21
N ARG A 69 -12.40 -2.25 18.75
CA ARG A 69 -12.26 -2.78 17.41
C ARG A 69 -13.23 -2.08 16.46
N GLY A 70 -14.35 -1.65 17.01
CA GLY A 70 -15.36 -0.96 16.22
C GLY A 70 -14.72 -0.02 15.20
N MET A 71 -13.67 0.66 15.66
CA MET A 71 -12.96 1.59 14.80
C MET A 71 -11.95 0.86 13.91
N TYR A 72 -11.02 0.18 14.56
CA TYR A 72 -9.99 -0.56 13.85
C TYR A 72 -10.61 -1.44 12.76
N SER A 73 -11.55 -2.27 13.17
CA SER A 73 -12.23 -3.16 12.23
C SER A 73 -12.70 -2.36 11.01
N ASN A 74 -13.46 -1.33 11.28
CA ASN A 74 -13.99 -0.49 10.22
C ASN A 74 -12.85 -0.09 9.27
N ARG A 75 -11.74 0.29 9.87
CA ARG A 75 -10.56 0.69 9.10
C ARG A 75 -9.97 -0.51 8.38
N MET A 76 -9.82 -1.59 9.12
CA MET A 76 -9.26 -2.82 8.57
C MET A 76 -9.85 -3.12 7.19
N ARG A 77 -11.17 -3.13 7.14
CA ARG A 77 -11.86 -3.39 5.88
C ARG A 77 -11.52 -2.33 4.85
N SER A 78 -11.29 -1.12 5.35
CA SER A 78 -10.96 0.00 4.48
C SER A 78 -9.57 -0.22 3.85
N TYR A 79 -8.59 -0.44 4.72
CA TYR A 79 -7.24 -0.67 4.27
C TYR A 79 -7.19 -1.73 3.17
N LYS A 80 -7.85 -2.84 3.45
CA LYS A 80 -7.89 -3.95 2.49
C LYS A 80 -8.45 -3.44 1.16
N GLN A 81 -9.44 -2.56 1.26
CA GLN A 81 -10.05 -1.99 0.08
C GLN A 81 -9.05 -1.12 -0.68
N GLU A 82 -8.29 -0.34 0.09
CA GLU A 82 -7.30 0.54 -0.50
C GLU A 82 -6.15 -0.28 -1.10
N MET A 83 -5.62 -1.18 -0.28
CA MET A 83 -4.53 -2.03 -0.72
C MET A 83 -4.91 -2.83 -1.96
N GLY A 84 -5.88 -3.72 -1.77
CA GLY A 84 -6.36 -4.55 -2.86
C GLY A 84 -6.57 -3.73 -4.13
N LYS A 85 -6.91 -2.46 -3.93
CA LYS A 85 -7.14 -1.56 -5.05
C LYS A 85 -5.81 -1.30 -5.76
N LEU A 86 -4.78 -1.05 -4.96
CA LEU A 86 -3.47 -0.79 -5.50
C LEU A 86 -3.09 -1.87 -6.51
N GLU A 87 -3.52 -3.08 -6.20
CA GLU A 87 -3.25 -4.21 -7.08
C GLU A 87 -3.90 -4.01 -8.45
N THR A 88 -4.89 -3.12 -8.47
CA THR A 88 -5.60 -2.81 -9.69
C THR A 88 -4.98 -1.60 -10.39
N ASP A 89 -4.98 -0.49 -9.66
CA ASP A 89 -4.42 0.75 -10.19
C ASP A 89 -2.99 0.50 -10.66
N PHE A 90 -2.37 -0.51 -10.07
CA PHE A 90 -1.01 -0.87 -10.41
C PHE A 90 -0.96 -1.65 -11.73
N LYS A 91 -1.95 -2.50 -11.91
CA LYS A 91 -2.04 -3.31 -13.12
C LYS A 91 -2.73 -2.51 -14.22
N ARG A 92 -3.35 -1.41 -13.81
CA ARG A 92 -4.05 -0.55 -14.74
C ARG A 92 -3.18 0.64 -15.12
N SER A 93 -1.96 0.64 -14.60
CA SER A 93 -1.03 1.71 -14.87
C SER A 93 0.18 1.18 -15.64
N ARG A 94 0.59 -0.03 -15.27
CA ARG A 94 1.73 -0.67 -15.91
C ARG A 94 1.32 -1.22 -17.27
N ILE A 95 0.06 -1.03 -17.60
CA ILE A 95 -0.46 -1.50 -18.87
C ILE A 95 -0.39 -0.38 -19.90
N ALA A 96 0.53 0.56 -19.65
CA ALA A 96 0.71 1.68 -20.55
C ALA A 96 2.05 1.52 -21.29
N SER A 97 1.96 0.91 -22.47
CA SER A 97 3.15 0.69 -23.28
C SER A 97 3.23 1.75 -24.37
N GLY A 98 4.02 2.78 -24.10
CA GLY A 98 4.20 3.86 -25.05
C GLY A 98 2.90 4.66 -25.23
N PRO A 99 2.68 5.14 -26.48
CA PRO A 99 1.49 5.91 -26.80
C PRO A 99 0.27 5.01 -26.90
N SER A 100 -0.30 4.69 -25.75
CA SER A 100 -1.48 3.84 -25.69
C SER A 100 -2.72 4.67 -25.39
N SER A 101 -3.85 4.17 -25.83
CA SER A 101 -5.12 4.85 -25.61
C SER A 101 -6.29 3.96 -26.05
N GLY A 102 -6.24 3.57 -27.32
CA GLY A 102 -7.28 2.73 -27.87
C GLY A 102 -6.93 2.30 -29.30
N GLY A 1 19.39 1.10 27.69
CA GLY A 1 18.93 1.84 26.52
C GLY A 1 20.06 2.66 25.90
N SER A 2 19.68 3.74 25.24
CA SER A 2 20.66 4.61 24.61
C SER A 2 19.97 5.90 24.13
N SER A 3 18.98 5.72 23.27
CA SER A 3 18.24 6.85 22.74
C SER A 3 16.98 6.36 22.02
N GLY A 4 15.92 7.14 22.18
CA GLY A 4 14.64 6.80 21.56
C GLY A 4 14.28 7.80 20.46
N SER A 5 14.27 7.32 19.23
CA SER A 5 13.95 8.16 18.09
C SER A 5 12.73 7.60 17.37
N SER A 6 12.86 6.36 16.90
CA SER A 6 11.78 5.70 16.18
C SER A 6 10.54 5.62 17.08
N GLY A 7 9.42 5.33 16.44
CA GLY A 7 8.15 5.22 17.16
C GLY A 7 7.39 3.97 16.74
N GLU A 8 6.22 3.79 17.35
CA GLU A 8 5.39 2.64 17.04
C GLU A 8 4.14 3.09 16.25
N GLY A 9 3.70 2.22 15.36
CA GLY A 9 2.54 2.50 14.54
C GLY A 9 2.55 1.68 13.26
N TYR A 10 1.36 1.39 12.76
CA TYR A 10 1.21 0.62 11.54
C TYR A 10 0.40 1.38 10.50
N GLU A 11 -0.87 1.57 10.80
CA GLU A 11 -1.76 2.27 9.90
C GLU A 11 -1.04 3.45 9.26
N GLN A 12 -0.40 4.25 10.09
CA GLN A 12 0.33 5.41 9.61
C GLN A 12 1.27 5.00 8.48
N ASP A 13 2.13 4.05 8.79
CA ASP A 13 3.10 3.57 7.81
C ASP A 13 2.36 3.15 6.54
N PHE A 14 1.46 2.19 6.71
CA PHE A 14 0.67 1.70 5.59
C PHE A 14 0.02 2.85 4.82
N ALA A 15 -0.70 3.67 5.56
CA ALA A 15 -1.38 4.81 4.97
C ALA A 15 -0.41 5.55 4.04
N VAL A 16 0.79 5.78 4.54
CA VAL A 16 1.81 6.47 3.76
C VAL A 16 2.16 5.62 2.54
N LEU A 17 2.48 4.37 2.79
CA LEU A 17 2.84 3.45 1.72
C LEU A 17 1.77 3.50 0.64
N THR A 18 0.58 3.02 0.99
CA THR A 18 -0.52 3.00 0.07
C THR A 18 -0.59 4.32 -0.72
N ALA A 19 -0.74 5.41 0.04
CA ALA A 19 -0.82 6.73 -0.57
C ALA A 19 0.35 6.91 -1.54
N GLU A 20 1.55 6.90 -0.96
CA GLU A 20 2.75 7.06 -1.76
C GLU A 20 2.70 6.17 -3.01
N ILE A 21 2.41 4.90 -2.77
CA ILE A 21 2.33 3.94 -3.86
C ILE A 21 1.28 4.42 -4.87
N THR A 22 0.05 4.54 -4.40
CA THR A 22 -1.03 4.99 -5.25
C THR A 22 -0.55 6.08 -6.20
N SER A 23 0.19 7.02 -5.64
CA SER A 23 0.72 8.13 -6.43
C SER A 23 1.61 7.59 -7.55
N LYS A 24 2.68 6.93 -7.14
CA LYS A 24 3.62 6.36 -8.09
C LYS A 24 2.86 5.54 -9.14
N ILE A 25 1.78 4.91 -8.67
CA ILE A 25 0.95 4.09 -9.55
C ILE A 25 0.33 4.99 -10.62
N ALA A 26 0.07 6.23 -10.24
CA ALA A 26 -0.52 7.19 -11.16
C ALA A 26 0.57 7.77 -12.06
N ARG A 27 1.81 7.60 -11.62
CA ARG A 27 2.94 8.10 -12.38
C ARG A 27 3.49 7.02 -13.30
N VAL A 28 3.12 5.78 -12.98
CA VAL A 28 3.56 4.64 -13.78
C VAL A 28 3.22 4.88 -15.25
N PRO A 29 1.92 5.22 -15.49
CA PRO A 29 1.46 5.47 -16.84
C PRO A 29 1.93 6.84 -17.34
N ARG A 30 2.69 7.52 -16.48
CA ARG A 30 3.20 8.83 -16.81
C ARG A 30 4.73 8.84 -16.72
N LEU A 31 5.29 7.64 -16.66
CA LEU A 31 6.73 7.49 -16.57
C LEU A 31 7.25 6.77 -17.82
N PRO A 32 8.56 6.98 -18.11
CA PRO A 32 9.18 6.37 -19.26
C PRO A 32 9.45 4.88 -19.02
N PRO A 33 9.89 4.19 -20.10
CA PRO A 33 10.19 2.76 -20.00
C PRO A 33 11.51 2.53 -19.27
N ASP A 34 12.12 3.63 -18.85
CA ASP A 34 13.39 3.56 -18.14
C ASP A 34 13.13 3.66 -16.64
N GLU A 35 12.16 4.49 -16.29
CA GLU A 35 11.79 4.69 -14.90
C GLU A 35 10.58 3.84 -14.54
N LYS A 36 9.75 3.59 -15.54
CA LYS A 36 8.55 2.80 -15.35
C LYS A 36 8.94 1.42 -14.80
N LYS A 37 9.78 0.73 -15.55
CA LYS A 37 10.24 -0.58 -15.15
C LYS A 37 10.54 -0.58 -13.66
N GLN A 38 11.48 0.28 -13.28
CA GLN A 38 11.88 0.38 -11.88
C GLN A 38 10.67 0.73 -11.01
N MET A 39 9.84 1.64 -11.51
CA MET A 39 8.65 2.05 -10.80
C MET A 39 7.69 0.87 -10.60
N VAL A 40 7.61 0.05 -11.63
CA VAL A 40 6.74 -1.12 -11.59
C VAL A 40 7.36 -2.19 -10.68
N ALA A 41 8.56 -1.89 -10.21
CA ALA A 41 9.27 -2.81 -9.34
C ALA A 41 9.34 -2.21 -7.93
N ASN A 42 9.53 -0.90 -7.89
CA ASN A 42 9.62 -0.20 -6.62
C ASN A 42 8.30 -0.34 -5.86
N VAL A 43 7.21 -0.21 -6.61
CA VAL A 43 5.88 -0.32 -6.02
C VAL A 43 5.67 -1.76 -5.54
N GLU A 44 6.24 -2.69 -6.28
CA GLU A 44 6.12 -4.10 -5.95
C GLU A 44 6.60 -4.34 -4.51
N LYS A 45 7.60 -3.56 -4.12
CA LYS A 45 8.15 -3.69 -2.78
C LYS A 45 7.21 -3.01 -1.77
N GLN A 46 7.00 -1.73 -1.99
CA GLN A 46 6.13 -0.95 -1.12
C GLN A 46 4.80 -1.67 -0.93
N LEU A 47 4.39 -2.39 -1.96
CA LEU A 47 3.14 -3.14 -1.92
C LEU A 47 3.29 -4.33 -0.98
N GLU A 48 4.20 -5.23 -1.35
CA GLU A 48 4.45 -6.41 -0.54
C GLU A 48 4.82 -6.02 0.88
N GLU A 49 5.56 -4.91 0.98
CA GLU A 49 5.99 -4.42 2.28
C GLU A 49 4.77 -4.01 3.12
N ALA A 50 3.70 -3.67 2.42
CA ALA A 50 2.48 -3.25 3.09
C ALA A 50 1.61 -4.47 3.36
N ARG A 51 1.70 -5.44 2.45
CA ARG A 51 0.93 -6.66 2.58
C ARG A 51 1.07 -7.24 3.99
N GLU A 52 2.29 -7.17 4.50
CA GLU A 52 2.56 -7.68 5.84
C GLU A 52 1.84 -6.84 6.88
N LEU A 53 1.84 -5.53 6.68
CA LEU A 53 1.18 -4.62 7.59
C LEU A 53 -0.25 -5.09 7.83
N LEU A 54 -0.98 -5.26 6.73
CA LEU A 54 -2.36 -5.72 6.81
C LEU A 54 -2.43 -7.01 7.61
N GLU A 55 -1.36 -7.79 7.51
CA GLU A 55 -1.28 -9.05 8.22
C GLU A 55 -1.10 -8.80 9.73
N GLN A 56 -0.08 -8.03 10.05
CA GLN A 56 0.20 -7.71 11.44
C GLN A 56 -0.96 -6.90 12.05
N MET A 57 -1.44 -5.94 11.28
CA MET A 57 -2.53 -5.10 11.72
C MET A 57 -3.79 -5.94 12.00
N ASP A 58 -4.02 -6.91 11.13
CA ASP A 58 -5.18 -7.78 11.27
C ASP A 58 -4.87 -8.84 12.34
N LEU A 59 -3.67 -9.37 12.27
CA LEU A 59 -3.24 -10.40 13.21
C LEU A 59 -3.18 -9.79 14.62
N GLU A 60 -3.28 -8.47 14.66
CA GLU A 60 -3.23 -7.76 15.93
C GLU A 60 -4.64 -7.38 16.39
N VAL A 61 -5.38 -6.76 15.48
CA VAL A 61 -6.74 -6.34 15.78
C VAL A 61 -7.51 -7.53 16.38
N ARG A 62 -7.02 -8.72 16.08
CA ARG A 62 -7.64 -9.93 16.57
C ARG A 62 -7.61 -9.96 18.11
N GLU A 63 -6.42 -9.78 18.64
CA GLU A 63 -6.23 -9.77 20.08
C GLU A 63 -7.01 -8.61 20.71
N ILE A 64 -7.13 -7.54 19.94
CA ILE A 64 -7.84 -6.37 20.42
C ILE A 64 -9.25 -6.76 20.83
N PRO A 65 -9.73 -6.13 21.94
CA PRO A 65 -11.07 -6.40 22.45
C PRO A 65 -12.13 -5.76 21.57
N PRO A 66 -13.40 -6.22 21.77
CA PRO A 66 -14.52 -5.69 21.01
C PRO A 66 -14.90 -4.29 21.49
N GLN A 67 -14.13 -3.79 22.43
CA GLN A 67 -14.37 -2.48 22.99
C GLN A 67 -13.30 -1.49 22.53
N SER A 68 -12.21 -2.05 22.04
CA SER A 68 -11.11 -1.23 21.56
C SER A 68 -10.93 -1.41 20.06
N ARG A 69 -11.62 -2.43 19.53
CA ARG A 69 -11.54 -2.71 18.11
C ARG A 69 -12.27 -1.63 17.31
N GLY A 70 -13.14 -0.91 18.00
CA GLY A 70 -13.90 0.15 17.37
C GLY A 70 -13.05 0.92 16.36
N MET A 71 -13.68 1.33 15.28
CA MET A 71 -12.99 2.07 14.24
C MET A 71 -11.99 1.19 13.51
N TYR A 72 -11.04 0.68 14.28
CA TYR A 72 -10.00 -0.18 13.72
C TYR A 72 -10.59 -1.12 12.67
N SER A 73 -11.76 -1.65 12.98
CA SER A 73 -12.44 -2.56 12.07
C SER A 73 -12.90 -1.81 10.81
N ASN A 74 -13.58 -0.70 11.04
CA ASN A 74 -14.08 0.12 9.94
C ASN A 74 -12.89 0.59 9.10
N ARG A 75 -11.74 0.66 9.74
CA ARG A 75 -10.52 1.09 9.07
C ARG A 75 -9.88 -0.07 8.31
N MET A 76 -10.03 -1.25 8.88
CA MET A 76 -9.47 -2.45 8.28
C MET A 76 -10.12 -2.75 6.93
N ARG A 77 -11.45 -2.83 6.97
CA ARG A 77 -12.21 -3.11 5.75
C ARG A 77 -11.78 -2.15 4.64
N SER A 78 -11.38 -0.96 5.05
CA SER A 78 -10.94 0.05 4.09
C SER A 78 -9.54 -0.27 3.59
N TYR A 79 -8.60 -0.25 4.52
CA TYR A 79 -7.21 -0.53 4.19
C TYR A 79 -7.11 -1.66 3.15
N LYS A 80 -8.00 -2.63 3.30
CA LYS A 80 -8.02 -3.77 2.39
C LYS A 80 -8.57 -3.30 1.03
N GLN A 81 -9.69 -2.60 1.09
CA GLN A 81 -10.32 -2.11 -0.11
C GLN A 81 -9.31 -1.37 -0.99
N GLU A 82 -8.37 -0.71 -0.32
CA GLU A 82 -7.34 0.03 -1.02
C GLU A 82 -6.21 -0.91 -1.45
N MET A 83 -5.68 -1.64 -0.48
CA MET A 83 -4.60 -2.57 -0.75
C MET A 83 -4.90 -3.40 -2.00
N GLY A 84 -5.96 -4.17 -1.93
CA GLY A 84 -6.35 -5.02 -3.04
C GLY A 84 -6.49 -4.19 -4.33
N LYS A 85 -7.15 -3.05 -4.20
CA LYS A 85 -7.35 -2.17 -5.34
C LYS A 85 -6.00 -1.73 -5.88
N LEU A 86 -5.10 -1.41 -4.96
CA LEU A 86 -3.76 -0.97 -5.32
C LEU A 86 -3.12 -2.00 -6.26
N GLU A 87 -3.39 -3.27 -5.95
CA GLU A 87 -2.85 -4.36 -6.75
C GLU A 87 -3.46 -4.33 -8.15
N THR A 88 -4.64 -3.73 -8.25
CA THR A 88 -5.33 -3.63 -9.53
C THR A 88 -4.88 -2.38 -10.28
N ASP A 89 -5.19 -1.23 -9.70
CA ASP A 89 -4.83 0.04 -10.31
C ASP A 89 -3.36 0.00 -10.72
N PHE A 90 -2.57 -0.67 -9.90
CA PHE A 90 -1.14 -0.80 -10.17
C PHE A 90 -0.89 -1.59 -11.45
N LYS A 91 -1.62 -2.69 -11.57
CA LYS A 91 -1.48 -3.56 -12.74
C LYS A 91 -2.05 -2.84 -13.96
N ARG A 92 -3.15 -2.12 -13.73
CA ARG A 92 -3.80 -1.40 -14.80
C ARG A 92 -2.97 -0.17 -15.19
N SER A 93 -2.29 0.38 -14.20
CA SER A 93 -1.45 1.54 -14.42
C SER A 93 -0.29 1.19 -15.35
N ARG A 94 0.30 0.03 -15.10
CA ARG A 94 1.41 -0.43 -15.90
C ARG A 94 0.92 -0.95 -17.25
N ILE A 95 -0.39 -1.14 -17.33
CA ILE A 95 -1.00 -1.64 -18.55
C ILE A 95 -1.05 -0.51 -19.59
N ALA A 96 -1.44 0.67 -19.13
CA ALA A 96 -1.52 1.82 -19.99
C ALA A 96 -0.15 2.06 -20.64
N SER A 97 -0.17 2.14 -21.98
CA SER A 97 1.05 2.36 -22.72
C SER A 97 0.87 3.56 -23.66
N GLY A 98 1.65 4.60 -23.37
CA GLY A 98 1.59 5.81 -24.18
C GLY A 98 0.22 6.48 -24.06
N PRO A 99 -0.16 7.22 -25.13
CA PRO A 99 -1.43 7.92 -25.15
C PRO A 99 -2.58 6.95 -25.37
N SER A 100 -3.51 6.95 -24.42
CA SER A 100 -4.67 6.07 -24.50
C SER A 100 -5.75 6.57 -23.55
N SER A 101 -5.42 6.60 -22.27
CA SER A 101 -6.37 7.05 -21.26
C SER A 101 -5.70 7.02 -19.88
N GLY A 102 -5.28 8.21 -19.44
CA GLY A 102 -4.63 8.34 -18.16
C GLY A 102 -3.38 7.45 -18.07
N GLY A 1 27.17 -3.58 16.90
CA GLY A 1 26.00 -4.40 16.66
C GLY A 1 24.88 -3.58 16.02
N SER A 2 23.81 -4.28 15.67
CA SER A 2 22.66 -3.63 15.04
C SER A 2 21.78 -2.99 16.12
N SER A 3 21.57 -1.69 15.97
CA SER A 3 20.75 -0.96 16.92
C SER A 3 19.27 -1.20 16.62
N GLY A 4 18.44 -0.90 17.61
CA GLY A 4 17.01 -1.08 17.48
C GLY A 4 16.24 -0.10 18.37
N SER A 5 15.29 -0.66 19.12
CA SER A 5 14.49 0.16 20.02
C SER A 5 13.70 1.20 19.22
N SER A 6 12.39 1.04 19.23
CA SER A 6 11.52 1.96 18.53
C SER A 6 10.06 1.53 18.67
N GLY A 7 9.18 2.52 18.68
CA GLY A 7 7.76 2.26 18.82
C GLY A 7 7.04 2.41 17.48
N GLU A 8 6.38 3.55 17.32
CA GLU A 8 5.65 3.82 16.09
C GLU A 8 4.52 2.81 15.91
N GLY A 9 3.51 3.23 15.17
CA GLY A 9 2.36 2.38 14.92
C GLY A 9 2.53 1.62 13.60
N TYR A 10 1.40 1.27 12.99
CA TYR A 10 1.42 0.53 11.75
C TYR A 10 0.71 1.31 10.64
N GLU A 11 -0.56 1.60 10.88
CA GLU A 11 -1.36 2.34 9.92
C GLU A 11 -0.52 3.46 9.30
N GLN A 12 -0.01 4.32 10.16
CA GLN A 12 0.81 5.44 9.71
C GLN A 12 1.73 5.00 8.56
N ASP A 13 2.48 3.95 8.82
CA ASP A 13 3.40 3.42 7.83
C ASP A 13 2.61 3.01 6.58
N PHE A 14 1.67 2.11 6.78
CA PHE A 14 0.85 1.63 5.68
C PHE A 14 0.26 2.79 4.89
N ALA A 15 -0.46 3.65 5.59
CA ALA A 15 -1.08 4.80 4.96
C ALA A 15 -0.06 5.46 4.02
N VAL A 16 1.09 5.78 4.57
CA VAL A 16 2.15 6.41 3.80
C VAL A 16 2.45 5.55 2.57
N LEU A 17 2.61 4.26 2.81
CA LEU A 17 2.91 3.33 1.74
C LEU A 17 1.86 3.49 0.63
N THR A 18 0.65 3.06 0.95
CA THR A 18 -0.44 3.15 -0.01
C THR A 18 -0.36 4.46 -0.80
N ALA A 19 -0.64 5.55 -0.10
CA ALA A 19 -0.60 6.87 -0.71
C ALA A 19 0.59 6.95 -1.66
N GLU A 20 1.76 6.63 -1.12
CA GLU A 20 2.99 6.66 -1.89
C GLU A 20 2.84 5.78 -3.14
N ILE A 21 2.42 4.56 -2.91
CA ILE A 21 2.23 3.61 -4.00
C ILE A 21 1.25 4.20 -5.01
N THR A 22 0.03 4.38 -4.55
CA THR A 22 -1.01 4.93 -5.41
C THR A 22 -0.43 6.00 -6.33
N SER A 23 0.44 6.82 -5.76
CA SER A 23 1.06 7.89 -6.52
C SER A 23 1.90 7.31 -7.66
N LYS A 24 2.96 6.60 -7.28
CA LYS A 24 3.85 5.99 -8.26
C LYS A 24 3.00 5.25 -9.29
N ILE A 25 1.88 4.71 -8.83
CA ILE A 25 0.99 3.98 -9.71
C ILE A 25 0.36 4.95 -10.72
N ALA A 26 0.02 6.13 -10.22
CA ALA A 26 -0.58 7.15 -11.07
C ALA A 26 0.50 7.80 -11.94
N ARG A 27 1.75 7.48 -11.61
CA ARG A 27 2.87 8.02 -12.35
C ARG A 27 3.38 6.99 -13.36
N VAL A 28 3.04 5.74 -13.11
CA VAL A 28 3.45 4.66 -14.00
C VAL A 28 3.10 5.02 -15.44
N PRO A 29 1.81 5.43 -15.64
CA PRO A 29 1.34 5.80 -16.95
C PRO A 29 1.88 7.17 -17.36
N ARG A 30 2.70 7.73 -16.49
CA ARG A 30 3.28 9.04 -16.74
C ARG A 30 4.80 9.00 -16.53
N LEU A 31 5.38 7.86 -16.89
CA LEU A 31 6.81 7.68 -16.74
C LEU A 31 7.35 6.93 -17.96
N PRO A 32 8.68 7.14 -18.22
CA PRO A 32 9.32 6.49 -19.35
C PRO A 32 9.56 5.01 -19.08
N PRO A 33 10.05 4.31 -20.14
CA PRO A 33 10.33 2.88 -20.02
C PRO A 33 11.60 2.63 -19.22
N ASP A 34 12.18 3.72 -18.74
CA ASP A 34 13.40 3.62 -17.95
C ASP A 34 13.06 3.75 -16.47
N GLU A 35 12.22 4.73 -16.16
CA GLU A 35 11.81 4.96 -14.80
C GLU A 35 10.62 4.07 -14.43
N LYS A 36 9.76 3.87 -15.42
CA LYS A 36 8.58 3.03 -15.24
C LYS A 36 9.00 1.69 -14.66
N LYS A 37 9.91 1.03 -15.38
CA LYS A 37 10.39 -0.27 -14.95
C LYS A 37 10.60 -0.26 -13.44
N GLN A 38 11.48 0.63 -12.99
CA GLN A 38 11.77 0.75 -11.57
C GLN A 38 10.48 0.93 -10.78
N MET A 39 9.69 1.91 -11.19
CA MET A 39 8.44 2.19 -10.53
C MET A 39 7.55 0.94 -10.47
N VAL A 40 7.58 0.20 -11.56
CA VAL A 40 6.78 -1.02 -11.65
C VAL A 40 7.41 -2.10 -10.76
N ALA A 41 8.56 -1.76 -10.19
CA ALA A 41 9.27 -2.68 -9.32
C ALA A 41 9.17 -2.18 -7.88
N ASN A 42 9.46 -0.90 -7.71
CA ASN A 42 9.41 -0.29 -6.39
C ASN A 42 8.03 -0.53 -5.76
N VAL A 43 7.01 -0.44 -6.62
CA VAL A 43 5.66 -0.65 -6.16
C VAL A 43 5.47 -2.11 -5.73
N GLU A 44 6.04 -3.00 -6.53
CA GLU A 44 5.95 -4.41 -6.24
C GLU A 44 6.40 -4.70 -4.80
N LYS A 45 7.28 -3.83 -4.32
CA LYS A 45 7.80 -3.97 -2.96
C LYS A 45 6.84 -3.29 -1.98
N GLN A 46 6.77 -1.97 -2.10
CA GLN A 46 5.90 -1.19 -1.23
C GLN A 46 4.58 -1.93 -1.00
N LEU A 47 4.10 -2.56 -2.05
CA LEU A 47 2.85 -3.31 -1.98
C LEU A 47 3.05 -4.53 -1.09
N GLU A 48 4.02 -5.35 -1.45
CA GLU A 48 4.32 -6.55 -0.68
C GLU A 48 4.68 -6.19 0.76
N GLU A 49 5.10 -4.95 0.93
CA GLU A 49 5.49 -4.46 2.24
C GLU A 49 4.24 -4.11 3.07
N ALA A 50 3.43 -3.22 2.52
CA ALA A 50 2.21 -2.80 3.19
C ALA A 50 1.32 -4.03 3.42
N ARG A 51 1.63 -5.09 2.69
CA ARG A 51 0.87 -6.31 2.81
C ARG A 51 1.02 -6.91 4.22
N GLU A 52 2.26 -7.21 4.57
CA GLU A 52 2.55 -7.77 5.88
C GLU A 52 1.90 -6.92 6.98
N LEU A 53 1.79 -5.63 6.69
CA LEU A 53 1.20 -4.71 7.64
C LEU A 53 -0.21 -5.16 7.98
N LEU A 54 -1.06 -5.19 6.95
CA LEU A 54 -2.43 -5.61 7.13
C LEU A 54 -2.47 -6.87 7.99
N GLU A 55 -1.48 -7.71 7.80
CA GLU A 55 -1.39 -8.96 8.55
C GLU A 55 -1.24 -8.66 10.05
N GLN A 56 -0.13 -8.03 10.39
CA GLN A 56 0.14 -7.69 11.77
C GLN A 56 -1.01 -6.86 12.35
N MET A 57 -1.46 -5.90 11.56
CA MET A 57 -2.55 -5.03 11.98
C MET A 57 -3.80 -5.85 12.32
N ASP A 58 -4.08 -6.83 11.48
CA ASP A 58 -5.23 -7.69 11.69
C ASP A 58 -4.94 -8.67 12.83
N LEU A 59 -3.76 -9.26 12.78
CA LEU A 59 -3.34 -10.21 13.80
C LEU A 59 -3.30 -9.50 15.15
N GLU A 60 -3.34 -8.17 15.10
CA GLU A 60 -3.31 -7.38 16.32
C GLU A 60 -4.73 -6.93 16.69
N VAL A 61 -5.42 -6.39 15.70
CA VAL A 61 -6.78 -5.93 15.91
C VAL A 61 -7.59 -7.02 16.61
N ARG A 62 -7.11 -8.25 16.45
CA ARG A 62 -7.79 -9.39 17.06
C ARG A 62 -7.73 -9.29 18.59
N GLU A 63 -6.52 -9.12 19.09
CA GLU A 63 -6.32 -9.00 20.53
C GLU A 63 -7.11 -7.82 21.08
N ILE A 64 -7.12 -6.75 20.31
CA ILE A 64 -7.83 -5.54 20.71
C ILE A 64 -9.17 -5.93 21.34
N PRO A 65 -9.55 -5.16 22.40
CA PRO A 65 -10.80 -5.42 23.10
C PRO A 65 -12.00 -4.93 22.27
N PRO A 66 -13.19 -5.46 22.63
CA PRO A 66 -14.42 -5.09 21.94
C PRO A 66 -14.87 -3.68 22.34
N GLN A 67 -14.09 -3.07 23.22
CA GLN A 67 -14.39 -1.73 23.69
C GLN A 67 -13.63 -0.68 22.86
N SER A 68 -12.48 -1.09 22.39
CA SER A 68 -11.64 -0.20 21.58
C SER A 68 -11.86 -0.49 20.09
N ARG A 69 -12.05 -1.77 19.78
CA ARG A 69 -12.27 -2.18 18.42
C ARG A 69 -13.49 -1.46 17.83
N GLY A 70 -13.24 -0.27 17.30
CA GLY A 70 -14.30 0.52 16.72
C GLY A 70 -13.92 1.00 15.32
N MET A 71 -12.95 1.91 15.28
CA MET A 71 -12.49 2.46 14.02
C MET A 71 -11.67 1.43 13.25
N TYR A 72 -10.67 0.87 13.93
CA TYR A 72 -9.80 -0.13 13.32
C TYR A 72 -10.59 -1.03 12.38
N SER A 73 -11.71 -1.52 12.88
CA SER A 73 -12.56 -2.40 12.08
C SER A 73 -12.92 -1.72 10.76
N ASN A 74 -13.61 -0.60 10.88
CA ASN A 74 -14.03 0.15 9.70
C ASN A 74 -12.82 0.38 8.80
N ARG A 75 -11.73 0.82 9.41
CA ARG A 75 -10.50 1.07 8.67
C ARG A 75 -10.03 -0.20 7.97
N MET A 76 -9.96 -1.27 8.74
CA MET A 76 -9.52 -2.55 8.21
C MET A 76 -10.30 -2.91 6.94
N ARG A 77 -11.62 -2.78 7.03
CA ARG A 77 -12.48 -3.08 5.90
C ARG A 77 -12.11 -2.22 4.70
N SER A 78 -11.50 -1.07 5.01
CA SER A 78 -11.09 -0.14 3.97
C SER A 78 -9.70 -0.51 3.45
N TYR A 79 -8.74 -0.44 4.36
CA TYR A 79 -7.36 -0.76 4.01
C TYR A 79 -7.30 -1.93 3.02
N LYS A 80 -7.87 -3.04 3.45
CA LYS A 80 -7.88 -4.24 2.61
C LYS A 80 -8.36 -3.86 1.21
N GLN A 81 -9.56 -3.32 1.15
CA GLN A 81 -10.13 -2.92 -0.12
C GLN A 81 -9.09 -2.19 -0.98
N GLU A 82 -8.65 -1.06 -0.47
CA GLU A 82 -7.64 -0.27 -1.17
C GLU A 82 -6.44 -1.15 -1.55
N MET A 83 -5.82 -1.72 -0.52
CA MET A 83 -4.67 -2.57 -0.72
C MET A 83 -4.86 -3.47 -1.94
N GLY A 84 -5.81 -4.38 -1.82
CA GLY A 84 -6.11 -5.31 -2.91
C GLY A 84 -6.35 -4.55 -4.22
N LYS A 85 -6.95 -3.39 -4.09
CA LYS A 85 -7.25 -2.57 -5.25
C LYS A 85 -5.93 -2.05 -5.85
N LEU A 86 -5.03 -1.67 -4.96
CA LEU A 86 -3.74 -1.16 -5.39
C LEU A 86 -3.06 -2.19 -6.30
N GLU A 87 -3.28 -3.46 -5.97
CA GLU A 87 -2.70 -4.54 -6.74
C GLU A 87 -3.29 -4.54 -8.16
N THR A 88 -4.43 -3.90 -8.30
CA THR A 88 -5.09 -3.82 -9.60
C THR A 88 -4.67 -2.55 -10.34
N ASP A 89 -5.13 -1.42 -9.81
CA ASP A 89 -4.81 -0.14 -10.41
C ASP A 89 -3.32 -0.10 -10.76
N PHE A 90 -2.53 -0.81 -9.97
CA PHE A 90 -1.10 -0.87 -10.20
C PHE A 90 -0.78 -1.53 -11.55
N LYS A 91 -1.42 -2.66 -11.79
CA LYS A 91 -1.21 -3.39 -13.03
C LYS A 91 -1.82 -2.59 -14.19
N ARG A 92 -2.96 -1.98 -13.91
CA ARG A 92 -3.64 -1.19 -14.92
C ARG A 92 -2.82 0.05 -15.27
N SER A 93 -2.35 0.73 -14.24
CA SER A 93 -1.55 1.92 -14.43
C SER A 93 -0.50 1.69 -15.52
N ARG A 94 0.10 0.50 -15.47
CA ARG A 94 1.12 0.14 -16.44
C ARG A 94 0.48 -0.16 -17.79
N ILE A 95 -0.72 -0.74 -17.73
CA ILE A 95 -1.45 -1.07 -18.94
C ILE A 95 -1.69 0.20 -19.76
N ALA A 96 -2.56 1.04 -19.22
CA ALA A 96 -2.88 2.30 -19.88
C ALA A 96 -2.97 2.06 -21.40
N SER A 97 -4.13 1.57 -21.82
CA SER A 97 -4.37 1.30 -23.22
C SER A 97 -5.82 0.90 -23.44
N GLY A 98 -6.22 0.93 -24.71
CA GLY A 98 -7.59 0.57 -25.08
C GLY A 98 -7.62 -0.65 -25.98
N PRO A 99 -8.23 -1.75 -25.45
CA PRO A 99 -8.32 -2.99 -26.21
C PRO A 99 -9.39 -2.88 -27.30
N SER A 100 -9.23 -1.88 -28.15
CA SER A 100 -10.16 -1.66 -29.24
C SER A 100 -11.55 -1.33 -28.68
N SER A 101 -12.11 -0.24 -29.18
CA SER A 101 -13.43 0.18 -28.75
C SER A 101 -13.34 0.81 -27.35
N GLY A 102 -12.87 0.00 -26.42
CA GLY A 102 -12.73 0.46 -25.04
C GLY A 102 -12.20 -0.65 -24.14
N GLY A 1 28.23 5.39 17.33
CA GLY A 1 26.87 5.63 16.85
C GLY A 1 26.16 6.64 17.75
N SER A 2 24.91 6.90 17.40
CA SER A 2 24.10 7.84 18.16
C SER A 2 22.72 8.00 17.51
N SER A 3 22.74 8.42 16.24
CA SER A 3 21.52 8.62 15.51
C SER A 3 20.65 7.36 15.57
N GLY A 4 19.35 7.56 15.50
CA GLY A 4 18.41 6.45 15.55
C GLY A 4 17.01 6.89 15.10
N SER A 5 16.07 5.97 15.21
CA SER A 5 14.71 6.25 14.81
C SER A 5 13.80 5.08 15.18
N SER A 6 12.50 5.33 15.13
CA SER A 6 11.53 4.30 15.45
C SER A 6 10.13 4.73 15.00
N GLY A 7 9.21 3.77 15.01
CA GLY A 7 7.85 4.04 14.60
C GLY A 7 6.87 3.77 15.74
N GLU A 8 5.78 4.53 15.74
CA GLU A 8 4.76 4.38 16.77
C GLU A 8 3.38 4.21 16.12
N GLY A 9 3.27 3.14 15.34
CA GLY A 9 2.01 2.85 14.67
C GLY A 9 2.27 2.15 13.32
N TYR A 10 1.23 1.48 12.84
CA TYR A 10 1.32 0.77 11.58
C TYR A 10 0.51 1.49 10.49
N GLU A 11 -0.76 1.68 10.77
CA GLU A 11 -1.64 2.35 9.82
C GLU A 11 -0.92 3.53 9.16
N GLN A 12 -0.30 4.34 10.01
CA GLN A 12 0.43 5.49 9.51
C GLN A 12 1.33 5.11 8.34
N ASP A 13 2.32 4.29 8.64
CA ASP A 13 3.26 3.84 7.62
C ASP A 13 2.47 3.38 6.39
N PHE A 14 1.61 2.39 6.61
CA PHE A 14 0.80 1.85 5.53
C PHE A 14 0.11 2.97 4.75
N ALA A 15 -0.79 3.66 5.45
CA ALA A 15 -1.53 4.75 4.84
C ALA A 15 -0.55 5.65 4.07
N VAL A 16 0.59 5.89 4.69
CA VAL A 16 1.61 6.73 4.08
C VAL A 16 2.18 6.02 2.85
N LEU A 17 2.28 4.70 2.96
CA LEU A 17 2.80 3.90 1.86
C LEU A 17 1.77 3.86 0.73
N THR A 18 0.61 3.29 1.05
CA THR A 18 -0.46 3.18 0.07
C THR A 18 -0.55 4.45 -0.76
N ALA A 19 -0.56 5.59 -0.06
CA ALA A 19 -0.64 6.87 -0.72
C ALA A 19 0.57 7.05 -1.64
N GLU A 20 1.74 7.13 -1.01
CA GLU A 20 2.97 7.31 -1.75
C GLU A 20 3.04 6.32 -2.92
N ILE A 21 2.37 5.20 -2.74
CA ILE A 21 2.34 4.16 -3.75
C ILE A 21 1.32 4.54 -4.83
N THR A 22 0.07 4.60 -4.40
CA THR A 22 -1.01 4.95 -5.31
C THR A 22 -0.55 6.03 -6.30
N SER A 23 0.11 7.04 -5.76
CA SER A 23 0.61 8.13 -6.57
C SER A 23 1.52 7.58 -7.69
N LYS A 24 2.55 6.88 -7.27
CA LYS A 24 3.49 6.31 -8.21
C LYS A 24 2.74 5.44 -9.21
N ILE A 25 1.75 4.72 -8.70
CA ILE A 25 0.95 3.85 -9.54
C ILE A 25 0.25 4.69 -10.62
N ALA A 26 0.04 5.96 -10.29
CA ALA A 26 -0.60 6.87 -11.23
C ALA A 26 0.46 7.52 -12.11
N ARG A 27 1.70 7.42 -11.67
CA ARG A 27 2.81 8.00 -12.40
C ARG A 27 3.45 6.94 -13.32
N VAL A 28 3.17 5.68 -13.00
CA VAL A 28 3.70 4.58 -13.78
C VAL A 28 3.35 4.80 -15.26
N PRO A 29 2.04 5.06 -15.50
CA PRO A 29 1.56 5.28 -16.87
C PRO A 29 1.97 6.66 -17.37
N ARG A 30 2.69 7.38 -16.51
CA ARG A 30 3.13 8.72 -16.85
C ARG A 30 4.66 8.81 -16.76
N LEU A 31 5.26 7.67 -16.47
CA LEU A 31 6.72 7.59 -16.34
C LEU A 31 7.30 6.94 -17.60
N PRO A 32 8.62 7.18 -17.81
CA PRO A 32 9.30 6.62 -18.97
C PRO A 32 9.56 5.13 -18.79
N PRO A 33 9.99 4.47 -19.90
CA PRO A 33 10.28 3.05 -19.87
C PRO A 33 11.60 2.77 -19.15
N ASP A 34 12.20 3.83 -18.65
CA ASP A 34 13.46 3.71 -17.94
C ASP A 34 13.19 3.69 -16.43
N GLU A 35 12.31 4.59 -16.00
CA GLU A 35 11.96 4.68 -14.60
C GLU A 35 10.75 3.80 -14.30
N LYS A 36 9.87 3.70 -15.29
CA LYS A 36 8.66 2.90 -15.14
C LYS A 36 9.04 1.49 -14.70
N LYS A 37 9.83 0.82 -15.53
CA LYS A 37 10.27 -0.53 -15.24
C LYS A 37 10.59 -0.64 -13.75
N GLN A 38 11.49 0.23 -13.31
CA GLN A 38 11.90 0.23 -11.91
C GLN A 38 10.70 0.59 -11.02
N MET A 39 9.98 1.62 -11.42
CA MET A 39 8.83 2.08 -10.67
C MET A 39 7.81 0.94 -10.49
N VAL A 40 7.56 0.23 -11.58
CA VAL A 40 6.63 -0.88 -11.56
C VAL A 40 7.17 -1.98 -10.65
N ALA A 41 8.44 -1.84 -10.30
CA ALA A 41 9.09 -2.81 -9.43
C ALA A 41 9.16 -2.25 -8.01
N ASN A 42 9.41 -0.96 -7.93
CA ASN A 42 9.51 -0.29 -6.64
C ASN A 42 8.17 -0.41 -5.91
N VAL A 43 7.10 -0.30 -6.68
CA VAL A 43 5.76 -0.39 -6.11
C VAL A 43 5.51 -1.82 -5.65
N GLU A 44 6.08 -2.76 -6.38
CA GLU A 44 5.93 -4.17 -6.05
C GLU A 44 6.45 -4.45 -4.63
N LYS A 45 7.61 -3.86 -4.34
CA LYS A 45 8.23 -4.03 -3.03
C LYS A 45 7.40 -3.30 -1.99
N GLN A 46 7.15 -2.03 -2.26
CA GLN A 46 6.38 -1.19 -1.35
C GLN A 46 4.98 -1.79 -1.15
N LEU A 47 4.54 -2.52 -2.17
CA LEU A 47 3.23 -3.14 -2.11
C LEU A 47 3.26 -4.30 -1.11
N GLU A 48 4.17 -5.23 -1.35
CA GLU A 48 4.31 -6.39 -0.48
C GLU A 48 4.65 -5.93 0.95
N GLU A 49 5.39 -4.83 1.02
CA GLU A 49 5.79 -4.29 2.32
C GLU A 49 4.56 -3.85 3.11
N ALA A 50 3.59 -3.31 2.39
CA ALA A 50 2.36 -2.85 3.02
C ALA A 50 1.40 -4.03 3.17
N ARG A 51 1.61 -5.04 2.34
CA ARG A 51 0.78 -6.23 2.38
C ARG A 51 0.86 -6.90 3.75
N GLU A 52 2.09 -7.14 4.17
CA GLU A 52 2.33 -7.78 5.46
C GLU A 52 1.64 -6.99 6.57
N LEU A 53 1.67 -5.67 6.43
CA LEU A 53 1.05 -4.79 7.41
C LEU A 53 -0.38 -5.25 7.67
N LEU A 54 -1.17 -5.28 6.61
CA LEU A 54 -2.55 -5.69 6.71
C LEU A 54 -2.63 -7.05 7.41
N GLU A 55 -1.59 -7.85 7.19
CA GLU A 55 -1.52 -9.17 7.80
C GLU A 55 -1.26 -9.05 9.29
N GLN A 56 -0.28 -8.22 9.63
CA GLN A 56 0.08 -8.01 11.02
C GLN A 56 -1.01 -7.23 11.75
N MET A 57 -1.42 -6.13 11.14
CA MET A 57 -2.46 -5.30 11.72
C MET A 57 -3.71 -6.14 12.05
N ASP A 58 -4.04 -7.02 11.13
CA ASP A 58 -5.21 -7.88 11.31
C ASP A 58 -4.89 -8.95 12.36
N LEU A 59 -3.64 -9.39 12.35
CA LEU A 59 -3.20 -10.41 13.28
C LEU A 59 -3.07 -9.78 14.67
N GLU A 60 -3.23 -8.47 14.71
CA GLU A 60 -3.13 -7.74 15.97
C GLU A 60 -4.52 -7.27 16.42
N VAL A 61 -5.21 -6.63 15.49
CA VAL A 61 -6.55 -6.13 15.78
C VAL A 61 -7.36 -7.22 16.49
N ARG A 62 -6.97 -8.46 16.23
CA ARG A 62 -7.65 -9.60 16.84
C ARG A 62 -7.51 -9.55 18.37
N GLU A 63 -6.33 -9.15 18.81
CA GLU A 63 -6.06 -9.05 20.23
C GLU A 63 -6.86 -7.90 20.85
N ILE A 64 -6.93 -6.80 20.10
CA ILE A 64 -7.65 -5.62 20.55
C ILE A 64 -8.99 -6.06 21.14
N PRO A 65 -9.39 -5.35 22.23
CA PRO A 65 -10.65 -5.65 22.90
C PRO A 65 -11.84 -5.14 22.09
N PRO A 66 -13.03 -5.71 22.37
CA PRO A 66 -14.25 -5.32 21.68
C PRO A 66 -14.75 -3.97 22.18
N GLN A 67 -13.89 -2.96 22.02
CA GLN A 67 -14.24 -1.62 22.46
C GLN A 67 -13.24 -0.61 21.89
N SER A 68 -11.97 -0.99 21.93
CA SER A 68 -10.91 -0.13 21.43
C SER A 68 -10.81 -0.26 19.91
N ARG A 69 -11.30 -1.38 19.41
CA ARG A 69 -11.27 -1.63 17.98
C ARG A 69 -11.95 -0.49 17.22
N GLY A 70 -13.28 -0.50 17.27
CA GLY A 70 -14.06 0.53 16.59
C GLY A 70 -13.47 0.86 15.22
N MET A 71 -12.69 1.92 15.18
CA MET A 71 -12.06 2.34 13.94
C MET A 71 -11.30 1.20 13.29
N TYR A 72 -10.25 0.75 13.98
CA TYR A 72 -9.43 -0.33 13.48
C TYR A 72 -10.29 -1.40 12.79
N SER A 73 -11.42 -1.69 13.41
CA SER A 73 -12.34 -2.68 12.87
C SER A 73 -12.82 -2.24 11.49
N ASN A 74 -13.32 -1.02 11.42
CA ASN A 74 -13.82 -0.47 10.17
C ASN A 74 -12.63 -0.17 9.25
N ARG A 75 -11.79 0.75 9.69
CA ARG A 75 -10.62 1.14 8.92
C ARG A 75 -9.99 -0.08 8.26
N MET A 76 -10.07 -1.20 8.97
CA MET A 76 -9.51 -2.44 8.48
C MET A 76 -10.13 -2.82 7.13
N ARG A 77 -11.43 -3.02 7.14
CA ARG A 77 -12.15 -3.38 5.94
C ARG A 77 -11.88 -2.36 4.83
N SER A 78 -11.63 -1.12 5.25
CA SER A 78 -11.36 -0.05 4.31
C SER A 78 -9.93 -0.19 3.77
N TYR A 79 -8.98 -0.26 4.69
CA TYR A 79 -7.59 -0.39 4.32
C TYR A 79 -7.40 -1.49 3.27
N LYS A 80 -8.25 -2.50 3.37
CA LYS A 80 -8.19 -3.61 2.43
C LYS A 80 -8.80 -3.19 1.10
N GLN A 81 -9.80 -2.32 1.19
CA GLN A 81 -10.47 -1.83 0.01
C GLN A 81 -9.48 -1.14 -0.94
N GLU A 82 -8.51 -0.47 -0.33
CA GLU A 82 -7.50 0.23 -1.10
C GLU A 82 -6.37 -0.72 -1.48
N MET A 83 -5.86 -1.42 -0.48
CA MET A 83 -4.77 -2.36 -0.69
C MET A 83 -5.05 -3.23 -1.92
N GLY A 84 -6.15 -3.97 -1.85
CA GLY A 84 -6.52 -4.85 -2.95
C GLY A 84 -6.58 -4.09 -4.27
N LYS A 85 -7.15 -2.89 -4.20
CA LYS A 85 -7.27 -2.04 -5.38
C LYS A 85 -5.87 -1.66 -5.87
N LEU A 86 -5.01 -1.34 -4.91
CA LEU A 86 -3.65 -0.95 -5.23
C LEU A 86 -3.02 -2.01 -6.12
N GLU A 87 -3.43 -3.26 -5.90
CA GLU A 87 -2.92 -4.36 -6.68
C GLU A 87 -3.45 -4.31 -8.11
N THR A 88 -4.67 -3.79 -8.23
CA THR A 88 -5.31 -3.68 -9.53
C THR A 88 -4.83 -2.41 -10.25
N ASP A 89 -5.12 -1.27 -9.64
CA ASP A 89 -4.74 0.01 -10.20
C ASP A 89 -3.27 -0.05 -10.64
N PHE A 90 -2.50 -0.83 -9.89
CA PHE A 90 -1.09 -0.99 -10.18
C PHE A 90 -0.88 -1.77 -11.48
N LYS A 91 -1.61 -2.87 -11.60
CA LYS A 91 -1.52 -3.70 -12.78
C LYS A 91 -2.22 -3.00 -13.95
N ARG A 92 -3.19 -2.18 -13.61
CA ARG A 92 -3.95 -1.45 -14.61
C ARG A 92 -3.23 -0.15 -14.97
N SER A 93 -2.06 0.02 -14.38
CA SER A 93 -1.27 1.22 -14.63
C SER A 93 0.00 0.86 -15.41
N ARG A 94 0.49 -0.33 -15.14
CA ARG A 94 1.69 -0.81 -15.81
C ARG A 94 1.34 -1.46 -17.16
N ILE A 95 0.05 -1.40 -17.48
CA ILE A 95 -0.43 -1.97 -18.72
C ILE A 95 -0.77 -0.85 -19.70
N ALA A 96 -0.21 0.32 -19.41
CA ALA A 96 -0.43 1.48 -20.26
C ALA A 96 0.85 1.80 -21.04
N SER A 97 0.73 1.77 -22.36
CA SER A 97 1.87 2.06 -23.21
C SER A 97 1.42 2.88 -24.42
N GLY A 98 0.33 2.44 -25.02
CA GLY A 98 -0.21 3.12 -26.18
C GLY A 98 -1.61 2.59 -26.54
N PRO A 99 -1.91 2.59 -27.86
CA PRO A 99 -3.18 2.10 -28.34
C PRO A 99 -3.26 0.57 -28.29
N SER A 100 -4.47 0.08 -28.12
CA SER A 100 -4.68 -1.36 -28.04
C SER A 100 -6.18 -1.68 -28.20
N SER A 101 -6.44 -2.78 -28.88
CA SER A 101 -7.82 -3.21 -29.10
C SER A 101 -8.63 -2.06 -29.72
N GLY A 102 -9.26 -1.29 -28.84
CA GLY A 102 -10.06 -0.17 -29.28
C GLY A 102 -9.76 1.08 -28.43
N GLY A 1 23.66 4.64 30.21
CA GLY A 1 22.28 5.10 30.27
C GLY A 1 21.90 5.85 28.99
N SER A 2 20.65 6.27 28.94
CA SER A 2 20.15 7.00 27.78
C SER A 2 19.99 6.05 26.60
N SER A 3 18.76 5.95 26.12
CA SER A 3 18.45 5.08 25.00
C SER A 3 18.31 5.91 23.72
N GLY A 4 17.21 6.63 23.64
CA GLY A 4 16.94 7.47 22.49
C GLY A 4 15.43 7.71 22.32
N SER A 5 15.07 8.16 21.14
CA SER A 5 13.67 8.43 20.83
C SER A 5 13.16 7.46 19.76
N SER A 6 11.85 7.27 19.75
CA SER A 6 11.23 6.38 18.79
C SER A 6 9.71 6.50 18.86
N GLY A 7 9.07 6.15 17.76
CA GLY A 7 7.62 6.21 17.68
C GLY A 7 7.03 4.88 17.23
N GLU A 8 5.71 4.80 17.31
CA GLU A 8 5.01 3.59 16.90
C GLU A 8 3.76 3.94 16.10
N GLY A 9 3.45 3.07 15.15
CA GLY A 9 2.28 3.27 14.31
C GLY A 9 2.40 2.47 13.00
N TYR A 10 1.33 1.75 12.69
CA TYR A 10 1.31 0.94 11.49
C TYR A 10 0.40 1.56 10.43
N GLU A 11 -0.85 1.73 10.80
CA GLU A 11 -1.84 2.32 9.89
C GLU A 11 -1.21 3.50 9.14
N GLN A 12 -0.70 4.45 9.89
CA GLN A 12 -0.07 5.61 9.30
C GLN A 12 0.81 5.21 8.12
N ASP A 13 1.85 4.45 8.43
CA ASP A 13 2.77 3.99 7.41
C ASP A 13 1.98 3.45 6.22
N PHE A 14 1.13 2.48 6.51
CA PHE A 14 0.31 1.87 5.47
C PHE A 14 -0.44 2.93 4.67
N ALA A 15 -1.30 3.67 5.37
CA ALA A 15 -2.08 4.71 4.74
C ALA A 15 -1.18 5.56 3.85
N VAL A 16 0.04 5.79 4.35
CA VAL A 16 1.00 6.58 3.61
C VAL A 16 1.47 5.79 2.38
N LEU A 17 1.62 4.49 2.58
CA LEU A 17 2.06 3.61 1.50
C LEU A 17 1.01 3.62 0.39
N THR A 18 -0.15 3.08 0.70
CA THR A 18 -1.24 3.02 -0.26
C THR A 18 -1.34 4.34 -1.02
N ALA A 19 -0.90 5.41 -0.37
CA ALA A 19 -0.94 6.72 -0.97
C ALA A 19 0.33 6.94 -1.81
N GLU A 20 1.46 6.84 -1.13
CA GLU A 20 2.74 7.01 -1.79
C GLU A 20 2.85 6.09 -3.00
N ILE A 21 2.09 5.00 -2.95
CA ILE A 21 2.08 4.03 -4.02
C ILE A 21 1.18 4.53 -5.15
N THR A 22 -0.11 4.58 -4.86
CA THR A 22 -1.08 5.04 -5.84
C THR A 22 -0.49 6.16 -6.69
N SER A 23 0.18 7.08 -6.02
CA SER A 23 0.79 8.21 -6.71
C SER A 23 1.78 7.70 -7.76
N LYS A 24 2.74 6.92 -7.29
CA LYS A 24 3.75 6.35 -8.17
C LYS A 24 3.07 5.53 -9.27
N ILE A 25 1.91 5.00 -8.93
CA ILE A 25 1.15 4.21 -9.88
C ILE A 25 0.57 5.11 -10.96
N ALA A 26 0.28 6.34 -10.57
CA ALA A 26 -0.28 7.31 -11.49
C ALA A 26 0.84 7.85 -12.39
N ARG A 27 2.06 7.66 -11.93
CA ARG A 27 3.22 8.12 -12.68
C ARG A 27 3.74 7.00 -13.59
N VAL A 28 3.32 5.79 -13.28
CA VAL A 28 3.73 4.63 -14.06
C VAL A 28 3.45 4.89 -15.54
N PRO A 29 2.17 5.28 -15.82
CA PRO A 29 1.77 5.56 -17.19
C PRO A 29 2.32 6.91 -17.67
N ARG A 30 3.07 7.55 -16.78
CA ARG A 30 3.66 8.84 -17.10
C ARG A 30 5.18 8.77 -16.94
N LEU A 31 5.67 7.56 -16.72
CA LEU A 31 7.10 7.35 -16.54
C LEU A 31 7.66 6.63 -17.77
N PRO A 32 8.98 6.83 -18.00
CA PRO A 32 9.65 6.20 -19.14
C PRO A 32 9.88 4.71 -18.88
N PRO A 33 10.32 4.01 -19.96
CA PRO A 33 10.58 2.59 -19.86
C PRO A 33 11.89 2.31 -19.11
N ASP A 34 12.50 3.40 -18.65
CA ASP A 34 13.75 3.30 -17.92
C ASP A 34 13.46 3.33 -16.42
N GLU A 35 12.56 4.22 -16.04
CA GLU A 35 12.18 4.37 -14.65
C GLU A 35 10.94 3.52 -14.33
N LYS A 36 10.09 3.40 -15.34
CA LYS A 36 8.86 2.63 -15.19
C LYS A 36 9.21 1.21 -14.76
N LYS A 37 10.02 0.55 -15.58
CA LYS A 37 10.44 -0.82 -15.29
C LYS A 37 10.73 -0.94 -13.79
N GLN A 38 11.58 -0.05 -13.31
CA GLN A 38 11.96 -0.05 -11.91
C GLN A 38 10.76 0.35 -11.04
N MET A 39 10.07 1.39 -11.49
CA MET A 39 8.91 1.88 -10.75
C MET A 39 7.88 0.76 -10.54
N VAL A 40 7.47 0.16 -11.65
CA VAL A 40 6.50 -0.91 -11.59
C VAL A 40 6.97 -1.96 -10.58
N ALA A 41 8.27 -1.96 -10.33
CA ALA A 41 8.85 -2.90 -9.39
C ALA A 41 8.90 -2.27 -8.01
N ASN A 42 9.13 -0.97 -7.99
CA ASN A 42 9.20 -0.24 -6.73
C ASN A 42 7.87 -0.40 -5.99
N VAL A 43 6.78 -0.32 -6.74
CA VAL A 43 5.47 -0.44 -6.16
C VAL A 43 5.27 -1.87 -5.67
N GLU A 44 5.86 -2.81 -6.39
CA GLU A 44 5.76 -4.21 -6.04
C GLU A 44 6.36 -4.46 -4.65
N LYS A 45 7.36 -3.65 -4.32
CA LYS A 45 8.02 -3.76 -3.03
C LYS A 45 7.16 -3.09 -1.96
N GLN A 46 6.89 -1.81 -2.17
CA GLN A 46 6.08 -1.06 -1.23
C GLN A 46 4.73 -1.74 -1.01
N LEU A 47 4.31 -2.47 -2.03
CA LEU A 47 3.04 -3.18 -1.95
C LEU A 47 3.17 -4.35 -0.98
N GLU A 48 4.08 -5.25 -1.31
CA GLU A 48 4.32 -6.42 -0.47
C GLU A 48 4.66 -5.99 0.96
N GLU A 49 5.32 -4.84 1.05
CA GLU A 49 5.71 -4.30 2.35
C GLU A 49 4.47 -3.94 3.17
N ALA A 50 3.41 -3.57 2.46
CA ALA A 50 2.17 -3.19 3.12
C ALA A 50 1.33 -4.45 3.34
N ARG A 51 1.56 -5.45 2.49
CA ARG A 51 0.83 -6.70 2.58
C ARG A 51 0.98 -7.29 3.98
N GLU A 52 2.20 -7.22 4.50
CA GLU A 52 2.49 -7.75 5.82
C GLU A 52 1.75 -6.94 6.89
N LEU A 53 1.69 -5.63 6.65
CA LEU A 53 1.02 -4.74 7.58
C LEU A 53 -0.37 -5.29 7.89
N LEU A 54 -1.19 -5.36 6.86
CA LEU A 54 -2.55 -5.86 7.01
C LEU A 54 -2.52 -7.16 7.81
N GLU A 55 -1.45 -7.92 7.62
CA GLU A 55 -1.29 -9.18 8.31
C GLU A 55 -1.01 -8.94 9.80
N GLN A 56 0.00 -8.12 10.06
CA GLN A 56 0.37 -7.79 11.42
C GLN A 56 -0.78 -7.06 12.12
N MET A 57 -1.31 -6.06 11.43
CA MET A 57 -2.41 -5.28 11.98
C MET A 57 -3.57 -6.18 12.40
N ASP A 58 -3.88 -7.13 11.52
CA ASP A 58 -4.97 -8.06 11.79
C ASP A 58 -4.53 -9.06 12.85
N LEU A 59 -3.25 -9.39 12.83
CA LEU A 59 -2.69 -10.33 13.78
C LEU A 59 -2.55 -9.65 15.14
N GLU A 60 -2.81 -8.34 15.14
CA GLU A 60 -2.72 -7.56 16.37
C GLU A 60 -4.12 -7.20 16.87
N VAL A 61 -4.91 -6.65 15.97
CA VAL A 61 -6.26 -6.25 16.31
C VAL A 61 -6.95 -7.39 17.07
N ARG A 62 -6.47 -8.60 16.81
CA ARG A 62 -7.02 -9.78 17.47
C ARG A 62 -6.86 -9.67 18.98
N GLU A 63 -5.75 -9.06 19.38
CA GLU A 63 -5.46 -8.89 20.79
C GLU A 63 -6.22 -7.69 21.35
N ILE A 64 -6.58 -6.78 20.45
CA ILE A 64 -7.30 -5.59 20.84
C ILE A 64 -8.67 -6.00 21.41
N PRO A 65 -9.10 -5.25 22.47
CA PRO A 65 -10.37 -5.52 23.11
C PRO A 65 -11.54 -5.04 22.24
N PRO A 66 -12.75 -5.54 22.59
CA PRO A 66 -13.96 -5.17 21.85
C PRO A 66 -14.39 -3.74 22.21
N GLN A 67 -13.61 -3.11 23.06
CA GLN A 67 -13.90 -1.75 23.49
C GLN A 67 -13.02 -0.75 22.73
N SER A 68 -12.00 -1.29 22.08
CA SER A 68 -11.08 -0.46 21.31
C SER A 68 -11.04 -0.94 19.86
N ARG A 69 -11.91 -1.90 19.55
CA ARG A 69 -11.97 -2.45 18.21
C ARG A 69 -13.12 -1.80 17.43
N GLY A 70 -13.26 -0.50 17.60
CA GLY A 70 -14.30 0.25 16.92
C GLY A 70 -13.87 0.63 15.50
N MET A 71 -12.84 1.44 15.43
CA MET A 71 -12.32 1.88 14.14
C MET A 71 -11.49 0.78 13.48
N TYR A 72 -10.44 0.37 14.17
CA TYR A 72 -9.56 -0.67 13.66
C TYR A 72 -10.36 -1.71 12.88
N SER A 73 -11.57 -1.96 13.34
CA SER A 73 -12.44 -2.94 12.70
C SER A 73 -12.91 -2.41 11.34
N ASN A 74 -13.65 -1.31 11.39
CA ASN A 74 -14.16 -0.69 10.18
C ASN A 74 -12.99 -0.33 9.26
N ARG A 75 -11.92 0.15 9.88
CA ARG A 75 -10.73 0.53 9.13
C ARG A 75 -10.16 -0.68 8.40
N MET A 76 -10.04 -1.78 9.13
CA MET A 76 -9.51 -3.00 8.56
C MET A 76 -10.23 -3.37 7.27
N ARG A 77 -11.53 -3.06 7.25
CA ARG A 77 -12.34 -3.36 6.08
C ARG A 77 -12.04 -2.37 4.96
N SER A 78 -11.34 -1.29 5.33
CA SER A 78 -10.98 -0.27 4.37
C SER A 78 -9.57 -0.51 3.86
N TYR A 79 -8.64 -0.60 4.79
CA TYR A 79 -7.24 -0.84 4.45
C TYR A 79 -7.12 -1.91 3.37
N LYS A 80 -7.85 -3.00 3.56
CA LYS A 80 -7.83 -4.10 2.61
C LYS A 80 -8.32 -3.60 1.25
N GLN A 81 -9.33 -2.75 1.29
CA GLN A 81 -9.90 -2.19 0.08
C GLN A 81 -8.86 -1.30 -0.63
N GLU A 82 -8.28 -0.40 0.16
CA GLU A 82 -7.29 0.52 -0.38
C GLU A 82 -6.13 -0.26 -1.00
N MET A 83 -5.60 -1.19 -0.21
CA MET A 83 -4.49 -2.01 -0.66
C MET A 83 -4.87 -2.82 -1.91
N GLY A 84 -5.80 -3.74 -1.72
CA GLY A 84 -6.27 -4.58 -2.80
C GLY A 84 -6.48 -3.75 -4.08
N LYS A 85 -6.89 -2.51 -3.88
CA LYS A 85 -7.13 -1.61 -5.00
C LYS A 85 -5.80 -1.31 -5.70
N LEU A 86 -4.79 -1.04 -4.88
CA LEU A 86 -3.47 -0.74 -5.42
C LEU A 86 -3.05 -1.82 -6.41
N GLU A 87 -3.45 -3.05 -6.10
CA GLU A 87 -3.13 -4.17 -6.95
C GLU A 87 -3.75 -3.98 -8.34
N THR A 88 -4.82 -3.19 -8.38
CA THR A 88 -5.51 -2.92 -9.62
C THR A 88 -4.90 -1.68 -10.31
N ASP A 89 -5.00 -0.56 -9.63
CA ASP A 89 -4.47 0.69 -10.15
C ASP A 89 -3.04 0.46 -10.63
N PHE A 90 -2.36 -0.44 -9.95
CA PHE A 90 -0.98 -0.76 -10.29
C PHE A 90 -0.91 -1.49 -11.63
N LYS A 91 -1.87 -2.38 -11.84
CA LYS A 91 -1.92 -3.15 -13.06
C LYS A 91 -2.56 -2.32 -14.16
N ARG A 92 -3.49 -1.45 -13.75
CA ARG A 92 -4.19 -0.59 -14.69
C ARG A 92 -3.33 0.63 -15.02
N SER A 93 -2.11 0.61 -14.51
CA SER A 93 -1.18 1.71 -14.74
C SER A 93 -0.03 1.23 -15.63
N ARG A 94 0.48 0.05 -15.32
CA ARG A 94 1.58 -0.52 -16.07
C ARG A 94 1.08 -1.01 -17.43
N ILE A 95 -0.22 -0.90 -17.63
CA ILE A 95 -0.83 -1.32 -18.88
C ILE A 95 -0.97 -0.13 -19.81
N ALA A 96 -0.06 0.82 -19.63
CA ALA A 96 -0.06 2.02 -20.46
C ALA A 96 1.15 1.98 -21.40
N SER A 97 0.93 2.50 -22.60
CA SER A 97 1.99 2.54 -23.59
C SER A 97 1.77 3.69 -24.56
N GLY A 98 0.58 3.71 -25.15
CA GLY A 98 0.22 4.77 -26.09
C GLY A 98 -1.02 5.53 -25.62
N PRO A 99 -1.53 6.41 -26.52
CA PRO A 99 -2.70 7.20 -26.21
C PRO A 99 -3.98 6.35 -26.27
N SER A 100 -4.05 5.54 -27.32
CA SER A 100 -5.20 4.67 -27.52
C SER A 100 -5.44 3.85 -26.26
N SER A 101 -6.70 3.85 -25.81
CA SER A 101 -7.07 3.11 -24.63
C SER A 101 -8.56 3.33 -24.32
N GLY A 102 -8.90 4.59 -24.10
CA GLY A 102 -10.28 4.95 -23.79
C GLY A 102 -10.44 6.46 -23.70
#